data_3KZ7
# 
_entry.id   3KZ7 
# 
_audit_conform.dict_name       mmcif_pdbx.dic 
_audit_conform.dict_version    5.380 
_audit_conform.dict_location   http://mmcif.pdb.org/dictionaries/ascii/mmcif_pdbx.dic 
# 
loop_
_database_2.database_id 
_database_2.database_code 
_database_2.pdbx_database_accession 
_database_2.pdbx_DOI 
PDB   3KZ7         pdb_00003kz7 10.2210/pdb3kz7/pdb 
RCSB  RCSB056631   ?            ?                   
WWPDB D_1000056631 ?            ?                   
# 
_pdbx_database_related.db_name        PDB 
_pdbx_database_related.db_id          1PBK 
_pdbx_database_related.details        'Human FKBP25 rapamycin complex' 
_pdbx_database_related.content_type   unspecified 
# 
_pdbx_database_status.status_code                     REL 
_pdbx_database_status.entry_id                        3KZ7 
_pdbx_database_status.recvd_initial_deposition_date   2009-12-08 
_pdbx_database_status.deposit_site                    RCSB 
_pdbx_database_status.process_site                    PDBJ 
_pdbx_database_status.status_code_sf                  REL 
_pdbx_database_status.status_code_mr                  ? 
_pdbx_database_status.SG_entry                        ? 
_pdbx_database_status.status_code_cs                  ? 
_pdbx_database_status.pdb_format_compatible           Y 
_pdbx_database_status.status_code_nmr_data            ? 
_pdbx_database_status.methods_development_category    ? 
# 
loop_
_audit_author.name 
_audit_author.pdbx_ordinal 
'Stura, E.A.' 1 
'Galat, A.'   2 
# 
_citation.id                        primary 
_citation.title                     'Diversified targets of FKBP25 and its complex with rapamycin.' 
_citation.journal_abbrev            Int.J.Biol.Macromol. 
_citation.journal_volume            69 
_citation.page_first                344 
_citation.page_last                 352 
_citation.year                      2014 
_citation.journal_id_ASTM           IJBMDR 
_citation.country                   UK 
_citation.journal_id_ISSN           0141-8130 
_citation.journal_id_CSD            0708 
_citation.book_publisher            ? 
_citation.pdbx_database_id_PubMed   24879919 
_citation.pdbx_database_id_DOI      10.1016/j.ijbiomac.2014.05.060 
# 
loop_
_citation_author.citation_id 
_citation_author.name 
_citation_author.ordinal 
_citation_author.identifier_ORCID 
primary 'Galat, A.'   1 ? 
primary 'Thai, R.'    2 ? 
primary 'Stura, E.A.' 3 ? 
# 
_cell.entry_id           3KZ7 
_cell.length_a           85.649 
_cell.length_b           85.649 
_cell.length_c           53.090 
_cell.angle_alpha        90.00 
_cell.angle_beta         90.00 
_cell.angle_gamma        90.00 
_cell.Z_PDB              8 
_cell.pdbx_unique_axis   ? 
_cell.length_a_esd       ? 
_cell.length_b_esd       ? 
_cell.length_c_esd       ? 
_cell.angle_alpha_esd    ? 
_cell.angle_beta_esd     ? 
_cell.angle_gamma_esd    ? 
# 
_symmetry.entry_id                         3KZ7 
_symmetry.space_group_name_H-M             'P 41 21 2' 
_symmetry.pdbx_full_space_group_name_H-M   ? 
_symmetry.cell_setting                     ? 
_symmetry.Int_Tables_number                92 
_symmetry.space_group_name_Hall            ? 
# 
loop_
_entity.id 
_entity.type 
_entity.src_method 
_entity.pdbx_description 
_entity.formula_weight 
_entity.pdbx_number_of_molecules 
_entity.pdbx_ec 
_entity.pdbx_mutation 
_entity.pdbx_fragment 
_entity.details 
1 polymer     man 'FK506-binding protein 3'          13284.337 1   5.2.1.8 ? 'FK506-like binding domain (UNP residues 106-224)' ? 
2 non-polymer syn 'RAPAMYCIN IMMUNOSUPPRESSANT DRUG' 914.172   1   ?       ? ?                                                  ? 
3 water       nat water                              18.015    171 ?       ? ?                                                  ? 
# 
_entity_name_com.entity_id   1 
_entity_name_com.name        
'Peptidyl-prolyl cis-trans isomerase, PPIase, Rotamase, 25 kDa FKBP, FKBP-25, Rapamycin-selective 25 kDa immunophilin' 
# 
_entity_poly.entity_id                      1 
_entity_poly.type                           'polypeptide(L)' 
_entity_poly.nstd_linkage                   no 
_entity_poly.nstd_monomer                   no 
_entity_poly.pdbx_seq_one_letter_code       
;EGPPKYTKSILKKGDKTNFPKKGDVVHCWYTGTLPDGTVFDTNIQTSSKKKKNAKPLSFKVGVGKVIRGWDEALLTMSKG
EKARLEIEPEWAYGKKGQPDAKIPPNTKLIFEVELVDID
;
_entity_poly.pdbx_seq_one_letter_code_can   
;EGPPKYTKSILKKGDKTNFPKKGDVVHCWYTGTLPDGTVFDTNIQTSSKKKKNAKPLSFKVGVGKVIRGWDEALLTMSKG
EKARLEIEPEWAYGKKGQPDAKIPPNTKLIFEVELVDID
;
_entity_poly.pdbx_strand_id                 A 
_entity_poly.pdbx_target_identifier         ? 
# 
loop_
_entity_poly_seq.entity_id 
_entity_poly_seq.num 
_entity_poly_seq.mon_id 
_entity_poly_seq.hetero 
1 1   GLU n 
1 2   GLY n 
1 3   PRO n 
1 4   PRO n 
1 5   LYS n 
1 6   TYR n 
1 7   THR n 
1 8   LYS n 
1 9   SER n 
1 10  ILE n 
1 11  LEU n 
1 12  LYS n 
1 13  LYS n 
1 14  GLY n 
1 15  ASP n 
1 16  LYS n 
1 17  THR n 
1 18  ASN n 
1 19  PHE n 
1 20  PRO n 
1 21  LYS n 
1 22  LYS n 
1 23  GLY n 
1 24  ASP n 
1 25  VAL n 
1 26  VAL n 
1 27  HIS n 
1 28  CYS n 
1 29  TRP n 
1 30  TYR n 
1 31  THR n 
1 32  GLY n 
1 33  THR n 
1 34  LEU n 
1 35  PRO n 
1 36  ASP n 
1 37  GLY n 
1 38  THR n 
1 39  VAL n 
1 40  PHE n 
1 41  ASP n 
1 42  THR n 
1 43  ASN n 
1 44  ILE n 
1 45  GLN n 
1 46  THR n 
1 47  SER n 
1 48  SER n 
1 49  LYS n 
1 50  LYS n 
1 51  LYS n 
1 52  LYS n 
1 53  ASN n 
1 54  ALA n 
1 55  LYS n 
1 56  PRO n 
1 57  LEU n 
1 58  SER n 
1 59  PHE n 
1 60  LYS n 
1 61  VAL n 
1 62  GLY n 
1 63  VAL n 
1 64  GLY n 
1 65  LYS n 
1 66  VAL n 
1 67  ILE n 
1 68  ARG n 
1 69  GLY n 
1 70  TRP n 
1 71  ASP n 
1 72  GLU n 
1 73  ALA n 
1 74  LEU n 
1 75  LEU n 
1 76  THR n 
1 77  MET n 
1 78  SER n 
1 79  LYS n 
1 80  GLY n 
1 81  GLU n 
1 82  LYS n 
1 83  ALA n 
1 84  ARG n 
1 85  LEU n 
1 86  GLU n 
1 87  ILE n 
1 88  GLU n 
1 89  PRO n 
1 90  GLU n 
1 91  TRP n 
1 92  ALA n 
1 93  TYR n 
1 94  GLY n 
1 95  LYS n 
1 96  LYS n 
1 97  GLY n 
1 98  GLN n 
1 99  PRO n 
1 100 ASP n 
1 101 ALA n 
1 102 LYS n 
1 103 ILE n 
1 104 PRO n 
1 105 PRO n 
1 106 ASN n 
1 107 THR n 
1 108 LYS n 
1 109 LEU n 
1 110 ILE n 
1 111 PHE n 
1 112 GLU n 
1 113 VAL n 
1 114 GLU n 
1 115 LEU n 
1 116 VAL n 
1 117 ASP n 
1 118 ILE n 
1 119 ASP n 
# 
_entity_src_gen.entity_id                          1 
_entity_src_gen.pdbx_src_id                        1 
_entity_src_gen.pdbx_alt_source_flag               sample 
_entity_src_gen.pdbx_seq_type                      ? 
_entity_src_gen.pdbx_beg_seq_num                   ? 
_entity_src_gen.pdbx_end_seq_num                   ? 
_entity_src_gen.gene_src_common_name               mouse 
_entity_src_gen.gene_src_genus                     ? 
_entity_src_gen.pdbx_gene_src_gene                 'Fkbp25, Fkbp3' 
_entity_src_gen.gene_src_species                   ? 
_entity_src_gen.gene_src_strain                    ? 
_entity_src_gen.gene_src_tissue                    ? 
_entity_src_gen.gene_src_tissue_fraction           ? 
_entity_src_gen.gene_src_details                   ? 
_entity_src_gen.pdbx_gene_src_fragment             ? 
_entity_src_gen.pdbx_gene_src_scientific_name      'Mus musculus' 
_entity_src_gen.pdbx_gene_src_ncbi_taxonomy_id     10090 
_entity_src_gen.pdbx_gene_src_variant              ? 
_entity_src_gen.pdbx_gene_src_cell_line            ? 
_entity_src_gen.pdbx_gene_src_atcc                 ? 
_entity_src_gen.pdbx_gene_src_organ                ? 
_entity_src_gen.pdbx_gene_src_organelle            ? 
_entity_src_gen.pdbx_gene_src_cell                 ? 
_entity_src_gen.pdbx_gene_src_cellular_location    ? 
_entity_src_gen.host_org_common_name               ? 
_entity_src_gen.pdbx_host_org_scientific_name      'Escherichia coli' 
_entity_src_gen.pdbx_host_org_ncbi_taxonomy_id     562 
_entity_src_gen.host_org_genus                     ? 
_entity_src_gen.pdbx_host_org_gene                 ? 
_entity_src_gen.pdbx_host_org_organ                ? 
_entity_src_gen.host_org_species                   ? 
_entity_src_gen.pdbx_host_org_tissue               ? 
_entity_src_gen.pdbx_host_org_tissue_fraction      ? 
_entity_src_gen.pdbx_host_org_strain               ? 
_entity_src_gen.pdbx_host_org_variant              ? 
_entity_src_gen.pdbx_host_org_cell_line            ? 
_entity_src_gen.pdbx_host_org_atcc                 ? 
_entity_src_gen.pdbx_host_org_culture_collection   ? 
_entity_src_gen.pdbx_host_org_cell                 ? 
_entity_src_gen.pdbx_host_org_organelle            ? 
_entity_src_gen.pdbx_host_org_cellular_location    ? 
_entity_src_gen.pdbx_host_org_vector_type          plasmid 
_entity_src_gen.pdbx_host_org_vector               ? 
_entity_src_gen.host_org_details                   ? 
_entity_src_gen.expression_system_id               ? 
_entity_src_gen.plasmid_name                       pGEX-6P-2 
_entity_src_gen.plasmid_details                    ? 
_entity_src_gen.pdbx_description                   ? 
# 
_struct_ref.id                         1 
_struct_ref.db_name                    UNP 
_struct_ref.db_code                    FKBP3_MOUSE 
_struct_ref.pdbx_db_accession          Q62446 
_struct_ref.entity_id                  1 
_struct_ref.pdbx_seq_one_letter_code   
;EGPPKYTKSILKKGDKTNFPKKGDVVHCWYTGTLPDGTVFDTNIQTSSKKKKNAKPLSFKVGVGKVIRGWDEALLTMSKG
EKARLEIEPEWAYGKKGQPDAKIPPNTKLIFEVELVDID
;
_struct_ref.pdbx_align_begin           106 
_struct_ref.pdbx_db_isoform            ? 
# 
_struct_ref_seq.align_id                      1 
_struct_ref_seq.ref_id                        1 
_struct_ref_seq.pdbx_PDB_id_code              3KZ7 
_struct_ref_seq.pdbx_strand_id                A 
_struct_ref_seq.seq_align_beg                 1 
_struct_ref_seq.pdbx_seq_align_beg_ins_code   ? 
_struct_ref_seq.seq_align_end                 119 
_struct_ref_seq.pdbx_seq_align_end_ins_code   ? 
_struct_ref_seq.pdbx_db_accession             Q62446 
_struct_ref_seq.db_align_beg                  106 
_struct_ref_seq.pdbx_db_align_beg_ins_code    ? 
_struct_ref_seq.db_align_end                  224 
_struct_ref_seq.pdbx_db_align_end_ins_code    ? 
_struct_ref_seq.pdbx_auth_seq_align_beg       106 
_struct_ref_seq.pdbx_auth_seq_align_end       224 
# 
loop_
_chem_comp.id 
_chem_comp.type 
_chem_comp.mon_nstd_flag 
_chem_comp.name 
_chem_comp.pdbx_synonyms 
_chem_comp.formula 
_chem_comp.formula_weight 
ALA 'L-peptide linking' y ALANINE                            ? 'C3 H7 N O2'     89.093  
ARG 'L-peptide linking' y ARGININE                           ? 'C6 H15 N4 O2 1' 175.209 
ASN 'L-peptide linking' y ASPARAGINE                         ? 'C4 H8 N2 O3'    132.118 
ASP 'L-peptide linking' y 'ASPARTIC ACID'                    ? 'C4 H7 N O4'     133.103 
CYS 'L-peptide linking' y CYSTEINE                           ? 'C3 H7 N O2 S'   121.158 
GLN 'L-peptide linking' y GLUTAMINE                          ? 'C5 H10 N2 O3'   146.144 
GLU 'L-peptide linking' y 'GLUTAMIC ACID'                    ? 'C5 H9 N O4'     147.129 
GLY 'peptide linking'   y GLYCINE                            ? 'C2 H5 N O2'     75.067  
HIS 'L-peptide linking' y HISTIDINE                          ? 'C6 H10 N3 O2 1' 156.162 
HOH non-polymer         . WATER                              ? 'H2 O'           18.015  
ILE 'L-peptide linking' y ISOLEUCINE                         ? 'C6 H13 N O2'    131.173 
LEU 'L-peptide linking' y LEUCINE                            ? 'C6 H13 N O2'    131.173 
LYS 'L-peptide linking' y LYSINE                             ? 'C6 H15 N2 O2 1' 147.195 
MET 'L-peptide linking' y METHIONINE                         ? 'C5 H11 N O2 S'  149.211 
PHE 'L-peptide linking' y PHENYLALANINE                      ? 'C9 H11 N O2'    165.189 
PRO 'L-peptide linking' y PROLINE                            ? 'C5 H9 N O2'     115.130 
RAP non-polymer         . 'RAPAMYCIN IMMUNOSUPPRESSANT DRUG' ? 'C51 H79 N O13'  914.172 
SER 'L-peptide linking' y SERINE                             ? 'C3 H7 N O3'     105.093 
THR 'L-peptide linking' y THREONINE                          ? 'C4 H9 N O3'     119.119 
TRP 'L-peptide linking' y TRYPTOPHAN                         ? 'C11 H12 N2 O2'  204.225 
TYR 'L-peptide linking' y TYROSINE                           ? 'C9 H11 N O3'    181.189 
VAL 'L-peptide linking' y VALINE                             ? 'C5 H11 N O2'    117.146 
# 
_exptl.entry_id          3KZ7 
_exptl.method            'X-RAY DIFFRACTION' 
_exptl.crystals_number   1 
# 
_exptl_crystal.id                    1 
_exptl_crystal.density_meas          ? 
_exptl_crystal.density_Matthews      3.66 
_exptl_crystal.density_percent_sol   66.44 
_exptl_crystal.description           ? 
_exptl_crystal.F_000                 ? 
_exptl_crystal.preparation           ? 
# 
_exptl_crystal_grow.crystal_id      1 
_exptl_crystal_grow.method          'VAPOR DIFFUSION, SITTING DROP' 
_exptl_crystal_grow.temp            293 
_exptl_crystal_grow.temp_details    ? 
_exptl_crystal_grow.pH              5 
_exptl_crystal_grow.pdbx_details    
'2.4M ammonium sulfate, 120mM Na citrate, pH 5, VAPOR DIFFUSION, SITTING DROP, temperature 293K' 
_exptl_crystal_grow.pdbx_pH_range   ? 
# 
_diffrn.id                     1 
_diffrn.ambient_temp           100 
_diffrn.ambient_temp_details   ? 
_diffrn.crystal_id             1 
# 
_diffrn_detector.diffrn_id              1 
_diffrn_detector.detector               CCD 
_diffrn_detector.type                   'ADSC QUANTUM 4' 
_diffrn_detector.pdbx_collection_date   2005-04-29 
_diffrn_detector.details                'Horizontally bent Ge(220)' 
# 
_diffrn_radiation.diffrn_id                        1 
_diffrn_radiation.wavelength_id                    1 
_diffrn_radiation.pdbx_monochromatic_or_laue_m_l   M 
_diffrn_radiation.monochromator                    'Diamond (111)' 
_diffrn_radiation.pdbx_diffrn_protocol             'SINGLE WAVELENGTH' 
_diffrn_radiation.pdbx_scattering_type             x-ray 
# 
_diffrn_radiation_wavelength.id           1 
_diffrn_radiation_wavelength.wavelength   0.934 
_diffrn_radiation_wavelength.wt           1.0 
# 
_diffrn_source.diffrn_id                   1 
_diffrn_source.source                      SYNCHROTRON 
_diffrn_source.type                        'ESRF BEAMLINE ID14-1' 
_diffrn_source.pdbx_synchrotron_site       ESRF 
_diffrn_source.pdbx_synchrotron_beamline   ID14-1 
_diffrn_source.pdbx_wavelength             ? 
_diffrn_source.pdbx_wavelength_list        0.934 
# 
_reflns.entry_id                     3KZ7 
_reflns.observed_criterion_sigma_I   1.2 
_reflns.observed_criterion_sigma_F   5.26 
_reflns.d_resolution_low             68 
_reflns.d_resolution_high            1.68 
_reflns.number_obs                   23011 
_reflns.number_all                   23057 
_reflns.percent_possible_obs         99.8 
_reflns.pdbx_Rmerge_I_obs            0.068 
_reflns.pdbx_Rsym_value              0.068 
_reflns.pdbx_netI_over_sigmaI        6.5 
_reflns.B_iso_Wilson_estimate        25.6 
_reflns.pdbx_redundancy              14 
_reflns.R_free_details               ? 
_reflns.limit_h_max                  ? 
_reflns.limit_h_min                  ? 
_reflns.limit_k_max                  ? 
_reflns.limit_k_min                  ? 
_reflns.limit_l_max                  ? 
_reflns.limit_l_min                  ? 
_reflns.observed_criterion_F_max     ? 
_reflns.observed_criterion_F_min     ? 
_reflns.pdbx_chi_squared             ? 
_reflns.pdbx_scaling_rejects         ? 
_reflns.pdbx_ordinal                 1 
_reflns.pdbx_diffrn_id               1 
# 
_reflns_shell.d_res_high             1.88 
_reflns_shell.d_res_low              1.88 
_reflns_shell.percent_possible_all   100 
_reflns_shell.Rmerge_I_obs           0.12 
_reflns_shell.pdbx_Rsym_value        0.12 
_reflns_shell.meanI_over_sigI_obs    12.8 
_reflns_shell.pdbx_redundancy        14 
_reflns_shell.percent_possible_obs   ? 
_reflns_shell.number_unique_all      ? 
_reflns_shell.number_measured_all    ? 
_reflns_shell.number_measured_obs    ? 
_reflns_shell.number_unique_obs      ? 
_reflns_shell.pdbx_chi_squared       ? 
_reflns_shell.pdbx_ordinal           1 
_reflns_shell.pdbx_diffrn_id         1 
# 
_refine.entry_id                                 3KZ7 
_refine.ls_number_reflns_obs                     14836 
_refine.ls_number_reflns_all                     ? 
_refine.pdbx_ls_sigma_I                          0 
_refine.pdbx_ls_sigma_F                          1.93 
_refine.pdbx_data_cutoff_high_absF               ? 
_refine.pdbx_data_cutoff_low_absF                ? 
_refine.pdbx_data_cutoff_high_rms_absF           ? 
_refine.ls_d_res_low                             38.303 
_refine.ls_d_res_high                            1.950 
_refine.ls_percent_reflns_obs                    99.53 
_refine.ls_R_factor_obs                          0.1773 
_refine.ls_R_factor_all                          0.1773 
_refine.ls_R_factor_R_work                       0.1750 
_refine.ls_R_factor_R_free                       0.2217 
_refine.ls_R_factor_R_free_error                 ? 
_refine.ls_R_factor_R_free_error_details         ? 
_refine.ls_percent_reflns_R_free                 4.99 
_refine.ls_number_reflns_R_free                  740 
_refine.ls_number_parameters                     ? 
_refine.ls_number_restraints                     ? 
_refine.occupancy_min                            ? 
_refine.occupancy_max                            ? 
_refine.correlation_coeff_Fo_to_Fc               ? 
_refine.correlation_coeff_Fo_to_Fc_free          ? 
_refine.B_iso_mean                               ? 
_refine.aniso_B[1][1]                            -0.9916 
_refine.aniso_B[2][2]                            -0.9916 
_refine.aniso_B[3][3]                            1.9832 
_refine.aniso_B[1][2]                            0.0000 
_refine.aniso_B[1][3]                            0.0000 
_refine.aniso_B[2][3]                            0.0000 
_refine.solvent_model_details                    'FLAT BULK SOLVENT MODEL' 
_refine.solvent_model_param_ksol                 0.370 
_refine.solvent_model_param_bsol                 64.656 
_refine.pdbx_solvent_vdw_probe_radii             1.11 
_refine.pdbx_solvent_ion_probe_radii             ? 
_refine.pdbx_solvent_shrinkage_radii             0.90 
_refine.pdbx_ls_cross_valid_method               THROUGHOUT 
_refine.details                                  ? 
_refine.pdbx_starting_model                      1PBK 
_refine.pdbx_method_to_determine_struct          'MOLECULAR REPLACEMENT' 
_refine.pdbx_isotropic_thermal_model             ? 
_refine.pdbx_stereochemistry_target_values       ML 
_refine.pdbx_stereochem_target_val_spec_case     ? 
_refine.pdbx_R_Free_selection_details            RANDOM 
_refine.pdbx_overall_ESU_R_Free                  ? 
_refine.overall_SU_ML                            0.07 
_refine.overall_SU_B                             ? 
_refine.ls_redundancy_reflns_obs                 ? 
_refine.B_iso_min                                ? 
_refine.B_iso_max                                ? 
_refine.overall_SU_R_Cruickshank_DPI             ? 
_refine.overall_SU_R_free                        ? 
_refine.ls_wR_factor_R_free                      ? 
_refine.ls_wR_factor_R_work                      ? 
_refine.overall_FOM_free_R_set                   ? 
_refine.overall_FOM_work_R_set                   ? 
_refine.pdbx_overall_phase_error                 ? 
_refine.pdbx_refine_id                           'X-RAY DIFFRACTION' 
_refine.pdbx_overall_ESU_R                       ? 
_refine.pdbx_diffrn_id                           1 
_refine.pdbx_TLS_residual_ADP_flag               ? 
_refine.pdbx_overall_SU_R_free_Cruickshank_DPI   ? 
_refine.pdbx_overall_SU_R_Blow_DPI               ? 
_refine.pdbx_overall_SU_R_free_Blow_DPI          ? 
# 
_refine_hist.pdbx_refine_id                   'X-RAY DIFFRACTION' 
_refine_hist.cycle_id                         LAST 
_refine_hist.pdbx_number_atoms_protein        936 
_refine_hist.pdbx_number_atoms_nucleic_acid   0 
_refine_hist.pdbx_number_atoms_ligand         65 
_refine_hist.number_atoms_solvent             171 
_refine_hist.number_atoms_total               1172 
_refine_hist.d_res_high                       1.950 
_refine_hist.d_res_low                        38.303 
# 
loop_
_refine_ls_restr.type 
_refine_ls_restr.dev_ideal 
_refine_ls_restr.dev_ideal_target 
_refine_ls_restr.weight 
_refine_ls_restr.number 
_refine_ls_restr.pdbx_refine_id 
_refine_ls_restr.pdbx_restraint_function 
f_bond_d           0.006  ? ? 1057 'X-RAY DIFFRACTION' ? 
f_angle_d          1.075  ? ? 1439 'X-RAY DIFFRACTION' ? 
f_dihedral_angle_d 16.972 ? ? 430  'X-RAY DIFFRACTION' ? 
f_chiral_restr     0.073  ? ? 162  'X-RAY DIFFRACTION' ? 
f_plane_restr      0.004  ? ? 180  'X-RAY DIFFRACTION' ? 
# 
loop_
_refine_ls_shell.pdbx_total_number_of_bins_used 
_refine_ls_shell.d_res_high 
_refine_ls_shell.d_res_low 
_refine_ls_shell.number_reflns_R_work 
_refine_ls_shell.R_factor_R_work 
_refine_ls_shell.percent_reflns_obs 
_refine_ls_shell.R_factor_R_free 
_refine_ls_shell.R_factor_R_free_error 
_refine_ls_shell.percent_reflns_R_free 
_refine_ls_shell.number_reflns_R_free 
_refine_ls_shell.number_reflns_all 
_refine_ls_shell.R_factor_all 
_refine_ls_shell.number_reflns_obs 
_refine_ls_shell.redundancy_reflns_obs 
_refine_ls_shell.pdbx_refine_id 
5 1.9501 2.1006  2755 0.1845 100.00 0.2191 . . 161 . . . . 'X-RAY DIFFRACTION' 
5 2.1006 2.3120  2774 0.1763 100.00 0.2455 . . 149 . . . . 'X-RAY DIFFRACTION' 
5 2.3120 2.6465  2810 0.1903 100.00 0.2660 . . 138 . . . . 'X-RAY DIFFRACTION' 
5 2.6465 3.3340  2832 0.1770 100.00 0.2298 . . 146 . . . . 'X-RAY DIFFRACTION' 
5 3.3340 38.3106 2925 0.1653 98.00  0.1920 . . 146 . . . . 'X-RAY DIFFRACTION' 
# 
_struct.entry_id                  3KZ7 
_struct.title                     'C-terminal domain of Murine FKBP25 rapamycin complex' 
_struct.pdbx_model_details        ? 
_struct.pdbx_CASP_flag            ? 
_struct.pdbx_model_type_details   ? 
# 
_struct_keywords.entry_id        3KZ7 
_struct_keywords.pdbx_keywords   ISOMERASE/INHIBITOR 
_struct_keywords.text            'FKPB PPiase RAPAMYCIN, Isomerase, Nucleus, Phosphoprotein, Rotamase, ISOMERASE-INHIBITOR complex' 
# 
loop_
_struct_asym.id 
_struct_asym.pdbx_blank_PDB_chainid_flag 
_struct_asym.pdbx_modified 
_struct_asym.entity_id 
_struct_asym.details 
A N N 1 ? 
B N N 2 ? 
C N N 3 ? 
# 
_struct_biol.id        1 
_struct_biol.details   ? 
# 
loop_
_struct_conf.conf_type_id 
_struct_conf.id 
_struct_conf.pdbx_PDB_helix_id 
_struct_conf.beg_label_comp_id 
_struct_conf.beg_label_asym_id 
_struct_conf.beg_label_seq_id 
_struct_conf.pdbx_beg_PDB_ins_code 
_struct_conf.end_label_comp_id 
_struct_conf.end_label_asym_id 
_struct_conf.end_label_seq_id 
_struct_conf.pdbx_end_PDB_ins_code 
_struct_conf.beg_auth_comp_id 
_struct_conf.beg_auth_asym_id 
_struct_conf.beg_auth_seq_id 
_struct_conf.end_auth_comp_id 
_struct_conf.end_auth_asym_id 
_struct_conf.end_auth_seq_id 
_struct_conf.pdbx_PDB_helix_class 
_struct_conf.details 
_struct_conf.pdbx_PDB_helix_length 
HELX_P HELX_P1 1 ILE A 67 ? LEU A 75  ? ILE A 172 LEU A 180 1 ? 9 
HELX_P HELX_P2 2 PRO A 89 ? ALA A 92  ? PRO A 194 ALA A 197 5 ? 4 
HELX_P HELX_P3 3 GLN A 98 ? LYS A 102 ? GLN A 203 LYS A 207 5 ? 5 
# 
_struct_conf_type.id          HELX_P 
_struct_conf_type.criteria    ? 
_struct_conf_type.reference   ? 
# 
_struct_mon_prot_cis.pdbx_id                1 
_struct_mon_prot_cis.label_comp_id          GLY 
_struct_mon_prot_cis.label_seq_id           2 
_struct_mon_prot_cis.label_asym_id          A 
_struct_mon_prot_cis.label_alt_id           . 
_struct_mon_prot_cis.pdbx_PDB_ins_code      ? 
_struct_mon_prot_cis.auth_comp_id           GLY 
_struct_mon_prot_cis.auth_seq_id            107 
_struct_mon_prot_cis.auth_asym_id           A 
_struct_mon_prot_cis.pdbx_label_comp_id_2   PRO 
_struct_mon_prot_cis.pdbx_label_seq_id_2    3 
_struct_mon_prot_cis.pdbx_label_asym_id_2   A 
_struct_mon_prot_cis.pdbx_PDB_ins_code_2    ? 
_struct_mon_prot_cis.pdbx_auth_comp_id_2    PRO 
_struct_mon_prot_cis.pdbx_auth_seq_id_2     108 
_struct_mon_prot_cis.pdbx_auth_asym_id_2    A 
_struct_mon_prot_cis.pdbx_PDB_model_num     1 
_struct_mon_prot_cis.pdbx_omega_angle       0.60 
# 
loop_
_struct_sheet.id 
_struct_sheet.type 
_struct_sheet.number_strands 
_struct_sheet.details 
A ? 5 ? 
B ? 5 ? 
# 
loop_
_struct_sheet_order.sheet_id 
_struct_sheet_order.range_id_1 
_struct_sheet_order.range_id_2 
_struct_sheet_order.offset 
_struct_sheet_order.sense 
A 1 2 ? anti-parallel 
A 2 3 ? anti-parallel 
A 3 4 ? anti-parallel 
A 4 5 ? anti-parallel 
B 1 2 ? anti-parallel 
B 2 3 ? anti-parallel 
B 3 4 ? anti-parallel 
B 4 5 ? anti-parallel 
# 
loop_
_struct_sheet_range.sheet_id 
_struct_sheet_range.id 
_struct_sheet_range.beg_label_comp_id 
_struct_sheet_range.beg_label_asym_id 
_struct_sheet_range.beg_label_seq_id 
_struct_sheet_range.pdbx_beg_PDB_ins_code 
_struct_sheet_range.end_label_comp_id 
_struct_sheet_range.end_label_asym_id 
_struct_sheet_range.end_label_seq_id 
_struct_sheet_range.pdbx_end_PDB_ins_code 
_struct_sheet_range.beg_auth_comp_id 
_struct_sheet_range.beg_auth_asym_id 
_struct_sheet_range.beg_auth_seq_id 
_struct_sheet_range.end_auth_comp_id 
_struct_sheet_range.end_auth_asym_id 
_struct_sheet_range.end_auth_seq_id 
A 1 TYR A 6   ? LYS A 12  ? TYR A 111 LYS A 117 
A 2 LYS A 82  ? ILE A 87  ? LYS A 187 ILE A 192 
A 3 LEU A 109 ? ASP A 119 ? LEU A 214 ASP A 224 
A 4 VAL A 25  ? THR A 33  ? VAL A 130 THR A 138 
A 5 VAL A 39  ? THR A 42  ? VAL A 144 THR A 147 
B 1 TYR A 6   ? LYS A 12  ? TYR A 111 LYS A 117 
B 2 LYS A 82  ? ILE A 87  ? LYS A 187 ILE A 192 
B 3 LEU A 109 ? ASP A 119 ? LEU A 214 ASP A 224 
B 4 VAL A 25  ? THR A 33  ? VAL A 130 THR A 138 
B 5 LEU A 57  ? LYS A 60  ? LEU A 162 LYS A 165 
# 
loop_
_pdbx_struct_sheet_hbond.sheet_id 
_pdbx_struct_sheet_hbond.range_id_1 
_pdbx_struct_sheet_hbond.range_id_2 
_pdbx_struct_sheet_hbond.range_1_label_atom_id 
_pdbx_struct_sheet_hbond.range_1_label_comp_id 
_pdbx_struct_sheet_hbond.range_1_label_asym_id 
_pdbx_struct_sheet_hbond.range_1_label_seq_id 
_pdbx_struct_sheet_hbond.range_1_PDB_ins_code 
_pdbx_struct_sheet_hbond.range_1_auth_atom_id 
_pdbx_struct_sheet_hbond.range_1_auth_comp_id 
_pdbx_struct_sheet_hbond.range_1_auth_asym_id 
_pdbx_struct_sheet_hbond.range_1_auth_seq_id 
_pdbx_struct_sheet_hbond.range_2_label_atom_id 
_pdbx_struct_sheet_hbond.range_2_label_comp_id 
_pdbx_struct_sheet_hbond.range_2_label_asym_id 
_pdbx_struct_sheet_hbond.range_2_label_seq_id 
_pdbx_struct_sheet_hbond.range_2_PDB_ins_code 
_pdbx_struct_sheet_hbond.range_2_auth_atom_id 
_pdbx_struct_sheet_hbond.range_2_auth_comp_id 
_pdbx_struct_sheet_hbond.range_2_auth_asym_id 
_pdbx_struct_sheet_hbond.range_2_auth_seq_id 
A 1 2 N SER A 9   ? N SER A 114 O ARG A 84  ? O ARG A 189 
A 2 3 N LEU A 85  ? N LEU A 190 O PHE A 111 ? O PHE A 216 
A 3 4 O ILE A 110 ? O ILE A 215 N THR A 33  ? N THR A 138 
A 4 5 N GLY A 32  ? N GLY A 137 O ASP A 41  ? O ASP A 146 
B 1 2 N SER A 9   ? N SER A 114 O ARG A 84  ? O ARG A 189 
B 2 3 N LEU A 85  ? N LEU A 190 O PHE A 111 ? O PHE A 216 
B 3 4 O ILE A 110 ? O ILE A 215 N THR A 33  ? N THR A 138 
B 4 5 N VAL A 26  ? N VAL A 131 O PHE A 59  ? O PHE A 164 
# 
_struct_site.id                   AC1 
_struct_site.pdbx_evidence_code   Software 
_struct_site.pdbx_auth_asym_id    A 
_struct_site.pdbx_auth_comp_id    RAP 
_struct_site.pdbx_auth_seq_id     225 
_struct_site.pdbx_auth_ins_code   ? 
_struct_site.pdbx_num_residues    15 
_struct_site.details              'BINDING SITE FOR RESIDUE RAP A 225' 
# 
loop_
_struct_site_gen.id 
_struct_site_gen.site_id 
_struct_site_gen.pdbx_num_res 
_struct_site_gen.label_comp_id 
_struct_site_gen.label_asym_id 
_struct_site_gen.label_seq_id 
_struct_site_gen.pdbx_auth_ins_code 
_struct_site_gen.auth_comp_id 
_struct_site_gen.auth_asym_id 
_struct_site_gen.auth_seq_id 
_struct_site_gen.label_atom_id 
_struct_site_gen.label_alt_id 
_struct_site_gen.symmetry 
_struct_site_gen.details 
1  AC1 15 HOH C .   ? HOH A 31  . ? 1_555 ? 
2  AC1 15 HOH C .   ? HOH A 96  . ? 1_555 ? 
3  AC1 15 TYR A 30  ? TYR A 135 . ? 1_555 ? 
4  AC1 15 PHE A 40  ? PHE A 145 . ? 1_555 ? 
5  AC1 15 ASP A 41  ? ASP A 146 . ? 1_555 ? 
6  AC1 15 LEU A 57  ? LEU A 162 . ? 1_555 ? 
7  AC1 15 GLY A 64  ? GLY A 169 . ? 1_555 ? 
8  AC1 15 LYS A 65  ? LYS A 170 . ? 1_555 ? 
9  AC1 15 VAL A 66  ? VAL A 171 . ? 1_555 ? 
10 AC1 15 ILE A 67  ? ILE A 172 . ? 1_555 ? 
11 AC1 15 TRP A 70  ? TRP A 175 . ? 1_555 ? 
12 AC1 15 TYR A 93  ? TYR A 198 . ? 1_555 ? 
13 AC1 15 GLN A 98  ? GLN A 203 . ? 7_556 ? 
14 AC1 15 PHE A 111 ? PHE A 216 . ? 1_555 ? 
15 AC1 15 HOH C .   ? HOH A 244 . ? 1_555 ? 
# 
_atom_sites.entry_id                    3KZ7 
_atom_sites.fract_transf_matrix[1][1]   -0.00578263 
_atom_sites.fract_transf_matrix[1][2]   -0.00748892 
_atom_sites.fract_transf_matrix[1][3]   -0.00684151 
_atom_sites.fract_transf_matrix[2][1]   -0.00257404 
_atom_sites.fract_transf_matrix[2][2]   -0.00653399 
_atom_sites.fract_transf_matrix[2][3]   0.00932793 
_atom_sites.fract_transf_matrix[3][1]   -0.01582806 
_atom_sites.fract_transf_matrix[3][2]   0.00988580 
_atom_sites.fract_transf_matrix[3][3]   0.00255701 
_atom_sites.fract_transf_vector[1]      0.157596 
_atom_sites.fract_transf_vector[2]      0.360773 
_atom_sites.fract_transf_vector[3]      0.385188 
# 
loop_
_atom_type.symbol 
C 
N 
O 
S 
# 
loop_
_atom_site.group_PDB 
_atom_site.id 
_atom_site.type_symbol 
_atom_site.label_atom_id 
_atom_site.label_alt_id 
_atom_site.label_comp_id 
_atom_site.label_asym_id 
_atom_site.label_entity_id 
_atom_site.label_seq_id 
_atom_site.pdbx_PDB_ins_code 
_atom_site.Cartn_x 
_atom_site.Cartn_y 
_atom_site.Cartn_z 
_atom_site.occupancy 
_atom_site.B_iso_or_equiv 
_atom_site.pdbx_formal_charge 
_atom_site.auth_seq_id 
_atom_site.auth_comp_id 
_atom_site.auth_asym_id 
_atom_site.auth_atom_id 
_atom_site.pdbx_PDB_model_num 
ATOM   1    N N   . GLU A 1 1   ? 5.296   18.068  7.638   1.00   59.39  ? 106 GLU A N   1 
ATOM   2    C CA  . GLU A 1 1   ? 5.771   16.703  7.532   1.00   52.10  ? 106 GLU A CA  1 
ATOM   3    C C   . GLU A 1 1   ? 5.075   15.653  8.399   0.94   43.54  ? 106 GLU A C   1 
ATOM   4    O O   . GLU A 1 1   ? 4.578   14.675  7.887   0.70   46.53  ? 106 GLU A O   1 
ATOM   5    C CB  . GLU A 1 1   ? 7.255   16.635  7.857   1.00   47.04  ? 106 GLU A CB  1 
ATOM   6    C CG  . GLU A 1 1   ? 8.259   16.803  6.729   0.81   39.70  ? 106 GLU A CG  1 
ATOM   7    C CD  . GLU A 1 1   ? 7.989   16.022  5.478   0.0000 34.61  ? 106 GLU A CD  1 
ATOM   8    O OE1 . GLU A 1 1   ? 7.632   16.748  4.527   0.62   43.82  ? 106 GLU A OE1 1 
ATOM   9    O OE2 . GLU A 1 1   ? 8.162   14.778  5.425   1.00   24.88  ? 106 GLU A OE2 1 
ATOM   10   N N   . GLY A 1 2   ? 5.091   15.827  9.710   0.50   41.38  ? 107 GLY A N   1 
ATOM   11   C CA  . GLY A 1 2   ? 4.706   14.780  10.650  1.00   35.23  ? 107 GLY A CA  1 
ATOM   12   C C   . GLY A 1 2   ? 3.918   15.359  11.785  0.49   39.26  ? 107 GLY A C   1 
ATOM   13   O O   . GLY A 1 2   ? 3.808   16.570  11.845  0.87   46.91  ? 107 GLY A O   1 
ATOM   14   N N   . PRO A 1 3   ? 3.355   14.534  12.660  1.00   41.30  ? 108 PRO A N   1 
ATOM   15   C CA  . PRO A 1 3   ? 3.448   13.079  12.621  1.00   28.94  ? 108 PRO A CA  1 
ATOM   16   C C   . PRO A 1 3   ? 2.640   12.441  11.507  1.00   28.48  ? 108 PRO A C   1 
ATOM   17   O O   . PRO A 1 3   ? 1.704   12.989  11.026  1.00   31.28  ? 108 PRO A O   1 
ATOM   18   C CB  . PRO A 1 3   ? 2.860   12.661  13.959  1.00   35.07  ? 108 PRO A CB  1 
ATOM   19   C CG  . PRO A 1 3   ? 2.443   13.870  14.613  1.00   42.84  ? 108 PRO A CG  1 
ATOM   20   C CD  . PRO A 1 3   ? 2.413   14.967  13.679  1.00   40.24  ? 108 PRO A CD  1 
ATOM   21   N N   . PRO A 1 4   ? 2.999   11.236  11.140  1.00   26.43  ? 109 PRO A N   1 
ATOM   22   C CA  . PRO A 1 4   ? 2.340   10.565  10.036  1.00   24.44  ? 109 PRO A CA  1 
ATOM   23   C C   . PRO A 1 4   ? 0.873   10.279  10.302  1.00   20.60  ? 109 PRO A C   1 
ATOM   24   O O   . PRO A 1 4   ? 0.474   10.067  11.395  1.00   20.03  ? 109 PRO A O   1 
ATOM   25   C CB  . PRO A 1 4   ? 3.142   9.280   9.886   1.00   28.94  ? 109 PRO A CB  1 
ATOM   26   C CG  . PRO A 1 4   ? 3.887   9.127   11.027  1.00   31.51  ? 109 PRO A CG  1 
ATOM   27   C CD  . PRO A 1 4   ? 3.809   10.300  11.901  1.00   25.44  ? 109 PRO A CD  1 
ATOM   28   N N   . LYS A 1 5   ? 0.089   10.303  9.251   1.00   22.35  ? 110 LYS A N   1 
ATOM   29   C CA  . LYS A 1 5   ? -1.312  9.995   9.341   1.00   16.65  ? 110 LYS A CA  1 
ATOM   30   C C   . LYS A 1 5   ? -1.632  8.561   8.878   1.00   18.67  ? 110 LYS A C   1 
ATOM   31   O O   . LYS A 1 5   ? -2.583  8.322   8.224   1.00   16.86  ? 110 LYS A O   1 
ATOM   32   C CB  . LYS A 1 5   ? -2.111  11.054  8.639   1.00   19.55  ? 110 LYS A CB  1 
ATOM   33   C CG  . LYS A 1 5   ? -1.942  12.364  9.330   1.00   26.47  ? 110 LYS A CG  1 
ATOM   34   C CD  . LYS A 1 5   ? -2.886  13.349  8.850   1.00   44.09  ? 110 LYS A CD  1 
ATOM   35   C CE  . LYS A 1 5   ? -2.954  14.514  9.783   1.00   50.39  ? 110 LYS A CE  1 
ATOM   36   N NZ  . LYS A 1 5   ? -3.702  15.550  9.128   1.00   72.33  ? 110 LYS A NZ  1 
ATOM   37   N N   . TYR A 1 6   ? -0.739  7.664   9.200   1.00   17.25  ? 111 TYR A N   1 
ATOM   38   C CA  . TYR A 1 6   ? -0.874  6.243   8.952   1.00   18.26  ? 111 TYR A CA  1 
ATOM   39   C C   . TYR A 1 6   ? -0.154  5.476   10.042  1.00   20.20  ? 111 TYR A C   1 
ATOM   40   O O   . TYR A 1 6   ? 0.671   6.034   10.673  1.00   18.87  ? 111 TYR A O   1 
ATOM   41   C CB  . TYR A 1 6   ? -0.321  5.849   7.585   1.00   15.77  ? 111 TYR A CB  1 
ATOM   42   C CG  . TYR A 1 6   ? 1.172   5.711   7.505   1.00   17.13  ? 111 TYR A CG  1 
ATOM   43   C CD1 . TYR A 1 6   ? 1.966   6.800   7.304   1.00   17.19  ? 111 TYR A CD1 1 
ATOM   44   C CD2 . TYR A 1 6   ? 1.780   4.498   7.617   1.00   15.11  ? 111 TYR A CD2 1 
ATOM   45   C CE1 . TYR A 1 6   ? 3.288   6.695   7.248   1.00   17.97  ? 111 TYR A CE1 1 
ATOM   46   C CE2 . TYR A 1 6   ? 3.107   4.384   7.545   1.00   18.49  ? 111 TYR A CE2 1 
ATOM   47   C CZ  . TYR A 1 6   ? 3.869   5.485   7.367   1.00   16.41  ? 111 TYR A CZ  1 
ATOM   48   O OH  . TYR A 1 6   ? 5.190   5.417   7.294   1.00   16.34  ? 111 TYR A OH  1 
ATOM   49   N N   . THR A 1 7   ? -0.447  4.205   10.225  1.00   14.42  ? 112 THR A N   1 
ATOM   50   C CA  A THR A 1 7   ? 0.292   3.388   11.097  0.67   20.24  ? 112 THR A CA  1 
ATOM   51   C CA  B THR A 1 7   ? 0.321   3.399   11.080  0.33   20.19  ? 112 THR A CA  1 
ATOM   52   C C   . THR A 1 7   ? 0.747   2.131   10.270  1.00   20.36  ? 112 THR A C   1 
ATOM   53   O O   . THR A 1 7   ? -0.042  1.598   9.551   1.00   17.55  ? 112 THR A O   1 
ATOM   54   C CB  A THR A 1 7   ? -0.530  3.009   12.359  0.67   21.30  ? 112 THR A CB  1 
ATOM   55   C CB  B THR A 1 7   ? -0.429  3.040   12.375  0.33   21.32  ? 112 THR A CB  1 
ATOM   56   O OG1 A THR A 1 7   ? -0.855  4.195   13.099  0.67   20.45  ? 112 THR A OG1 1 
ATOM   57   O OG1 B THR A 1 7   ? -1.561  2.225   12.060  0.33   17.31  ? 112 THR A OG1 1 
ATOM   58   C CG2 A THR A 1 7   ? 0.263   2.080   13.254  0.67   20.24  ? 112 THR A CG2 1 
ATOM   59   C CG2 B THR A 1 7   ? -0.890  4.302   13.095  0.33   20.44  ? 112 THR A CG2 1 
ATOM   60   N N   . LYS A 1 8   ? 1.905   1.604   10.603  1.00   13.81  ? 113 LYS A N   1 
ATOM   61   C CA  . LYS A 1 8   ? 2.430   0.389   10.031  1.00   16.36  ? 113 LYS A CA  1 
ATOM   62   C C   . LYS A 1 8   ? 2.689   -0.669  11.085  1.00   20.61  ? 113 LYS A C   1 
ATOM   63   O O   . LYS A 1 8   ? 3.291   -0.412  12.064  1.00   19.23  ? 113 LYS A O   1 
ATOM   64   C CB  . LYS A 1 8   ? 3.712   0.645   9.228   1.00   16.49  ? 113 LYS A CB  1 
ATOM   65   C CG  . LYS A 1 8   ? 4.275   -0.591  8.567   1.00   16.30  ? 113 LYS A CG  1 
ATOM   66   C CD  . LYS A 1 8   ? 5.574   -0.436  7.796   1.00   19.03  ? 113 LYS A CD  1 
ATOM   67   C CE  . LYS A 1 8   ? 6.789   -0.356  8.660   1.00   18.06  ? 113 LYS A CE  1 
ATOM   68   N NZ  . LYS A 1 8   ? 8.011   -0.391  7.920   1.00   18.17  ? 113 LYS A NZ  1 
ATOM   69   N N   . SER A 1 9   ? 2.207   -1.863  10.851  1.00   15.23  ? 114 SER A N   1 
ATOM   70   C CA  . SER A 1 9   ? 2.510   -2.991  11.663  1.00   14.12  ? 114 SER A CA  1 
ATOM   71   C C   . SER A 1 9   ? 3.181   -4.015  10.744  1.00   24.30  ? 114 SER A C   1 
ATOM   72   O O   . SER A 1 9   ? 2.685   -4.318  9.729   1.00   21.16  ? 114 SER A O   1 
ATOM   73   C CB  . SER A 1 9   ? 1.242   -3.535  12.325  1.00   20.97  ? 114 SER A CB  1 
ATOM   74   O OG  . SER A 1 9   ? 0.582   -2.594  13.087  1.00   19.72  ? 114 SER A OG  1 
ATOM   75   N N   . ILE A 1 10  ? 4.333   -4.516  11.117  1.00   21.75  ? 115 ILE A N   1 
ATOM   76   C CA  . ILE A 1 10  ? 5.045   -5.433  10.265  1.00   20.23  ? 115 ILE A CA  1 
ATOM   77   C C   . ILE A 1 10  ? 4.565   -6.849  10.513  1.00   22.75  ? 115 ILE A C   1 
ATOM   78   O O   . ILE A 1 10  ? 4.613   -7.331  11.595  1.00   23.07  ? 115 ILE A O   1 
ATOM   79   C CB  . ILE A 1 10  ? 6.541   -5.351  10.489  1.00   22.35  ? 115 ILE A CB  1 
ATOM   80   C CG1 . ILE A 1 10  ? 7.047   -3.984  10.068  1.00   18.46  ? 115 ILE A CG1 1 
ATOM   81   C CG2 . ILE A 1 10  ? 7.250   -6.468  9.778   1.00   20.96  ? 115 ILE A CG2 1 
ATOM   82   C CD1 . ILE A 1 10  ? 8.381   -3.733  10.426  1.00   25.43  ? 115 ILE A CD1 1 
ATOM   83   N N   . LEU A 1 11  ? 4.034   -7.434  9.475   1.00   21.45  ? 116 LEU A N   1 
ATOM   84   C CA  . LEU A 1 11  ? 3.558   -8.791  9.457   1.00   24.97  ? 116 LEU A CA  1 
ATOM   85   C C   . LEU A 1 11  ? 4.643   -9.836  9.145   1.00   30.26  ? 116 LEU A C   1 
ATOM   86   O O   . LEU A 1 11  ? 4.670   -10.857 9.739   1.00   30.64  ? 116 LEU A O   1 
ATOM   87   C CB  . LEU A 1 11  ? 2.393   -8.919  8.492   1.00   21.75  ? 116 LEU A CB  1 
ATOM   88   C CG  . LEU A 1 11  ? 1.190   -8.011  8.636   1.00   23.17  ? 116 LEU A CG  1 
ATOM   89   C CD1 . LEU A 1 11  ? 0.217   -8.286  7.596   1.00   22.55  ? 116 LEU A CD1 1 
ATOM   90   C CD2 . LEU A 1 11  ? 0.597   -8.074  9.985   1.00   29.83  ? 116 LEU A CD2 1 
ATOM   91   N N   . LYS A 1 12  ? 5.493   -9.549  8.178   1.00   23.54  ? 117 LYS A N   1 
ATOM   92   C CA  . LYS A 1 12  ? 6.646   -10.353 7.831   1.00   26.58  ? 117 LYS A CA  1 
ATOM   93   C C   . LYS A 1 12  ? 7.841   -9.418  7.647   1.00   27.86  ? 117 LYS A C   1 
ATOM   94   O O   . LYS A 1 12  ? 7.742   -8.482  6.939   1.00   21.38  ? 117 LYS A O   1 
ATOM   95   C CB  . LYS A 1 12  ? 6.385   -11.125 6.539   1.00   28.16  ? 117 LYS A CB  1 
ATOM   96   C CG  . LYS A 1 12  ? 7.424   -12.113 6.147   1.00   43.79  ? 117 LYS A CG  1 
ATOM   97   C CD  . LYS A 1 12  ? 7.294   -12.556 4.720   1.00   43.57  ? 117 LYS A CD  1 
ATOM   98   C CE  . LYS A 1 12  ? 8.361   -13.552 4.337   1.00   50.39  ? 117 LYS A CE  1 
ATOM   99   N NZ  . LYS A 1 12  ? 8.285   -13.878 2.898   1.00   56.18  ? 117 LYS A NZ  1 
ATOM   100  N N   . LYS A 1 13  ? 8.951   -9.694  8.291   1.00   22.58  ? 118 LYS A N   1 
ATOM   101  C CA  . LYS A 1 13  ? 10.128  -8.869  8.147   1.00   26.26  ? 118 LYS A CA  1 
ATOM   102  C C   . LYS A 1 13  ? 10.709  -8.974  6.768   1.00   28.50  ? 118 LYS A C   1 
ATOM   103  O O   . LYS A 1 13  ? 10.671  -9.998  6.162   1.00   25.44  ? 118 LYS A O   1 
ATOM   104  C CB  . LYS A 1 13  ? 11.197  -9.235  9.151   1.00   30.32  ? 118 LYS A CB  1 
ATOM   105  C CG  . LYS A 1 13  ? 10.841  -8.963  10.552  1.00   48.62  ? 118 LYS A CG  1 
ATOM   106  C CD  . LYS A 1 13  ? 11.824  -9.542  11.557  1.00   61.85  ? 118 LYS A CD  1 
ATOM   107  C CE  . LYS A 1 13  ? 11.394  -9.180  12.955  1.00   60.31  ? 118 LYS A CE  1 
ATOM   108  N NZ  . LYS A 1 13  ? 11.993  -9.988  14.001  1.00   76.61  ? 118 LYS A NZ  1 
ATOM   109  N N   . GLY A 1 14  ? 11.246  -7.877  6.298   1.00   20.57  ? 119 GLY A N   1 
ATOM   110  C CA  . GLY A 1 14  ? 11.973  -7.828  5.067   1.00   19.77  ? 119 GLY A CA  1 
ATOM   111  C C   . GLY A 1 14  ? 13.446  -8.110  5.294   1.00   24.00  ? 119 GLY A C   1 
ATOM   112  O O   . GLY A 1 14  ? 13.852  -8.570  6.307   1.00   24.71  ? 119 GLY A O   1 
ATOM   113  N N   . ASP A 1 15  ? 14.256  -7.815  4.314   1.00   24.89  ? 120 ASP A N   1 
ATOM   114  C CA  . ASP A 1 15  ? 15.684  -8.019  4.436   1.00   27.38  ? 120 ASP A CA  1 
ATOM   115  C C   . ASP A 1 15  ? 16.409  -7.042  5.375   1.00   32.75  ? 120 ASP A C   1 
ATOM   116  O O   . ASP A 1 15  ? 17.506  -7.266  5.733   1.00   28.23  ? 120 ASP A O   1 
ATOM   117  C CB  . ASP A 1 15  ? 16.374  -8.209  3.079   1.00   25.71  ? 120 ASP A CB  1 
ATOM   118  C CG  . ASP A 1 15  ? 16.451  -6.973  2.267   1.00   26.96  ? 120 ASP A CG  1 
ATOM   119  O OD1 . ASP A 1 15  ? 16.216  -5.912  2.779   1.00   29.00  ? 120 ASP A OD1 1 
ATOM   120  O OD2 . ASP A 1 15  ? 16.777  -7.074  1.112   1.00   28.18  ? 120 ASP A OD2 1 
ATOM   121  N N   . LYS A 1 16  ? 15.751  -5.940  5.699   1.00   24.99  ? 121 LYS A N   1 
ATOM   122  C CA  . LYS A 1 16  ? 16.238  -4.913  6.611   1.00   24.00  ? 121 LYS A CA  1 
ATOM   123  C C   . LYS A 1 16  ? 17.476  -4.213  6.068   1.00   21.67  ? 121 LYS A C   1 
ATOM   124  O O   . LYS A 1 16  ? 18.178  -3.602  6.789   1.00   24.31  ? 121 LYS A O   1 
ATOM   125  C CB  . LYS A 1 16  ? 16.508  -5.451  8.022   1.00   26.54  ? 121 LYS A CB  1 
ATOM   126  C CG  . LYS A 1 16  ? 15.351  -6.036  8.735   1.00   33.24  ? 121 LYS A CG  1 
ATOM   127  C CD  . LYS A 1 16  ? 15.598  -6.125  10.209  1.00   53.44  ? 121 LYS A CD  1 
ATOM   128  C CE  . LYS A 1 16  ? 14.413  -6.702  10.977  1.00   63.61  ? 121 LYS A CE  1 
ATOM   129  N NZ  . LYS A 1 16  ? 14.587  -6.728  12.466  1.00   59.45  ? 121 LYS A NZ  1 
ATOM   130  N N   . THR A 1 17  ? 17.720  -4.373  4.786   1.00   24.18  ? 122 THR A N   1 
ATOM   131  C CA  . THR A 1 17  ? 18.867  -3.831  4.100   1.00   25.43  ? 122 THR A CA  1 
ATOM   132  C C   . THR A 1 17  ? 18.608  -3.000  2.853   1.00   25.01  ? 122 THR A C   1 
ATOM   133  O O   . THR A 1 17  ? 19.301  -2.089  2.586   1.00   26.77  ? 122 THR A O   1 
ATOM   134  C CB  . THR A 1 17  ? 19.845  -4.951  3.705   1.00   33.73  ? 122 THR A CB  1 
ATOM   135  O OG1 . THR A 1 17  ? 20.094  -5.793  4.805   1.00   33.59  ? 122 THR A OG1 1 
ATOM   136  C CG2 . THR A 1 17  ? 21.127  -4.388  3.285   1.00   42.29  ? 122 THR A CG2 1 
ATOM   137  N N   . ASN A 1 18  ? 17.636  -3.383  2.067   1.00   24.75  ? 123 ASN A N   1 
ATOM   138  C CA  . ASN A 1 18  ? 17.335  -2.675  0.874   1.00   26.62  ? 123 ASN A CA  1 
ATOM   139  C C   . ASN A 1 18  ? 16.027  -1.918  1.042   1.00   27.24  ? 123 ASN A C   1 
ATOM   140  O O   . ASN A 1 18  ? 14.980  -2.518  1.058   1.00   22.95  ? 123 ASN A O   1 
ATOM   141  C CB  . ASN A 1 18  ? 17.251  -3.665  -0.276  1.00   25.77  ? 123 ASN A CB  1 
ATOM   142  C CG  . ASN A 1 18  ? 18.560  -4.370  -0.511  1.00   37.94  ? 123 ASN A CG  1 
ATOM   143  O OD1 . ASN A 1 18  ? 18.722  -5.530  -0.211  1.00   36.38  ? 123 ASN A OD1 1 
ATOM   144  N ND2 . ASN A 1 18  ? 19.495  -3.645  -1.013  1.00   28.95  ? 123 ASN A ND2 1 
ATOM   145  N N   . PHE A 1 19  ? 16.136  -0.608  1.152   1.00   17.99  ? 124 PHE A N   1 
ATOM   146  C CA  . PHE A 1 19  ? 15.015  0.284   1.317   1.00   25.23  ? 124 PHE A CA  1 
ATOM   147  C C   . PHE A 1 19  ? 14.824  1.149   0.072   1.00   24.18  ? 124 PHE A C   1 
ATOM   148  O O   . PHE A 1 19  ? 15.745  1.633   -0.472  1.00   23.21  ? 124 PHE A O   1 
ATOM   149  C CB  . PHE A 1 19  ? 15.189  1.204   2.528   1.00   17.72  ? 124 PHE A CB  1 
ATOM   150  C CG  . PHE A 1 19  ? 15.294  0.510   3.847   1.00   20.35  ? 124 PHE A CG  1 
ATOM   151  C CD1 . PHE A 1 19  ? 16.465  -0.016  4.275   1.00   19.69  ? 124 PHE A CD1 1 
ATOM   152  C CD2 . PHE A 1 19  ? 14.232  0.444   4.685   1.00   16.66  ? 124 PHE A CD2 1 
ATOM   153  C CE1 . PHE A 1 19  ? 16.535  -0.639  5.479   1.00   20.43  ? 124 PHE A CE1 1 
ATOM   154  C CE2 . PHE A 1 19  ? 14.332  -0.167  5.866   1.00   21.86  ? 124 PHE A CE2 1 
ATOM   155  C CZ  . PHE A 1 19  ? 15.480  -0.704  6.264   1.00   17.99  ? 124 PHE A CZ  1 
ATOM   156  N N   . PRO A 1 20  ? 13.592  1.317   -0.351  1.00   22.70  ? 125 PRO A N   1 
ATOM   157  C CA  . PRO A 1 20  ? 13.285  2.148   -1.497  1.00   21.37  ? 125 PRO A CA  1 
ATOM   158  C C   . PRO A 1 20  ? 13.615  3.604   -1.226  1.00   26.69  ? 125 PRO A C   1 
ATOM   159  O O   . PRO A 1 20  ? 13.421  4.019   -0.145  1.00   23.40  ? 125 PRO A O   1 
ATOM   160  C CB  . PRO A 1 20  ? 11.769  2.007   -1.612  1.00   24.54  ? 125 PRO A CB  1 
ATOM   161  C CG  . PRO A 1 20  ? 11.442  0.858   -0.913  1.00   27.13  ? 125 PRO A CG  1 
ATOM   162  C CD  . PRO A 1 20  ? 12.372  0.730   0.186   1.00   22.30  ? 125 PRO A CD  1 
ATOM   163  N N   . LYS A 1 21  ? 14.082  4.345   -2.204  1.00   19.52  ? 126 LYS A N   1 
ATOM   164  C CA  . LYS A 1 21  ? 14.320  5.755   -2.058  1.00   19.16  ? 126 LYS A CA  1 
ATOM   165  C C   . LYS A 1 21  ? 13.403  6.487   -2.995  1.00   19.50  ? 126 LYS A C   1 
ATOM   166  O O   . LYS A 1 21  ? 12.968  5.947   -3.941  1.00   24.10  ? 126 LYS A O   1 
ATOM   167  C CB  . LYS A 1 21  ? 15.740  6.124   -2.409  1.00   26.03  ? 126 LYS A CB  1 
ATOM   168  C CG  . LYS A 1 21  ? 16.780  5.358   -1.734  1.00   31.53  ? 126 LYS A CG  1 
ATOM   169  C CD  . LYS A 1 21  ? 16.722  5.481   -0.278  1.00   45.67  ? 126 LYS A CD  1 
ATOM   170  C CE  . LYS A 1 21  ? 17.757  4.586   0.381   1.00   41.49  ? 126 LYS A CE  1 
ATOM   171  N NZ  . LYS A 1 21  ? 19.111  4.937   -0.089  1.00   53.05  ? 126 LYS A NZ  1 
ATOM   172  N N   . LYS A 1 22  ? 13.177  7.752   -2.759  1.00   22.03  ? 127 LYS A N   1 
ATOM   173  C CA  . LYS A 1 22  ? 12.317  8.496   -3.620  1.00   26.44  ? 127 LYS A CA  1 
ATOM   174  C C   . LYS A 1 22  ? 12.868  8.387   -5.026  1.00   29.57  ? 127 LYS A C   1 
ATOM   175  O O   . LYS A 1 22  ? 14.029  8.579   -5.258  1.00   25.46  ? 127 LYS A O   1 
ATOM   176  C CB  . LYS A 1 22  ? 12.281  9.937   -3.191  1.00   24.15  ? 127 LYS A CB  1 
ATOM   177  C CG  . LYS A 1 22  ? 11.592  10.881  -4.111  1.00   24.64  ? 127 LYS A CG  1 
ATOM   178  C CD  . LYS A 1 22  ? 11.539  12.232  -3.499  1.00   29.50  ? 127 LYS A CD  1 
ATOM   179  C CE  . LYS A 1 22  ? 10.766  13.204  -4.306  1.00   33.88  ? 127 LYS A CE  1 
ATOM   180  N NZ  . LYS A 1 22  ? 10.541  14.471  -3.632  1.00   34.29  ? 127 LYS A NZ  1 
ATOM   181  N N   . GLY A 1 23  ? 11.989  8.072   -5.945  1.00   25.95  ? 128 GLY A N   1 
ATOM   182  C CA  . GLY A 1 23  ? 12.321  7.859   -7.326  1.00   30.95  ? 128 GLY A CA  1 
ATOM   183  C C   . GLY A 1 23  ? 12.583  6.444   -7.768  1.00   27.20  ? 128 GLY A C   1 
ATOM   184  O O   . GLY A 1 23  ? 12.604  6.194   -8.912  1.00   28.82  ? 128 GLY A O   1 
ATOM   185  N N   . ASP A 1 24  ? 12.754  5.526   -6.851  1.00   21.95  ? 129 ASP A N   1 
ATOM   186  C CA  . ASP A 1 24  ? 12.870  4.147   -7.182  1.00   16.67  ? 129 ASP A CA  1 
ATOM   187  C C   . ASP A 1 24  ? 11.529  3.608   -7.637  1.00   28.28  ? 129 ASP A C   1 
ATOM   188  O O   . ASP A 1 24  ? 10.527  4.083   -7.244  1.00   28.58  ? 129 ASP A O   1 
ATOM   189  C CB  . ASP A 1 24  ? 13.338  3.292   -6.012  1.00   24.99  ? 129 ASP A CB  1 
ATOM   190  C CG  . ASP A 1 24  ? 14.762  3.580   -5.584  1.00   36.35  ? 129 ASP A CG  1 
ATOM   191  O OD1 . ASP A 1 24  ? 15.504  4.189   -6.338  1.00   32.86  ? 129 ASP A OD1 1 
ATOM   192  O OD2 . ASP A 1 24  ? 15.137  3.197   -4.507  1.00   23.67  ? 129 ASP A OD2 1 
ATOM   193  N N   . VAL A 1 25  ? 11.556  2.567   -8.425  1.00   23.57  ? 130 VAL A N   1 
ATOM   194  C CA  . VAL A 1 25  ? 10.365  1.892   -8.834  1.00   30.94  ? 130 VAL A CA  1 
ATOM   195  C C   . VAL A 1 25  ? 10.241  0.662   -7.968  1.00   24.35  ? 130 VAL A C   1 
ATOM   196  O O   . VAL A 1 25  ? 11.159  -0.072  -7.854  1.00   30.25  ? 130 VAL A O   1 
ATOM   197  C CB  . VAL A 1 25  ? 10.428  1.473   -10.310 1.00   33.01  ? 130 VAL A CB  1 
ATOM   198  C CG1 . VAL A 1 25  ? 9.308   0.579   -10.638 1.00   33.48  ? 130 VAL A CG1 1 
ATOM   199  C CG2 . VAL A 1 25  ? 10.398  2.640   -11.179 1.00   33.63  ? 130 VAL A CG2 1 
ATOM   200  N N   . VAL A 1 26  ? 9.083   0.479   -7.361  1.00   26.33  ? 131 VAL A N   1 
ATOM   201  C CA  . VAL A 1 26  ? 8.806   -0.646  -6.491  1.00   23.00  ? 131 VAL A CA  1 
ATOM   202  C C   . VAL A 1 26  ? 7.716   -1.543  -7.064  1.00   22.33  ? 131 VAL A C   1 
ATOM   203  O O   . VAL A 1 26  ? 6.945   -1.122  -7.851  1.00   26.55  ? 131 VAL A O   1 
ATOM   204  C CB  . VAL A 1 26  ? 8.402   -0.195  -5.076  1.00   19.71  ? 131 VAL A CB  1 
ATOM   205  C CG1 . VAL A 1 26  ? 9.520   0.456   -4.397  1.00   22.81  ? 131 VAL A CG1 1 
ATOM   206  C CG2 . VAL A 1 26  ? 7.250   0.677   -5.131  1.00   22.35  ? 131 VAL A CG2 1 
ATOM   207  N N   . HIS A 1 27  ? 7.703   -2.788  -6.654  1.00   21.73  ? 132 HIS A N   1 
ATOM   208  C CA  . HIS A 1 27  ? 6.697   -3.762  -7.038  1.00   28.29  ? 132 HIS A CA  1 
ATOM   209  C C   . HIS A 1 27  ? 6.042   -4.376  -5.817  1.00   21.18  ? 132 HIS A C   1 
ATOM   210  O O   . HIS A 1 27  ? 6.714   -4.846  -4.977  1.00   23.02  ? 132 HIS A O   1 
ATOM   211  C CB  . HIS A 1 27  ? 7.332   -4.839  -7.899  1.00   31.01  ? 132 HIS A CB  1 
ATOM   212  C CG  . HIS A 1 27  ? 8.128   -4.284  -9.024  1.00   38.79  ? 132 HIS A CG  1 
ATOM   213  N ND1 . HIS A 1 27  ? 7.566   -3.915  -10.216 1.00   44.39  ? 132 HIS A ND1 1 
ATOM   214  C CD2 . HIS A 1 27  ? 9.426   -3.946  -9.102  1.00   42.55  ? 132 HIS A CD2 1 
ATOM   215  C CE1 . HIS A 1 27  ? 8.490   -3.404  -10.996 1.00   39.03  ? 132 HIS A CE1 1 
ATOM   216  N NE2 . HIS A 1 27  ? 9.627   -3.408  -10.341 1.00   48.91  ? 132 HIS A NE2 1 
ATOM   217  N N   . CYS A 1 28  ? 4.724   -4.360  -5.753  1.00   22.85  ? 133 CYS A N   1 
ATOM   218  C CA  . CYS A 1 28  ? 3.994   -4.826  -4.588  1.00   18.43  ? 133 CYS A CA  1 
ATOM   219  C C   . CYS A 1 28  ? 2.745   -5.692  -4.820  1.00   21.15  ? 133 CYS A C   1 
ATOM   220  O O   . CYS A 1 28  ? 2.033   -5.514  -5.757  1.00   25.02  ? 133 CYS A O   1 
ATOM   221  C CB  . CYS A 1 28  ? 3.528   -3.623  -3.760  1.00   20.00  ? 133 CYS A CB  1 
ATOM   222  S SG  . CYS A 1 28  ? 4.661   -2.356  -3.367  1.00   25.16  ? 133 CYS A SG  1 
ATOM   223  N N   . TRP A 1 29  ? 2.488   -6.574  -3.884  1.00   20.78  ? 134 TRP A N   1 
ATOM   224  C CA  . TRP A 1 29  ? 1.236   -7.268  -3.797  1.00   28.02  ? 134 TRP A CA  1 
ATOM   225  C C   . TRP A 1 29  ? 0.468   -6.565  -2.688  1.00   23.67  ? 134 TRP A C   1 
ATOM   226  O O   . TRP A 1 29  ? 1.039   -6.215  -1.736  1.00   24.52  ? 134 TRP A O   1 
ATOM   227  C CB  . TRP A 1 29  ? 1.442   -8.706  -3.415  1.00   25.93  ? 134 TRP A CB  1 
ATOM   228  C CG  . TRP A 1 29  ? 2.196   -9.476  -4.404  1.00   36.66  ? 134 TRP A CG  1 
ATOM   229  C CD1 . TRP A 1 29  ? 3.365   -10.086 -4.222  1.00   32.08  ? 134 TRP A CD1 1 
ATOM   230  C CD2 . TRP A 1 29  ? 1.817   -9.714  -5.742  1.00   27.77  ? 134 TRP A CD2 1 
ATOM   231  N NE1 . TRP A 1 29  ? 3.755   -10.689 -5.351  1.00   35.94  ? 134 TRP A NE1 1 
ATOM   232  C CE2 . TRP A 1 29  ? 2.819   -10.473 -6.315  1.00   35.84  ? 134 TRP A CE2 1 
ATOM   233  C CE3 . TRP A 1 29  ? 0.723   -9.350  -6.517  1.00   32.06  ? 134 TRP A CE3 1 
ATOM   234  C CZ2 . TRP A 1 29  ? 2.761   -10.900 -7.625  1.00   35.38  ? 134 TRP A CZ2 1 
ATOM   235  C CZ3 . TRP A 1 29  ? 0.672   -9.762  -7.811  1.00   38.65  ? 134 TRP A CZ3 1 
ATOM   236  C CH2 . TRP A 1 29  ? 1.693   -10.531 -8.359  1.00   31.01  ? 134 TRP A CH2 1 
ATOM   237  N N   . TYR A 1 30  ? -0.822  -6.360  -2.858  1.00   22.89  ? 135 TYR A N   1 
ATOM   238  C CA  . TYR A 1 30  ? -1.633  -5.711  -1.860  1.00   22.65  ? 135 TYR A CA  1 
ATOM   239  C C   . TYR A 1 30  ? -3.073  -6.241  -1.776  1.00   33.59  ? 135 TYR A C   1 
ATOM   240  O O   . TYR A 1 30  ? -3.605  -6.807  -2.705  1.00   21.74  ? 135 TYR A O   1 
ATOM   241  C CB  . TYR A 1 30  ? -1.662  -4.210  -2.079  1.00   16.10  ? 135 TYR A CB  1 
ATOM   242  C CG  . TYR A 1 30  ? -2.505  -3.801  -3.233  1.00   25.01  ? 135 TYR A CG  1 
ATOM   243  C CD1 . TYR A 1 30  ? -2.009  -3.817  -4.501  1.00   25.14  ? 135 TYR A CD1 1 
ATOM   244  C CD2 . TYR A 1 30  ? -3.799  -3.446  -3.065  1.00   22.38  ? 135 TYR A CD2 1 
ATOM   245  C CE1 . TYR A 1 30  ? -2.750  -3.484  -5.526  1.00   24.75  ? 135 TYR A CE1 1 
ATOM   246  C CE2 . TYR A 1 30  ? -4.548  -3.090  -4.083  1.00   28.87  ? 135 TYR A CE2 1 
ATOM   247  C CZ  . TYR A 1 30  ? -4.033  -3.114  -5.333  1.00   31.08  ? 135 TYR A CZ  1 
ATOM   248  O OH  . TYR A 1 30  ? -4.810  -2.768  -6.352  1.00   28.18  ? 135 TYR A OH  1 
ATOM   249  N N   . THR A 1 31  ? -3.651  -6.019  -0.617  1.00   22.74  ? 136 THR A N   1 
ATOM   250  C CA  . THR A 1 31  ? -5.052  -6.190  -0.364  1.00   18.62  ? 136 THR A CA  1 
ATOM   251  C C   . THR A 1 31  ? -5.530  -4.980  0.405   1.00   22.85  ? 136 THR A C   1 
ATOM   252  O O   . THR A 1 31  ? -4.913  -4.612  1.353   1.00   22.17  ? 136 THR A O   1 
ATOM   253  C CB  . THR A 1 31  ? -5.321  -7.437  0.461   1.00   24.35  ? 136 THR A CB  1 
ATOM   254  O OG1 . THR A 1 31  ? -4.824  -8.559  -0.224  1.00   25.50  ? 136 THR A OG1 1 
ATOM   255  C CG2 . THR A 1 31  ? -6.782  -7.592  0.717   1.00   23.85  ? 136 THR A CG2 1 
ATOM   256  N N   . GLY A 1 32  ? -6.637  -4.403  -0.015  1.00   21.37  ? 137 GLY A N   1 
ATOM   257  C CA  . GLY A 1 32  ? -7.254  -3.253  0.581   1.00   21.25  ? 137 GLY A CA  1 
ATOM   258  C C   . GLY A 1 32  ? -8.601  -3.614  1.169   1.00   26.19  ? 137 GLY A C   1 
ATOM   259  O O   . GLY A 1 32  ? -9.400  -4.224  0.517   1.00   21.50  ? 137 GLY A O   1 
ATOM   260  N N   . THR A 1 33  ? -8.804  -3.227  2.415   1.00   16.49  ? 138 THR A N   1 
ATOM   261  C CA  . THR A 1 33  ? -9.968  -3.533  3.204   1.00   16.28  ? 138 THR A CA  1 
ATOM   262  C C   . THR A 1 33  ? -10.531 -2.307  3.959   1.00   20.80  ? 138 THR A C   1 
ATOM   263  O O   . THR A 1 33  ? -9.807  -1.487  4.404   1.00   18.22  ? 138 THR A O   1 
ATOM   264  C CB  . THR A 1 33  ? -9.609  -4.629  4.224   1.00   26.11  ? 138 THR A CB  1 
ATOM   265  O OG1 . THR A 1 33  ? -9.039  -5.749  3.567   1.00   28.57  ? 138 THR A OG1 1 
ATOM   266  C CG2 . THR A 1 33  ? -10.769 -5.082  4.957   1.00   25.92  ? 138 THR A CG2 1 
ATOM   267  N N   . LEU A 1 34  ? -11.834 -2.221  4.081   1.00   16.35  ? 139 LEU A N   1 
ATOM   268  C CA  . LEU A 1 34  ? -12.506 -1.198  4.853   1.00   20.65  ? 139 LEU A CA  1 
ATOM   269  C C   . LEU A 1 34  ? -12.544 -1.567  6.330   1.00   15.09  ? 139 LEU A C   1 
ATOM   270  O O   . LEU A 1 34  ? -12.335 -2.669  6.650   1.00   15.36  ? 139 LEU A O   1 
ATOM   271  C CB  . LEU A 1 34  ? -13.927 -0.982  4.344   1.00   21.46  ? 139 LEU A CB  1 
ATOM   272  C CG  . LEU A 1 34  ? -14.136 -0.637  2.877   1.00   24.11  ? 139 LEU A CG  1 
ATOM   273  C CD1 . LEU A 1 34  ? -15.553 -0.506  2.538   1.00   25.45  ? 139 LEU A CD1 1 
ATOM   274  C CD2 . LEU A 1 34  ? -13.376 0.565   2.504   1.00   22.08  ? 139 LEU A CD2 1 
ATOM   275  N N   . PRO A 1 35  ? -12.900 -0.637  7.188   1.00   15.60  ? 140 PRO A N   1 
ATOM   276  C CA  . PRO A 1 35  ? -12.961 -0.895  8.623   1.00   20.44  ? 140 PRO A CA  1 
ATOM   277  C C   . PRO A 1 35  ? -13.978 -1.975  9.012   1.00   20.68  ? 140 PRO A C   1 
ATOM   278  O O   . PRO A 1 35  ? -13.822 -2.612  9.977   1.00   18.13  ? 140 PRO A O   1 
ATOM   279  C CB  . PRO A 1 35  ? -13.320 0.465   9.205   1.00   22.39  ? 140 PRO A CB  1 
ATOM   280  C CG  . PRO A 1 35  ? -12.800 1.381   8.308   1.00   20.44  ? 140 PRO A CG  1 
ATOM   281  C CD  . PRO A 1 35  ? -12.952 0.792   6.936   1.00   18.74  ? 140 PRO A CD  1 
ATOM   282  N N   . ASP A 1 36  ? -14.979 -2.179  8.182   1.00   22.05  ? 141 ASP A N   1 
ATOM   283  C CA  . ASP A 1 36  ? -15.966 -3.196  8.404   1.00   19.97  ? 141 ASP A CA  1 
ATOM   284  C C   . ASP A 1 36  ? -15.487 -4.594  8.019   1.00   27.83  ? 141 ASP A C   1 
ATOM   285  O O   . ASP A 1 36  ? -16.150 -5.551  8.237   1.00   23.83  ? 141 ASP A O   1 
ATOM   286  C CB  . ASP A 1 36  ? -17.311 -2.817  7.799   1.00   21.47  ? 141 ASP A CB  1 
ATOM   287  C CG  . ASP A 1 36  ? -17.362 -2.950  6.314   1.00   30.37  ? 141 ASP A CG  1 
ATOM   288  O OD1 . ASP A 1 36  ? -16.469 -3.458  5.680   1.00   24.15  ? 141 ASP A OD1 1 
ATOM   289  O OD2 . ASP A 1 36  ? -18.357 -2.549  5.767   1.00   32.55  ? 141 ASP A OD2 1 
ATOM   290  N N   . GLY A 1 37  ? -14.296 -4.671  7.470   1.00   17.75  ? 142 GLY A N   1 
ATOM   291  C CA  . GLY A 1 37  ? -13.700 -5.902  7.045   1.00   16.72  ? 142 GLY A CA  1 
ATOM   292  C C   . GLY A 1 37  ? -13.898 -6.330  5.618   1.00   18.78  ? 142 GLY A C   1 
ATOM   293  O O   . GLY A 1 37  ? -13.379 -7.279  5.230   1.00   22.53  ? 142 GLY A O   1 
ATOM   294  N N   . THR A 1 38  ? -14.629 -5.560  4.850   1.00   23.07  ? 143 THR A N   1 
ATOM   295  C CA  . THR A 1 38  ? -14.867 -5.817  3.459   1.00   23.29  ? 143 THR A CA  1 
ATOM   296  C C   . THR A 1 38  ? -13.645 -5.540  2.570   1.00   24.25  ? 143 THR A C   1 
ATOM   297  O O   . THR A 1 38  ? -13.109 -4.489  2.607   1.00   20.75  ? 143 THR A O   1 
ATOM   298  C CB  . THR A 1 38  ? -16.033 -4.954  2.937   1.00   26.88  ? 143 THR A CB  1 
ATOM   299  O OG1 . THR A 1 38  ? -17.235 -5.350  3.562   1.00   30.24  ? 143 THR A OG1 1 
ATOM   300  C CG2 . THR A 1 38  ? -16.204 -5.132  1.488   1.00   31.20  ? 143 THR A CG2 1 
ATOM   301  N N   . VAL A 1 39  ? -13.271 -6.501  1.749   1.00   19.31  ? 144 VAL A N   1 
ATOM   302  C CA  . VAL A 1 39  ? -12.176 -6.295  0.829   1.00   23.41  ? 144 VAL A CA  1 
ATOM   303  C C   . VAL A 1 39  ? -12.659 -5.502  -0.367  1.00   32.95  ? 144 VAL A C   1 
ATOM   304  O O   . VAL A 1 39  ? -13.567 -5.901  -1.050  1.00   27.64  ? 144 VAL A O   1 
ATOM   305  C CB  . VAL A 1 39  ? -11.557 -7.599  0.371   1.00   29.73  ? 144 VAL A CB  1 
ATOM   306  C CG1 . VAL A 1 39  ? -10.503 -7.339  -0.619  1.00   24.76  ? 144 VAL A CG1 1 
ATOM   307  C CG2 . VAL A 1 39  ? -11.020 -8.365  1.523   1.00   27.33  ? 144 VAL A CG2 1 
ATOM   308  N N   . PHE A 1 40  ? -12.057 -4.354  -0.582  1.00   22.15  ? 145 PHE A N   1 
ATOM   309  C CA  . PHE A 1 40  ? -12.398 -3.546  -1.714  1.00   21.21  ? 145 PHE A CA  1 
ATOM   310  C C   . PHE A 1 40  ? -11.544 -3.781  -2.970  1.00   28.12  ? 145 PHE A C   1 
ATOM   311  O O   . PHE A 1 40  ? -11.987 -3.530  -4.029  1.00   29.23  ? 145 PHE A O   1 
ATOM   312  C CB  . PHE A 1 40  ? -12.538 -2.064  -1.358  1.00   20.18  ? 145 PHE A CB  1 
ATOM   313  C CG  . PHE A 1 40  ? -11.279 -1.414  -0.875  1.00   25.43  ? 145 PHE A CG  1 
ATOM   314  C CD1 . PHE A 1 40  ? -10.357 -0.927  -1.752  1.00   26.05  ? 145 PHE A CD1 1 
ATOM   315  C CD2 . PHE A 1 40  ? -11.039 -1.249  0.452   1.00   19.09  ? 145 PHE A CD2 1 
ATOM   316  C CE1 . PHE A 1 40  ? -9.239  -0.339  -1.299  1.00   28.08  ? 145 PHE A CE1 1 
ATOM   317  C CE2 . PHE A 1 40  ? -9.924  -0.662  0.875   1.00   21.95  ? 145 PHE A CE2 1 
ATOM   318  C CZ  . PHE A 1 40  ? -9.031  -0.218  0.013   1.00   23.28  ? 145 PHE A CZ  1 
ATOM   319  N N   . ASP A 1 41  ? -10.315 -4.222  -2.811  1.00   23.32  ? 146 ASP A N   1 
ATOM   320  C CA  . ASP A 1 41  ? -9.448  -4.510  -3.918  1.00   25.67  ? 146 ASP A CA  1 
ATOM   321  C C   . ASP A 1 41  ? -8.299  -5.401  -3.499  1.00   26.42  ? 146 ASP A C   1 
ATOM   322  O O   . ASP A 1 41  ? -7.895  -5.386  -2.380  1.00   23.32  ? 146 ASP A O   1 
ATOM   323  C CB  . ASP A 1 41  ? -8.936  -3.194  -4.487  1.00   27.22  ? 146 ASP A CB  1 
ATOM   324  C CG  . ASP A 1 41  ? -8.158  -3.347  -5.779  1.00   39.45  ? 146 ASP A CG  1 
ATOM   325  O OD1 . ASP A 1 41  ? -8.361  -4.285  -6.524  1.00   35.56  ? 146 ASP A OD1 1 
ATOM   326  O OD2 . ASP A 1 41  ? -7.343  -2.508  -6.044  1.00   31.64  ? 146 ASP A OD2 1 
ATOM   327  N N   . THR A 1 42  ? -7.806  -6.193  -4.430  1.00   25.41  ? 147 THR A N   1 
ATOM   328  C CA  . THR A 1 42  ? -6.607  -6.960  -4.259  1.00   23.39  ? 147 THR A CA  1 
ATOM   329  C C   . THR A 1 42  ? -5.980  -7.274  -5.600  1.00   33.94  ? 147 THR A C   1 
ATOM   330  O O   . THR A 1 42  ? -6.652  -7.364  -6.562  1.00   27.30  ? 147 THR A O   1 
ATOM   331  C CB  . THR A 1 42  ? -6.826  -8.224  -3.483  1.00   29.37  ? 147 THR A CB  1 
ATOM   332  O OG1 . THR A 1 42  ? -5.594  -8.894  -3.339  1.00   28.64  ? 147 THR A OG1 1 
ATOM   333  C CG2 . THR A 1 42  ? -7.756  -9.117  -4.185  1.00   29.07  ? 147 THR A CG2 1 
ATOM   334  N N   . ASN A 1 43  ? -4.676  -7.390  -5.652  1.00   27.19  ? 148 ASN A N   1 
ATOM   335  C CA  . ASN A 1 43  ? -4.025  -7.774  -6.876  1.00   34.18  ? 148 ASN A CA  1 
ATOM   336  C C   . ASN A 1 43  ? -3.419  -9.133  -6.728  1.00   31.88  ? 148 ASN A C   1 
ATOM   337  O O   . ASN A 1 43  ? -2.642  -9.542  -7.525  1.00   39.89  ? 148 ASN A O   1 
ATOM   338  C CB  . ASN A 1 43  ? -3.051  -6.720  -7.391  1.00   27.27  ? 148 ASN A CB  1 
ATOM   339  C CG  . ASN A 1 43  ? -1.834  -6.605  -6.560  1.00   27.68  ? 148 ASN A CG  1 
ATOM   340  O OD1 . ASN A 1 43  ? -1.741  -7.180  -5.533  1.00   29.55  ? 148 ASN A OD1 1 
ATOM   341  N ND2 . ASN A 1 43  ? -0.887  -5.860  -7.026  1.00   30.83  ? 148 ASN A ND2 1 
ATOM   342  N N   . ILE A 1 44  ? -3.801  -9.826  -5.676  1.00   31.56  ? 149 ILE A N   1 
ATOM   343  C CA  . ILE A 1 44  ? -3.295  -11.130 -5.384  1.00   27.52  ? 149 ILE A CA  1 
ATOM   344  C C   . ILE A 1 44  ? -4.257  -12.170 -5.944  1.00   58.03  ? 149 ILE A C   1 
ATOM   345  O O   . ILE A 1 44  ? -5.413  -12.188 -5.598  1.00   40.98  ? 149 ILE A O   1 
ATOM   346  C CB  . ILE A 1 44  ? -3.152  -11.318 -3.913  1.00   36.46  ? 149 ILE A CB  1 
ATOM   347  C CG1 . ILE A 1 44  ? -2.031  -10.455 -3.360  1.00   31.24  ? 149 ILE A CG1 1 
ATOM   348  C CG2 . ILE A 1 44  ? -2.874  -12.709 -3.614  1.00   42.95  ? 149 ILE A CG2 1 
ATOM   349  C CD1 . ILE A 1 44  ? -1.986  -10.406 -1.916  1.00   28.46  ? 149 ILE A CD1 1 
ATOM   350  N N   . GLN A 1 45  ? -3.746  -13.014 -6.834  1.00   58.92  ? 150 GLN A N   1 
ATOM   351  C CA  . GLN A 1 45  ? -4.534  -14.001 -7.561  1.00   69.59  ? 150 GLN A CA  1 
ATOM   352  C C   . GLN A 1 45  ? -4.828  -15.270 -6.772  1.00   67.78  ? 150 GLN A C   1 
ATOM   353  O O   . GLN A 1 45  ? -3.955  -15.819 -6.143  1.00   67.10  ? 150 GLN A O   1 
ATOM   354  C CB  . GLN A 1 45  ? -3.814  -14.345 -8.854  1.00   74.96  ? 150 GLN A CB  1 
ATOM   355  C CG  . GLN A 1 45  ? -4.682  -14.370 -10.040 1.00   88.88  ? 150 GLN A CG  1 
ATOM   356  C CD  . GLN A 1 45  ? -5.392  -13.083 -10.245 1.00   80.82  ? 150 GLN A CD  1 
ATOM   357  O OE1 . GLN A 1 45  ? -5.021  -12.096 -9.673  1.00   79.08  ? 150 GLN A OE1 1 
ATOM   358  N NE2 . GLN A 1 45  ? -6.412  -13.082 -11.069 1.00   82.48  ? 150 GLN A NE2 1 
ATOM   359  N N   . THR A 1 46  ? -6.085  -15.696 -6.785  1.00   79.70  ? 151 THR A N   1 
ATOM   360  C CA  . THR A 1 46  ? -6.522  -16.863 -6.027  1.00   88.95  ? 151 THR A CA  1 
ATOM   361  C C   . THR A 1 46  ? -5.949  -18.198 -6.456  1.00   95.84  ? 151 THR A C   1 
ATOM   362  O O   . THR A 1 46  ? -5.535  -18.994 -5.628  1.00   86.79  ? 151 THR A O   1 
ATOM   363  C CB  . THR A 1 46  ? -8.031  -17.009 -6.094  1.00   90.73  ? 151 THR A CB  1 
ATOM   364  O OG1 . THR A 1 46  ? -8.645  -15.720 -6.059  1.00   89.95  ? 151 THR A OG1 1 
ATOM   365  C CG2 . THR A 1 46  ? -8.510  -17.808 -4.927  1.00   93.87  ? 151 THR A CG2 1 
ATOM   366  N N   . SER A 1 47  ? -6.033  -18.479 -7.750  1.00   102.47 ? 152 SER A N   1 
ATOM   367  C CA  . SER A 1 47  ? -5.289  -19.563 -8.365  1.00   111.77 ? 152 SER A CA  1 
ATOM   368  C C   . SER A 1 47  ? -5.188  -19.623 -9.895  1.00   114.54 ? 152 SER A C   1 
ATOM   369  O O   . SER A 1 47  ? -5.987  -19.062 -10.621 1.00   104.15 ? 152 SER A O   1 
ATOM   370  C CB  . SER A 1 47  ? -5.664  -20.933 -7.824  1.00   112.79 ? 152 SER A CB  1 
ATOM   371  O OG  . SER A 1 47  ? -4.634  -21.839 -8.194  1.00   113.50 ? 152 SER A OG  1 
ATOM   372  N N   . SER A 1 48  ? -4.126  -20.299 -10.323 1.00   120.48 ? 153 SER A N   1 
ATOM   373  C CA  . SER A 1 48  ? -3.777  -20.678 -11.701 1.00   115.67 ? 153 SER A CA  1 
ATOM   374  C C   . SER A 1 48  ? -3.222  -19.524 -12.485 1.00   111.40 ? 153 SER A C   1 
ATOM   375  O O   . SER A 1 48  ? -2.834  -19.680 -13.622 1.00   105.90 ? 153 SER A O   1 
ATOM   376  C CB  . SER A 1 48  ? -4.923  -21.356 -12.442 1.00   112.52 ? 153 SER A CB  1 
ATOM   377  O OG  . SER A 1 48  ? -5.121  -22.665 -11.936 1.00   107.91 ? 153 SER A OG  1 
ATOM   378  N N   . LYS A 1 49  ? -3.294  -18.342 -11.884 1.00   115.90 ? 154 LYS A N   1 
ATOM   379  C CA  . LYS A 1 49  ? -2.648  -17.146 -12.368 1.00   107.70 ? 154 LYS A CA  1 
ATOM   380  C C   . LYS A 1 49  ? -1.780  -16.638 -11.254 1.00   106.62 ? 154 LYS A C   1 
ATOM   381  O O   . LYS A 1 49  ? -1.238  -15.566 -11.333 1.00   103.64 ? 154 LYS A O   1 
ATOM   382  C CB  . LYS A 1 49  ? -3.661  -16.063 -12.721 1.00   101.46 ? 154 LYS A CB  1 
ATOM   383  C CG  . LYS A 1 49  ? -3.052  -14.909 -13.473 1.00   100.06 ? 154 LYS A CG  1 
ATOM   384  C CD  . LYS A 1 49  ? -4.120  -13.951 -14.056 1.00   106.15 ? 154 LYS A CD  1 
ATOM   385  C CE  . LYS A 1 49  ? -5.281  -14.660 -14.740 1.00   103.32 ? 154 LYS A CE  1 
ATOM   386  N NZ  . LYS A 1 49  ? -6.368  -13.709 -15.135 1.00   94.71  ? 154 LYS A NZ  1 
ATOM   387  N N   . LYS A 1 50  ? -1.638  -17.420 -10.201 1.00   104.65 ? 155 LYS A N   1 
ATOM   388  C CA  . LYS A 1 50  ? -0.924  -16.908 -9.075  1.00   104.89 ? 155 LYS A CA  1 
ATOM   389  C C   . LYS A 1 50  ? 0.450   -16.539 -9.579  1.00   110.76 ? 155 LYS A C   1 
ATOM   390  O O   . LYS A 1 50  ? 0.949   -15.461 -9.289  1.00   107.51 ? 155 LYS A O   1 
ATOM   391  C CB  . LYS A 1 50  ? -0.837  -17.981 -8.012  1.00   103.06 ? 155 LYS A CB  1 
ATOM   392  C CG  . LYS A 1 50  ? -2.106  -18.798 -7.910  1.00   98.85  ? 155 LYS A CG  1 
ATOM   393  C CD  . LYS A 1 50  ? -1.839  -20.100 -7.239  1.00   92.63  ? 155 LYS A CD  1 
ATOM   394  C CE  . LYS A 1 50  ? -1.202  -19.881 -5.905  1.00   92.37  ? 155 LYS A CE  1 
ATOM   395  N NZ  . LYS A 1 50  ? -1.716  -20.907 -5.000  1.00   104.66 ? 155 LYS A NZ  1 
ATOM   396  N N   . LYS A 1 51  ? 1.075   -17.419 -10.328 1.00   107.36 ? 156 LYS A N   1 
ATOM   397  C CA  . LYS A 1 51  ? 2.350   -17.051 -10.903 1.00   115.76 ? 156 LYS A CA  1 
ATOM   398  C C   . LYS A 1 51  ? 2.321   -16.966 -12.413 1.00   111.28 ? 156 LYS A C   1 
ATOM   399  O O   . LYS A 1 51  ? 3.177   -16.334 -12.998 1.00   108.89 ? 156 LYS A O   1 
ATOM   400  C CB  . LYS A 1 51  ? 3.477   -17.988 -10.450 1.00   108.58 ? 156 LYS A CB  1 
ATOM   401  C CG  . LYS A 1 51  ? 4.533   -17.360 -9.525  1.00   109.62 ? 156 LYS A CG  1 
ATOM   402  C CD  . LYS A 1 51  ? 5.462   -16.387 -10.280 1.00   108.30 ? 156 LYS A CD  1 
ATOM   403  C CE  . LYS A 1 51  ? 6.754   -16.124 -9.539  1.00   107.21 ? 156 LYS A CE  1 
ATOM   404  N NZ  . LYS A 1 51  ? 7.755   -15.412 -10.384 1.00   97.40  ? 156 LYS A NZ  1 
ATOM   405  N N   . LYS A 1 52  ? 1.358   -17.613 -13.050 1.00   109.99 ? 157 LYS A N   1 
ATOM   406  C CA  . LYS A 1 52  ? 1.477   -17.740 -14.485 1.00   113.16 ? 157 LYS A CA  1 
ATOM   407  C C   . LYS A 1 52  ? 1.518   -16.396 -15.158 1.00   112.86 ? 157 LYS A C   1 
ATOM   408  O O   . LYS A 1 52  ? 2.399   -16.130 -15.976 1.00   110.03 ? 157 LYS A O   1 
ATOM   409  C CB  . LYS A 1 52  ? 0.284   -18.516 -15.044 1.00   109.58 ? 157 LYS A CB  1 
ATOM   410  C CG  . LYS A 1 52  ? -1.061  -17.794 -14.894 1.00   108.81 ? 157 LYS A CG  1 
ATOM   411  C CD  . LYS A 1 52  ? -2.171  -18.473 -15.690 1.00   107.38 ? 157 LYS A CD  1 
ATOM   412  C CE  . LYS A 1 52  ? -3.438  -17.652 -15.739 1.00   102.10 ? 157 LYS A CE  1 
ATOM   413  N NZ  . LYS A 1 52  ? -3.299  -16.549 -16.710 1.00   100.40 ? 157 LYS A NZ  1 
ATOM   414  N N   . ASN A 1 53  ? 0.554   -15.539 -14.879 1.00   103.31 ? 158 ASN A N   1 
ATOM   415  C CA  . ASN A 1 53  ? 0.651   -14.248 -15.519 1.00   103.76 ? 158 ASN A CA  1 
ATOM   416  C C   . ASN A 1 53  ? 0.584   -12.996 -14.657 1.00   87.29  ? 158 ASN A C   1 
ATOM   417  O O   . ASN A 1 53  ? 0.907   -11.929 -15.135 1.00   84.83  ? 158 ASN A O   1 
ATOM   418  C CB  . ASN A 1 53  ? -0.307  -14.154 -16.700 1.00   105.39 ? 158 ASN A CB  1 
ATOM   419  C CG  . ASN A 1 53  ? -1.667  -13.658 -16.310 1.00   108.89 ? 158 ASN A CG  1 
ATOM   420  O OD1 . ASN A 1 53  ? -2.113  -12.619 -16.790 1.00   106.80 ? 158 ASN A OD1 1 
ATOM   421  N ND2 . ASN A 1 53  ? -2.356  -14.413 -15.463 1.00   103.60 ? 158 ASN A ND2 1 
ATOM   422  N N   . ALA A 1 54  ? 0.145   -13.121 -13.417 1.00   84.74  ? 159 ALA A N   1 
ATOM   423  C CA  . ALA A 1 54  ? -0.128  -11.938 -12.604 1.00   72.31  ? 159 ALA A CA  1 
ATOM   424  C C   . ALA A 1 54  ? 1.061   -11.052 -12.331 1.00   56.07  ? 159 ALA A C   1 
ATOM   425  O O   . ALA A 1 54  ? 2.119   -11.500 -11.960 1.00   53.79  ? 159 ALA A O   1 
ATOM   426  C CB  . ALA A 1 54  ? -0.803  -12.306 -11.323 1.00   72.35  ? 159 ALA A CB  1 
ATOM   427  N N   . LYS A 1 55  ? 0.836   -9.760  -12.522 1.00   51.39  ? 160 LYS A N   1 
ATOM   428  C CA  . LYS A 1 55  ? 1.865   -8.770  -12.358 1.00   50.68  ? 160 LYS A CA  1 
ATOM   429  C C   . LYS A 1 55  ? 1.593   -7.877  -11.153 1.00   35.77  ? 160 LYS A C   1 
ATOM   430  O O   . LYS A 1 55  ? 0.486   -7.460  -10.942 1.00   34.34  ? 160 LYS A O   1 
ATOM   431  C CB  . LYS A 1 55  ? 2.008   -7.971  -13.626 1.00   50.18  ? 160 LYS A CB  1 
ATOM   432  C CG  . LYS A 1 55  ? 2.483   -8.779  -14.824 1.00   62.57  ? 160 LYS A CG  1 
ATOM   433  C CD  . LYS A 1 55  ? 3.832   -9.390  -14.565 1.00   68.52  ? 160 LYS A CD  1 
ATOM   434  C CE  . LYS A 1 55  ? 4.552   -9.753  -15.835 1.00   77.57  ? 160 LYS A CE  1 
ATOM   435  N NZ  . LYS A 1 55  ? 5.409   -10.930 -15.590 1.00   79.40  ? 160 LYS A NZ  1 
ATOM   436  N N   . PRO A 1 56  ? 2.615   -7.636  -10.356 1.00   39.98  ? 161 PRO A N   1 
ATOM   437  C CA  . PRO A 1 56  ? 2.476   -6.801  -9.172  1.00   26.91  ? 161 PRO A CA  1 
ATOM   438  C C   . PRO A 1 56  ? 2.350   -5.361  -9.526  1.00   36.82  ? 161 PRO A C   1 
ATOM   439  O O   . PRO A 1 56  ? 2.761   -4.986  -10.575 1.00   31.34  ? 161 PRO A O   1 
ATOM   440  C CB  . PRO A 1 56  ? 3.774   -7.019  -8.439  1.00   32.18  ? 161 PRO A CB  1 
ATOM   441  C CG  . PRO A 1 56  ? 4.543   -7.905  -9.201  1.00   41.95  ? 161 PRO A CG  1 
ATOM   442  C CD  . PRO A 1 56  ? 3.997   -8.057  -10.529 1.00   40.27  ? 161 PRO A CD  1 
ATOM   443  N N   . LEU A 1 57  ? 1.778   -4.569  -8.653  1.00   25.72  ? 162 LEU A N   1 
ATOM   444  C CA  . LEU A 1 57  ? 1.670   -3.170  -8.890  1.00   30.69  ? 162 LEU A CA  1 
ATOM   445  C C   . LEU A 1 57  ? 3.089   -2.583  -8.973  1.00   36.51  ? 162 LEU A C   1 
ATOM   446  O O   . LEU A 1 57  ? 3.937   -2.951  -8.201  1.00   34.24  ? 162 LEU A O   1 
ATOM   447  C CB  . LEU A 1 57  ? 0.894   -2.534  -7.755  1.00   27.05  ? 162 LEU A CB  1 
ATOM   448  C CG  . LEU A 1 57  ? 0.483   -1.087  -7.859  1.00   34.96  ? 162 LEU A CG  1 
ATOM   449  C CD1 . LEU A 1 57  ? -0.589  -0.891  -8.838  1.00   36.75  ? 162 LEU A CD1 1 
ATOM   450  C CD2 . LEU A 1 57  ? 0.091   -0.563  -6.540  1.00   35.41  ? 162 LEU A CD2 1 
ATOM   451  N N   . SER A 1 58  ? 3.322   -1.679  -9.908  1.00   25.84  ? 163 SER A N   1 
ATOM   452  C CA  A SER A 1 58  ? 4.463   -1.041  -10.254 0.52   30.80  ? 163 SER A CA  1 
ATOM   453  C CA  B SER A 1 58  ? 4.459   -1.041  -10.247 0.48   30.80  ? 163 SER A CA  1 
ATOM   454  C C   . SER A 1 58  ? 4.359   0.421   -10.224 1.00   32.60  ? 163 SER A C   1 
ATOM   455  O O   . SER A 1 58  ? 3.483   0.939   -10.840 1.00   34.95  ? 163 SER A O   1 
ATOM   456  C CB  A SER A 1 58  ? 5.045   -1.464  -11.608 0.52   37.59  ? 163 SER A CB  1 
ATOM   457  C CB  B SER A 1 58  ? 5.048   -1.474  -11.589 0.48   37.59  ? 163 SER A CB  1 
ATOM   458  O OG  A SER A 1 58  ? 5.603   -2.767  -11.545 0.52   42.91  ? 163 SER A OG  1 
ATOM   459  O OG  B SER A 1 58  ? 6.245   -0.769  -11.858 0.48   31.72  ? 163 SER A OG  1 
ATOM   460  N N   . PHE A 1 59  ? 5.217   1.130   -9.509  1.00   26.68  ? 164 PHE A N   1 
ATOM   461  C CA  A PHE A 1 59  ? 5.135   2.590   -9.443  0.52   26.26  ? 164 PHE A CA  1 
ATOM   462  C CA  B PHE A 1 59  ? 5.135   2.587   -9.447  0.48   26.27  ? 164 PHE A CA  1 
ATOM   463  C C   . PHE A 1 59  ? 6.434   3.081   -8.914  1.00   26.54  ? 164 PHE A C   1 
ATOM   464  O O   . PHE A 1 59  ? 7.133   2.495   -8.163  1.00   25.09  ? 164 PHE A O   1 
ATOM   465  C CB  A PHE A 1 59  ? 3.928   3.105   -8.650  0.52   28.20  ? 164 PHE A CB  1 
ATOM   466  C CB  B PHE A 1 59  ? 3.933   3.111   -8.652  0.48   28.20  ? 164 PHE A CB  1 
ATOM   467  C CG  A PHE A 1 59  ? 3.930   2.697   -7.201  0.52   30.39  ? 164 PHE A CG  1 
ATOM   468  C CG  B PHE A 1 59  ? 3.905   2.658   -7.218  0.48   30.40  ? 164 PHE A CG  1 
ATOM   469  C CD1 A PHE A 1 59  ? 3.433   1.467   -6.813  0.52   32.42  ? 164 PHE A CD1 1 
ATOM   470  C CD1 B PHE A 1 59  ? 3.388   1.419   -6.879  0.48   32.41  ? 164 PHE A CD1 1 
ATOM   471  C CD2 A PHE A 1 59  ? 4.425   3.550   -6.229  0.52   26.41  ? 164 PHE A CD2 1 
ATOM   472  C CD2 B PHE A 1 59  ? 4.394   3.471   -6.210  0.48   26.41  ? 164 PHE A CD2 1 
ATOM   473  C CE1 A PHE A 1 59  ? 3.432   1.092   -5.484  0.52   30.69  ? 164 PHE A CE1 1 
ATOM   474  C CE1 B PHE A 1 59  ? 3.361   1.002   -5.564  0.48   30.73  ? 164 PHE A CE1 1 
ATOM   475  C CE2 A PHE A 1 59  ? 4.426   3.179   -4.897  0.52   28.12  ? 164 PHE A CE2 1 
ATOM   476  C CE2 B PHE A 1 59  ? 4.368   3.057   -4.892  0.48   28.06  ? 164 PHE A CE2 1 
ATOM   477  C CZ  A PHE A 1 59  ? 3.929   1.949   -4.527  0.52   25.34  ? 164 PHE A CZ  1 
ATOM   478  C CZ  B PHE A 1 59  ? 3.852   1.822   -4.571  0.48   25.37  ? 164 PHE A CZ  1 
ATOM   479  N N   . LYS A 1 60  ? 6.673   4.331   -9.231  1.00   25.18  ? 165 LYS A N   1 
ATOM   480  C CA  . LYS A 1 60  ? 7.771   5.099   -8.737  1.00   27.95  ? 165 LYS A CA  1 
ATOM   481  C C   . LYS A 1 60  ? 7.351   5.705   -7.411  1.00   24.24  ? 165 LYS A C   1 
ATOM   482  O O   . LYS A 1 60  ? 6.341   6.319   -7.301  1.00   25.31  ? 165 LYS A O   1 
ATOM   483  C CB  . LYS A 1 60  ? 8.144   6.159   -9.752  1.00   29.34  ? 165 LYS A CB  1 
ATOM   484  C CG  . LYS A 1 60  ? 9.045   7.212   -9.295  1.00   37.30  ? 165 LYS A CG  1 
ATOM   485  C CD  . LYS A 1 60  ? 9.574   8.016   -10.436 1.00   34.32  ? 165 LYS A CD  1 
ATOM   486  C CE  . LYS A 1 60  ? 9.997   7.117   -11.527 1.00   41.60  ? 165 LYS A CE  1 
ATOM   487  N NZ  . LYS A 1 60  ? 10.678  7.854   -12.570 1.00   66.87  ? 165 LYS A NZ  1 
ATOM   488  N N   . VAL A 1 61  ? 8.149   5.468   -6.406  1.00   25.15  ? 166 VAL A N   1 
ATOM   489  C CA  . VAL A 1 61  ? 7.838   5.840   -5.040  1.00   21.61  ? 166 VAL A CA  1 
ATOM   490  C C   . VAL A 1 61  ? 8.258   7.242   -4.655  1.00   28.19  ? 166 VAL A C   1 
ATOM   491  O O   . VAL A 1 61  ? 9.194   7.741   -5.182  1.00   26.22  ? 166 VAL A O   1 
ATOM   492  C CB  . VAL A 1 61  ? 8.442   4.830   -4.099  1.00   28.34  ? 166 VAL A CB  1 
ATOM   493  C CG1 . VAL A 1 61  ? 9.863   5.035   -3.970  1.00   27.39  ? 166 VAL A CG1 1 
ATOM   494  C CG2 . VAL A 1 61  ? 7.771   4.848   -2.792  1.00   29.09  ? 166 VAL A CG2 1 
ATOM   495  N N   . GLY A 1 62  ? 7.535   7.857   -3.742  1.00   19.30  ? 167 GLY A N   1 
ATOM   496  C CA  . GLY A 1 62  ? 7.836   9.173   -3.256  1.00   20.62  ? 167 GLY A CA  1 
ATOM   497  C C   . GLY A 1 62  ? 7.547   10.384  -4.119  1.00   26.19  ? 167 GLY A C   1 
ATOM   498  O O   . GLY A 1 62  ? 7.968   11.458  -3.841  1.00   24.56  ? 167 GLY A O   1 
ATOM   499  N N   . VAL A 1 63  ? 6.829   10.180  -5.202  1.00   28.05  ? 168 VAL A N   1 
ATOM   500  C CA  . VAL A 1 63  ? 6.513   11.231  -6.137  1.00   25.57  ? 168 VAL A CA  1 
ATOM   501  C C   . VAL A 1 63  ? 5.013   11.485  -6.365  1.00   33.37  ? 168 VAL A C   1 
ATOM   502  O O   . VAL A 1 63  ? 4.655   12.140  -7.288  1.00   27.92  ? 168 VAL A O   1 
ATOM   503  C CB  . VAL A 1 63  ? 7.224   10.988  -7.472  1.00   29.25  ? 168 VAL A CB  1 
ATOM   504  C CG1 . VAL A 1 63  ? 8.681   10.891  -7.247  1.00   32.19  ? 168 VAL A CG1 1 
ATOM   505  C CG2 . VAL A 1 63  ? 6.768   9.744   -8.082  1.00   22.53  ? 168 VAL A CG2 1 
ATOM   506  N N   . GLY A 1 64  ? 4.157   10.974  -5.509  1.00   27.25  ? 169 GLY A N   1 
ATOM   507  C CA  . GLY A 1 64  ? 2.750   11.230  -5.643  1.00   28.34  ? 169 GLY A CA  1 
ATOM   508  C C   . GLY A 1 64  ? 1.974   10.423  -6.643  1.00   23.75  ? 169 GLY A C   1 
ATOM   509  O O   . GLY A 1 64  ? 0.940   10.829  -7.059  1.00   31.08  ? 169 GLY A O   1 
ATOM   510  N N   . LYS A 1 65  ? 2.514   9.307   -7.059  1.00   22.13  ? 170 LYS A N   1 
ATOM   511  C CA  . LYS A 1 65  ? 1.809   8.369   -7.897  1.00   29.30  ? 170 LYS A CA  1 
ATOM   512  C C   . LYS A 1 65  ? 0.718   7.570   -7.185  1.00   27.00  ? 170 LYS A C   1 
ATOM   513  O O   . LYS A 1 65  ? -0.162  7.082   -7.802  1.00   22.27  ? 170 LYS A O   1 
ATOM   514  C CB  . LYS A 1 65  ? 2.757   7.485   -8.661  1.00   26.48  ? 170 LYS A CB  1 
ATOM   515  C CG  . LYS A 1 65  ? 3.511   8.262   -9.699  1.00   32.50  ? 170 LYS A CG  1 
ATOM   516  C CD  . LYS A 1 65  ? 3.981   7.438   -10.793 1.00   44.53  ? 170 LYS A CD  1 
ATOM   517  C CE  . LYS A 1 65  ? 4.629   8.264   -11.891 1.00   48.44  ? 170 LYS A CE  1 
ATOM   518  N NZ  . LYS A 1 65  ? 3.772   9.334   -12.430 1.00   49.80  ? 170 LYS A NZ  1 
ATOM   519  N N   . VAL A 1 66  ? 0.848   7.461   -5.872  1.00   25.01  ? 171 VAL A N   1 
ATOM   520  C CA  . VAL A 1 66  ? -0.058  6.731   -5.010  1.00   20.12  ? 171 VAL A CA  1 
ATOM   521  C C   . VAL A 1 66  ? -0.419  7.606   -3.824  1.00   22.38  ? 171 VAL A C   1 
ATOM   522  O O   . VAL A 1 66  ? 0.225   8.565   -3.563  1.00   22.07  ? 171 VAL A O   1 
ATOM   523  C CB  . VAL A 1 66  ? 0.523   5.433   -4.495  1.00   18.50  ? 171 VAL A CB  1 
ATOM   524  C CG1 . VAL A 1 66  ? 0.675   4.430   -5.563  1.00   22.44  ? 171 VAL A CG1 1 
ATOM   525  C CG2 . VAL A 1 66  ? 1.783   5.656   -3.779  1.00   18.13  ? 171 VAL A CG2 1 
ATOM   526  N N   . ILE A 1 67  ? -1.429  7.204   -3.082  1.00   18.12  ? 172 ILE A N   1 
ATOM   527  C CA  . ILE A 1 67  ? -1.887  7.958   -1.938  1.00   19.04  ? 172 ILE A CA  1 
ATOM   528  C C   . ILE A 1 67  ? -0.745  8.132   -0.914  1.00   15.45  ? 172 ILE A C   1 
ATOM   529  O O   . ILE A 1 67  ? 0.164   7.381   -0.872  1.00   17.31  ? 172 ILE A O   1 
ATOM   530  C CB  . ILE A 1 67  ? -3.141  7.323   -1.293  1.00   18.53  ? 172 ILE A CB  1 
ATOM   531  C CG1 . ILE A 1 67  ? -2.880  5.898   -0.845  1.00   17.91  ? 172 ILE A CG1 1 
ATOM   532  C CG2 . ILE A 1 67  ? -4.337  7.366   -2.259  1.00   18.99  ? 172 ILE A CG2 1 
ATOM   533  C CD1 . ILE A 1 67  ? -3.976  5.295   -0.130  1.00   18.17  ? 172 ILE A CD1 1 
ATOM   534  N N   . ARG A 1 68  ? -0.828  9.187   -0.140  1.00   17.78  ? 173 ARG A N   1 
ATOM   535  C CA  . ARG A 1 68  ? 0.282   9.627   0.666   1.00   20.98  ? 173 ARG A CA  1 
ATOM   536  C C   . ARG A 1 68  ? 0.729   8.546   1.650   1.00   17.57  ? 173 ARG A C   1 
ATOM   537  O O   . ARG A 1 68  ? 1.849   8.320   1.789   1.00   18.15  ? 173 ARG A O   1 
ATOM   538  C CB  . ARG A 1 68  ? -0.018  10.951  1.353   1.00   18.38  ? 173 ARG A CB  1 
ATOM   539  C CG  . ARG A 1 68  ? 1.155   11.566  2.018   1.00   18.31  ? 173 ARG A CG  1 
ATOM   540  C CD  . ARG A 1 68  ? 0.910   12.975  2.478   1.00   25.61  ? 173 ARG A CD  1 
ATOM   541  N NE  . ARG A 1 68  ? 2.054   13.527  3.163   1.00   28.17  ? 173 ARG A NE  1 
ATOM   542  C CZ  . ARG A 1 68  ? 2.059   14.642  3.876   1.00   38.38  ? 173 ARG A CZ  1 
ATOM   543  N NH1 . ARG A 1 68  ? 3.162   15.050  4.460   1.00   31.92  ? 173 ARG A NH1 1 
ATOM   544  N NH2 . ARG A 1 68  ? 0.982   15.349  4.016   1.00   33.54  ? 173 ARG A NH2 1 
ATOM   545  N N   . GLY A 1 69  ? -0.201  7.841   2.243   1.00   16.93  ? 174 GLY A N   1 
ATOM   546  C CA  . GLY A 1 69  ? 0.107   6.811   3.185   1.00   16.10  ? 174 GLY A CA  1 
ATOM   547  C C   . GLY A 1 69  ? 0.951   5.710   2.577   1.00   23.50  ? 174 GLY A C   1 
ATOM   548  O O   . GLY A 1 69  ? 1.826   5.261   3.232   1.00   16.89  ? 174 GLY A O   1 
ATOM   549  N N   . TRP A 1 70  ? 0.672   5.292   1.344   1.00   15.93  ? 175 TRP A N   1 
ATOM   550  C CA  . TRP A 1 70  ? 1.505   4.340   0.654   1.00   13.82  ? 175 TRP A CA  1 
ATOM   551  C C   . TRP A 1 70  ? 2.897   4.908   0.344   1.00   15.19  ? 175 TRP A C   1 
ATOM   552  O O   . TRP A 1 70  ? 3.865   4.286   0.537   1.00   19.24  ? 175 TRP A O   1 
ATOM   553  C CB  . TRP A 1 70  ? 0.851   3.870   -0.632  1.00   15.92  ? 175 TRP A CB  1 
ATOM   554  C CG  . TRP A 1 70  ? -0.011  2.666   -0.570  1.00   14.73  ? 175 TRP A CG  1 
ATOM   555  C CD1 . TRP A 1 70  ? -1.170  2.533   0.077   1.00   15.65  ? 175 TRP A CD1 1 
ATOM   556  C CD2 . TRP A 1 70  ? 0.209   1.453   -1.246  1.00   16.64  ? 175 TRP A CD2 1 
ATOM   557  N NE1 . TRP A 1 70  ? -1.701  1.304   -0.129  1.00   20.81  ? 175 TRP A NE1 1 
ATOM   558  C CE2 . TRP A 1 70  ? -0.868  0.621   -0.965  1.00   21.12  ? 175 TRP A CE2 1 
ATOM   559  C CE3 . TRP A 1 70  ? 1.216   0.981   -2.074  1.00   17.99  ? 175 TRP A CE3 1 
ATOM   560  C CZ2 . TRP A 1 70  ? -0.956  -0.652  -1.464  1.00   16.30  ? 175 TRP A CZ2 1 
ATOM   561  C CZ3 . TRP A 1 70  ? 1.122   -0.265  -2.570  1.00   18.24  ? 175 TRP A CZ3 1 
ATOM   562  C CH2 . TRP A 1 70  ? 0.036   -1.072  -2.269  1.00   24.01  ? 175 TRP A CH2 1 
ATOM   563  N N   . ASP A 1 71  ? 2.950   6.115   -0.162  1.00   18.13  ? 176 ASP A N   1 
ATOM   564  C CA  . ASP A 1 71  ? 4.221   6.684   -0.509  1.00   19.26  ? 176 ASP A CA  1 
ATOM   565  C C   . ASP A 1 71  ? 5.137   6.805   0.717   1.00   28.47  ? 176 ASP A C   1 
ATOM   566  O O   . ASP A 1 71  ? 6.261   6.423   0.676   1.00   27.67  ? 176 ASP A O   1 
ATOM   567  C CB  . ASP A 1 71  ? 4.002   8.055   -1.113  1.00   24.73  ? 176 ASP A CB  1 
ATOM   568  C CG  . ASP A 1 71  ? 4.363   8.140   -2.593  1.00   25.25  ? 176 ASP A CG  1 
ATOM   569  O OD1 . ASP A 1 71  ? 4.804   7.185   -3.183  1.00   24.99  ? 176 ASP A OD1 1 
ATOM   570  O OD2 . ASP A 1 71  ? 4.197   9.215   -3.125  1.00   26.13  ? 176 ASP A OD2 1 
ATOM   571  N N   . GLU A 1 72  ? 4.646   7.323   1.814   1.00   18.59  ? 177 GLU A N   1 
ATOM   572  C CA  . GLU A 1 72  ? 5.472   7.373   2.974   1.00   21.16  ? 177 GLU A CA  1 
ATOM   573  C C   . GLU A 1 72  ? 5.794   5.996   3.580   1.00   17.45  ? 177 GLU A C   1 
ATOM   574  O O   . GLU A 1 72  ? 6.882   5.763   3.959   1.00   16.86  ? 177 GLU A O   1 
ATOM   575  C CB  . GLU A 1 72  ? 5.001   8.433   3.950   1.00   20.40  ? 177 GLU A CB  1 
ATOM   576  C CG  . GLU A 1 72  ? 4.773   9.745   3.266   1.00   20.84  ? 177 GLU A CG  1 
ATOM   577  C CD  . GLU A 1 72  ? 5.002   10.985  4.109   1.00   25.51  ? 177 GLU A CD  1 
ATOM   578  O OE1 . GLU A 1 72  ? 5.315   10.914  5.277   1.00   24.12  ? 177 GLU A OE1 1 
ATOM   579  O OE2 . GLU A 1 72  ? 4.815   12.038  3.532   1.00   32.90  ? 177 GLU A OE2 1 
ATOM   580  N N   . ALA A 1 73  ? 4.826   5.103   3.624   1.00   15.02  ? 178 ALA A N   1 
ATOM   581  C CA  . ALA A 1 73  ? 5.049   3.810   4.201   1.00   15.38  ? 178 ALA A CA  1 
ATOM   582  C C   . ALA A 1 73  ? 6.113   3.036   3.462   1.00   19.51  ? 178 ALA A C   1 
ATOM   583  O O   . ALA A 1 73  ? 6.939   2.462   4.069   1.00   15.80  ? 178 ALA A O   1 
ATOM   584  C CB  . ALA A 1 73  ? 3.810   3.024   4.268   1.00   15.07  ? 178 ALA A CB  1 
ATOM   585  N N   . LEU A 1 74  ? 6.092   3.091   2.150   1.00   15.17  ? 179 LEU A N   1 
ATOM   586  C CA  . LEU A 1 74  ? 7.005   2.311   1.340   1.00   17.35  ? 179 LEU A CA  1 
ATOM   587  C C   . LEU A 1 74  ? 8.452   2.666   1.627   1.00   18.53  ? 179 LEU A C   1 
ATOM   588  O O   . LEU A 1 74  ? 9.285   1.834   1.647   1.00   17.60  ? 179 LEU A O   1 
ATOM   589  C CB  . LEU A 1 74  ? 6.686   2.405   -0.145  1.00   15.47  ? 179 LEU A CB  1 
ATOM   590  C CG  . LEU A 1 74  ? 5.799   1.315   -0.708  1.00   17.74  ? 179 LEU A CG  1 
ATOM   591  C CD1 . LEU A 1 74  ? 6.452   0.052   -0.621  1.00   26.37  ? 179 LEU A CD1 1 
ATOM   592  C CD2 . LEU A 1 74  ? 4.593   1.217   0.011   1.00   25.33  ? 179 LEU A CD2 1 
ATOM   593  N N   . LEU A 1 75  ? 8.684   3.924   1.896   1.00   14.55  ? 180 LEU A N   1 
ATOM   594  C CA  . LEU A 1 75  ? 10.000  4.409   2.205   1.00   14.73  ? 180 LEU A CA  1 
ATOM   595  C C   . LEU A 1 75  ? 10.564  3.818   3.510   1.00   17.60  ? 180 LEU A C   1 
ATOM   596  O O   . LEU A 1 75  ? 11.707  3.900   3.747   1.00   19.44  ? 180 LEU A O   1 
ATOM   597  C CB  . LEU A 1 75  ? 10.051  5.923   2.203   1.00   15.01  ? 180 LEU A CB  1 
ATOM   598  C CG  . LEU A 1 75  ? 9.745   6.599   0.872   1.00   20.04  ? 180 LEU A CG  1 
ATOM   599  C CD1 . LEU A 1 75  ? 9.686   8.032   0.972   1.00   21.84  ? 180 LEU A CD1 1 
ATOM   600  C CD2 . LEU A 1 75  ? 10.673  6.205   -0.173  1.00   22.38  ? 180 LEU A CD2 1 
ATOM   601  N N   . THR A 1 76  ? 9.701   3.308   4.368   1.00   14.74  ? 181 THR A N   1 
ATOM   602  C CA  . THR A 1 76  ? 10.089  2.696   5.618   1.00   17.70  ? 181 THR A CA  1 
ATOM   603  C C   . THR A 1 76  ? 10.253  1.184   5.507   1.00   17.41  ? 181 THR A C   1 
ATOM   604  O O   . THR A 1 76  ? 10.681  0.577   6.422   1.00   14.80  ? 181 THR A O   1 
ATOM   605  C CB  . THR A 1 76  ? 9.079   2.968   6.739   1.00   18.77  ? 181 THR A CB  1 
ATOM   606  O OG1 . THR A 1 76  ? 7.906   2.204   6.537   1.00   17.20  ? 181 THR A OG1 1 
ATOM   607  C CG2 . THR A 1 76  ? 8.741   4.424   6.841   1.00   19.49  ? 181 THR A CG2 1 
ATOM   608  N N   . MET A 1 77  ? 9.889   0.621   4.376   1.00   16.50  ? 182 MET A N   1 
ATOM   609  C CA  . MET A 1 77  ? 9.916   -0.809  4.187   1.00   14.41  ? 182 MET A CA  1 
ATOM   610  C C   . MET A 1 77  ? 11.173  -1.312  3.496   1.00   20.04  ? 182 MET A C   1 
ATOM   611  O O   . MET A 1 77  ? 11.718  -0.653  2.706   1.00   18.89  ? 182 MET A O   1 
ATOM   612  C CB  . MET A 1 77  ? 8.682   -1.282  3.417   1.00   15.40  ? 182 MET A CB  1 
ATOM   613  C CG  . MET A 1 77  ? 7.328   -1.024  4.062   1.00   16.71  ? 182 MET A CG  1 
ATOM   614  S SD  . MET A 1 77  ? 5.856   -1.440  3.118   1.00   19.94  ? 182 MET A SD  1 
ATOM   615  C CE  . MET A 1 77  ? 6.038   -3.166  2.949   1.00   18.68  ? 182 MET A CE  1 
ATOM   616  N N   . SER A 1 78  ? 11.582  -2.522  3.837   1.00   21.60  ? 183 SER A N   1 
ATOM   617  C CA  . SER A 1 78  ? 12.696  -3.189  3.217   1.00   17.01  ? 183 SER A CA  1 
ATOM   618  C C   . SER A 1 78  ? 12.192  -4.335  2.311   1.00   23.42  ? 183 SER A C   1 
ATOM   619  O O   . SER A 1 78  ? 11.132  -4.848  2.469   1.00   19.07  ? 183 SER A O   1 
ATOM   620  C CB  . SER A 1 78  ? 13.698  -3.663  4.244   1.00   17.30  ? 183 SER A CB  1 
ATOM   621  O OG  . SER A 1 78  ? 13.185  -4.665  5.022   1.00   21.04  ? 183 SER A OG  1 
ATOM   622  N N   . LYS A 1 79  ? 12.994  -4.719  1.353   1.00   23.03  ? 184 LYS A N   1 
ATOM   623  C CA  . LYS A 1 79  ? 12.550  -5.685  0.390   1.00   23.97  ? 184 LYS A CA  1 
ATOM   624  C C   . LYS A 1 79  ? 12.113  -6.978  1.037   1.00   24.10  ? 184 LYS A C   1 
ATOM   625  O O   . LYS A 1 79  ? 12.751  -7.501  1.875   1.00   23.98  ? 184 LYS A O   1 
ATOM   626  C CB  . LYS A 1 79  ? 13.657  -5.931  -0.592  1.00   30.21  ? 184 LYS A CB  1 
ATOM   627  C CG  . LYS A 1 79  ? 13.341  -6.830  -1.706  1.00   32.21  ? 184 LYS A CG  1 
ATOM   628  C CD  . LYS A 1 79  ? 14.483  -6.836  -2.672  1.00   31.38  ? 184 LYS A CD  1 
ATOM   629  C CE  . LYS A 1 79  ? 14.408  -7.951  -3.610  1.00   46.56  ? 184 LYS A CE  1 
ATOM   630  N NZ  . LYS A 1 79  ? 15.406  -7.822  -4.623  1.00   49.18  ? 184 LYS A NZ  1 
ATOM   631  N N   . GLY A 1 80  ? 10.973  -7.454  0.616   1.00   23.39  ? 185 GLY A N   1 
ATOM   632  C CA  . GLY A 1 80  ? 10.388  -8.659  1.135   1.00   23.26  ? 185 GLY A CA  1 
ATOM   633  C C   . GLY A 1 80  ? 9.482   -8.452  2.330   1.00   28.26  ? 185 GLY A C   1 
ATOM   634  O O   . GLY A 1 80  ? 8.803   -9.340  2.748   1.00   22.97  ? 185 GLY A O   1 
ATOM   635  N N   . GLU A 1 81  ? 9.481   -7.244  2.855   1.00   18.82  ? 186 GLU A N   1 
ATOM   636  C CA  . GLU A 1 81  ? 8.631   -6.926  3.958   1.00   18.00  ? 186 GLU A CA  1 
ATOM   637  C C   . GLU A 1 81  ? 7.140   -6.971  3.621   1.00   19.79  ? 186 GLU A C   1 
ATOM   638  O O   . GLU A 1 81  ? 6.717   -6.550  2.577   1.00   21.31  ? 186 GLU A O   1 
ATOM   639  C CB  . GLU A 1 81  ? 8.995   -5.562  4.551   1.00   18.74  ? 186 GLU A CB  1 
ATOM   640  C CG  . GLU A 1 81  ? 8.193   -5.148  5.745   1.00   18.47  ? 186 GLU A CG  1 
ATOM   641  C CD  . GLU A 1 81  ? 8.647   -3.827  6.359   1.00   21.48  ? 186 GLU A CD  1 
ATOM   642  O OE1 . GLU A 1 81  ? 9.831   -3.555  6.399   1.00   19.96  ? 186 GLU A OE1 1 
ATOM   643  O OE2 . GLU A 1 81  ? 7.794   -3.069  6.752   1.00   18.89  ? 186 GLU A OE2 1 
ATOM   644  N N   . LYS A 1 82  ? 6.373   -7.490  4.549   1.00   20.47  ? 187 LYS A N   1 
ATOM   645  C CA  . LYS A 1 82  ? 4.935   -7.481  4.459   1.00   19.48  ? 187 LYS A CA  1 
ATOM   646  C C   . LYS A 1 82  ? 4.388   -6.707  5.633   1.00   19.70  ? 187 LYS A C   1 
ATOM   647  O O   . LYS A 1 82  ? 4.709   -6.965  6.738   1.00   23.70  ? 187 LYS A O   1 
ATOM   648  C CB  . LYS A 1 82  ? 4.345   -8.872  4.388   1.00   20.40  ? 187 LYS A CB  1 
ATOM   649  C CG  . LYS A 1 82  ? 2.849   -8.882  4.331   1.00   31.79  ? 187 LYS A CG  1 
ATOM   650  C CD  . LYS A 1 82  ? 2.244   -10.178 3.818   1.00   38.54  ? 187 LYS A CD  1 
ATOM   651  C CE  . LYS A 1 82  ? 0.730   -10.166 3.877   1.00   43.59  ? 187 LYS A CE  1 
ATOM   652  N NZ  . LYS A 1 82  ? 0.181   -11.546 3.762   1.00   61.22  ? 187 LYS A NZ  1 
ATOM   653  N N   . ALA A 1 83  ? 3.582   -5.713  5.346   1.00   20.67  ? 188 ALA A N   1 
ATOM   654  C CA  . ALA A 1 83  ? 3.086   -4.817  6.360   1.00   22.17  ? 188 ALA A CA  1 
ATOM   655  C C   . ALA A 1 83  ? 1.609   -4.492  6.248   1.00   17.52  ? 188 ALA A C   1 
ATOM   656  O O   . ALA A 1 83  ? 1.063   -4.481  5.193   1.00   19.30  ? 188 ALA A O   1 
ATOM   657  C CB  . ALA A 1 83  ? 3.876   -3.573  6.380   1.00   19.43  ? 188 ALA A CB  1 
ATOM   658  N N   . ARG A 1 84  ? 1.013   -4.235  7.386   1.00   17.24  ? 189 ARG A N   1 
ATOM   659  C CA  . ARG A 1 84  ? -0.339  -3.790  7.499   1.00   14.36  ? 189 ARG A CA  1 
ATOM   660  C C   . ARG A 1 84  ? -0.309  -2.296  7.711   1.00   14.86  ? 189 ARG A C   1 
ATOM   661  O O   . ARG A 1 84  ? 0.206   -1.841  8.669   1.00   16.92  ? 189 ARG A O   1 
ATOM   662  C CB  . ARG A 1 84  ? -1.019  -4.460  8.684   1.00   15.96  ? 189 ARG A CB  1 
ATOM   663  C CG  . ARG A 1 84  ? -2.340  -3.912  9.053   1.00   16.50  ? 189 ARG A CG  1 
ATOM   664  C CD  . ARG A 1 84  ? -2.896  -4.470  10.286  1.00   23.26  ? 189 ARG A CD  1 
ATOM   665  N NE  . ARG A 1 84  ? -4.075  -3.781  10.741  1.00   21.33  ? 189 ARG A NE  1 
ATOM   666  C CZ  . ARG A 1 84  ? -5.284  -4.249  10.620  1.00   26.24  ? 189 ARG A CZ  1 
ATOM   667  N NH1 . ARG A 1 84  ? -5.493  -5.417  10.076  1.00   30.67  ? 189 ARG A NH1 1 
ATOM   668  N NH2 . ARG A 1 84  ? -6.282  -3.567  11.065  1.00   26.91  ? 189 ARG A NH2 1 
ATOM   669  N N   . LEU A 1 85  ? -0.906  -1.568  6.800   1.00   15.15  ? 190 LEU A N   1 
ATOM   670  C CA  . LEU A 1 85  ? -1.020  -0.130  6.905   1.00   13.68  ? 190 LEU A CA  1 
ATOM   671  C C   . LEU A 1 85  ? -2.444  0.310   7.197   1.00   19.87  ? 190 LEU A C   1 
ATOM   672  O O   . LEU A 1 85  ? -3.335  -0.082  6.523   1.00   20.30  ? 190 LEU A O   1 
ATOM   673  C CB  . LEU A 1 85  ? -0.571  0.570   5.632   1.00   15.00  ? 190 LEU A CB  1 
ATOM   674  C CG  . LEU A 1 85  ? 0.689   0.141   4.911   1.00   21.26  ? 190 LEU A CG  1 
ATOM   675  C CD1 . LEU A 1 85  ? 0.901   0.840   3.622   1.00   16.97  ? 190 LEU A CD1 1 
ATOM   676  C CD2 . LEU A 1 85  ? 1.817   0.299   5.823   1.00   17.74  ? 190 LEU A CD2 1 
ATOM   677  N N   . GLU A 1 86  ? -2.625  1.130   8.210   1.00   15.13  ? 191 GLU A N   1 
ATOM   678  C CA  . GLU A 1 86  ? -3.892  1.747   8.474   1.00   15.65  ? 191 GLU A CA  1 
ATOM   679  C C   . GLU A 1 86  ? -3.711  3.227   8.154   1.00   16.54  ? 191 GLU A C   1 
ATOM   680  O O   . GLU A 1 86  ? -2.907  3.866   8.720   1.00   17.76  ? 191 GLU A O   1 
ATOM   681  C CB  . GLU A 1 86  ? -4.292  1.503   9.908   1.00   15.25  ? 191 GLU A CB  1 
ATOM   682  C CG  . GLU A 1 86  ? -5.521  2.209   10.336  1.00   23.45  ? 191 GLU A CG  1 
ATOM   683  C CD  . GLU A 1 86  ? -5.749  2.189   11.864  1.00   35.25  ? 191 GLU A CD  1 
ATOM   684  O OE1 . GLU A 1 86  ? -5.231  3.053   12.569  1.00   27.64  ? 191 GLU A OE1 1 
ATOM   685  O OE2 . GLU A 1 86  ? -6.437  1.312   12.322  1.00   30.01  ? 191 GLU A OE2 1 
ATOM   686  N N   . ILE A 1 87  ? -4.478  3.717   7.216   1.00   16.24  ? 192 ILE A N   1 
ATOM   687  C CA  . ILE A 1 87  ? -4.315  5.049   6.699   1.00   14.39  ? 192 ILE A CA  1 
ATOM   688  C C   . ILE A 1 87  ? -5.528  5.952   6.918   1.00   20.44  ? 192 ILE A C   1 
ATOM   689  O O   . ILE A 1 87  ? -6.595  5.624   6.527   1.00   16.95  ? 192 ILE A O   1 
ATOM   690  C CB  . ILE A 1 87  ? -3.941  4.994   5.182   1.00   16.86  ? 192 ILE A CB  1 
ATOM   691  C CG1 . ILE A 1 87  ? -2.837  3.961   4.905   1.00   18.51  ? 192 ILE A CG1 1 
ATOM   692  C CG2 . ILE A 1 87  ? -3.632  6.357   4.645   1.00   16.60  ? 192 ILE A CG2 1 
ATOM   693  C CD1 . ILE A 1 87  ? -2.602  3.653   3.527   1.00   17.91  ? 192 ILE A CD1 1 
ATOM   694  N N   . GLU A 1 88  ? -5.323  7.109   7.519   1.00   17.17  ? 193 GLU A N   1 
ATOM   695  C CA  A GLU A 1 88  ? -6.327  8.032   7.750   0.55   19.50  ? 193 GLU A CA  1 
ATOM   696  C CA  B GLU A 1 88  ? -6.326  8.033   7.750   0.45   19.53  ? 193 GLU A CA  1 
ATOM   697  C C   . GLU A 1 88  ? -6.874  8.554   6.346   1.00   21.61  ? 193 GLU A C   1 
ATOM   698  O O   . GLU A 1 88  ? -6.107  8.698   5.470   1.00   18.97  ? 193 GLU A O   1 
ATOM   699  C CB  A GLU A 1 88  ? -5.860  9.158   8.686   0.55   23.29  ? 193 GLU A CB  1 
ATOM   700  C CB  B GLU A 1 88  ? -5.845  9.155   8.678   0.45   23.28  ? 193 GLU A CB  1 
ATOM   701  C CG  A GLU A 1 88  ? -5.386  8.677   10.052  0.55   22.26  ? 193 GLU A CG  1 
ATOM   702  C CG  B GLU A 1 88  ? -5.424  8.679   10.058  0.45   22.30  ? 193 GLU A CG  1 
ATOM   703  C CD  A GLU A 1 88  ? -4.888  9.813   10.938  0.55   25.57  ? 193 GLU A CD  1 
ATOM   704  C CD  B GLU A 1 88  ? -6.597  8.501   11.002  0.45   21.74  ? 193 GLU A CD  1 
ATOM   705  O OE1 A GLU A 1 88  ? -5.452  10.925  10.866  0.55   33.09  ? 193 GLU A OE1 1 
ATOM   706  O OE1 B GLU A 1 88  ? -7.754  8.619   10.548  0.45   32.73  ? 193 GLU A OE1 1 
ATOM   707  O OE2 A GLU A 1 88  ? -3.931  9.590   11.708  0.55   26.72  ? 193 GLU A OE2 1 
ATOM   708  O OE2 B GLU A 1 88  ? -6.365  8.246   12.202  0.45   34.65  ? 193 GLU A OE2 1 
ATOM   709  N N   . PRO A 1 89  ? -8.064  9.097   6.343   1.00   19.85  ? 194 PRO A N   1 
ATOM   710  C CA  . PRO A 1 89  ? -8.633  9.603   5.112   1.00   22.94  ? 194 PRO A CA  1 
ATOM   711  C C   . PRO A 1 89  ? -7.787  10.712  4.530   1.00   25.63  ? 194 PRO A C   1 
ATOM   712  O O   . PRO A 1 89  ? -7.655  10.760  3.361   1.00   21.99  ? 194 PRO A O   1 
ATOM   713  C CB  . PRO A 1 89  ? -9.961  10.171  5.557   1.00   25.29  ? 194 PRO A CB  1 
ATOM   714  C CG  . PRO A 1 89  ? -10.286 9.518   6.734   1.00   28.71  ? 194 PRO A CG  1 
ATOM   715  C CD  . PRO A 1 89  ? -9.064  9.038   7.398   1.00   24.35  ? 194 PRO A CD  1 
ATOM   716  N N   . GLU A 1 90  ? -7.216  11.560  5.357   1.00   20.50  ? 195 GLU A N   1 
ATOM   717  C CA  . GLU A 1 90  ? -6.433  12.667  4.859   1.00   22.78  ? 195 GLU A CA  1 
ATOM   718  C C   . GLU A 1 90  ? -5.207  12.251  4.052   1.00   21.58  ? 195 GLU A C   1 
ATOM   719  O O   . GLU A 1 90  ? -4.813  12.938  3.196   1.00   20.95  ? 195 GLU A O   1 
ATOM   720  C CB  . GLU A 1 90  ? -6.120  13.712  5.913   1.00   29.62  ? 195 GLU A CB  1 
ATOM   721  C CG  . GLU A 1 90  ? -6.102  13.235  7.305   1.00   44.08  ? 195 GLU A CG  1 
ATOM   722  C CD  . GLU A 1 90  ? -7.480  12.975  7.912   1.00   51.08  ? 195 GLU A CD  1 
ATOM   723  O OE1 . GLU A 1 90  ? -8.259  13.916  8.101   1.00   58.73  ? 195 GLU A OE1 1 
ATOM   724  O OE2 . GLU A 1 90  ? -7.762  11.853  8.229   1.00   29.37  ? 195 GLU A OE2 1 
ATOM   725  N N   . TRP A 1 91  ? -4.651  11.097  4.357   1.00   17.80  ? 196 TRP A N   1 
ATOM   726  C CA  . TRP A 1 91  ? -3.516  10.548  3.632   1.00   19.99  ? 196 TRP A CA  1 
ATOM   727  C C   . TRP A 1 91  ? -3.923  9.469   2.627   1.00   18.05  ? 196 TRP A C   1 
ATOM   728  O O   . TRP A 1 91  ? -3.157  8.719   2.165   1.00   17.10  ? 196 TRP A O   1 
ATOM   729  C CB  . TRP A 1 91  ? -2.404  10.100  4.572   1.00   17.82  ? 196 TRP A CB  1 
ATOM   730  C CG  . TRP A 1 91  ? -1.584  11.218  5.130   1.00   20.96  ? 196 TRP A CG  1 
ATOM   731  C CD1 . TRP A 1 91  ? -1.977  12.476  5.338   1.00   22.59  ? 196 TRP A CD1 1 
ATOM   732  C CD2 . TRP A 1 91  ? -0.238  11.150  5.577   1.00   16.65  ? 196 TRP A CD2 1 
ATOM   733  N NE1 . TRP A 1 91  ? -0.989  13.201  5.877   1.00   21.01  ? 196 TRP A NE1 1 
ATOM   734  C CE2 . TRP A 1 91  ? 0.108   12.418  6.018   1.00   19.46  ? 196 TRP A CE2 1 
ATOM   735  C CE3 . TRP A 1 91  ? 0.711   10.149  5.621   1.00   17.71  ? 196 TRP A CE3 1 
ATOM   736  C CZ2 . TRP A 1 91  ? 1.360   12.705  6.509   1.00   25.27  ? 196 TRP A CZ2 1 
ATOM   737  C CZ3 . TRP A 1 91  ? 1.930   10.429  6.101   1.00   18.18  ? 196 TRP A CZ3 1 
ATOM   738  C CH2 . TRP A 1 91  ? 2.253   11.692  6.545   1.00   23.20  ? 196 TRP A CH2 1 
ATOM   739  N N   . ALA A 1 92  ? -5.196  9.424   2.349   1.00   18.80  ? 197 ALA A N   1 
ATOM   740  C CA  . ALA A 1 92  ? -5.760  8.534   1.372   1.00   19.14  ? 197 ALA A CA  1 
ATOM   741  C C   . ALA A 1 92  ? -6.544  9.355   0.344   1.00   23.35  ? 197 ALA A C   1 
ATOM   742  O O   . ALA A 1 92  ? -5.977  10.052  -0.421  1.00   27.92  ? 197 ALA A O   1 
ATOM   743  C CB  . ALA A 1 92  ? -6.590  7.484   2.014   1.00   18.20  ? 197 ALA A CB  1 
ATOM   744  N N   . TYR A 1 93  ? -7.849  9.228   0.326   1.00   23.17  ? 198 TYR A N   1 
ATOM   745  C CA  . TYR A 1 93  ? -8.667  9.907   -0.676  1.00   32.76  ? 198 TYR A CA  1 
ATOM   746  C C   . TYR A 1 93  ? -9.443  11.108  -0.130  1.00   39.67  ? 198 TYR A C   1 
ATOM   747  O O   . TYR A 1 93  ? -10.333 11.619  -0.752  1.00   35.46  ? 198 TYR A O   1 
ATOM   748  C CB  . TYR A 1 93  ? -9.557  8.926   -1.467  1.00   26.64  ? 198 TYR A CB  1 
ATOM   749  C CG  . TYR A 1 93  ? -8.779  7.890   -2.219  1.00   24.62  ? 198 TYR A CG  1 
ATOM   750  C CD1 . TYR A 1 93  ? -8.218  8.174   -3.422  1.00   25.64  ? 198 TYR A CD1 1 
ATOM   751  C CD2 . TYR A 1 93  ? -8.562  6.656   -1.690  1.00   20.45  ? 198 TYR A CD2 1 
ATOM   752  C CE1 . TYR A 1 93  ? -7.483  7.261   -4.082  1.00   22.93  ? 198 TYR A CE1 1 
ATOM   753  C CE2 . TYR A 1 93  ? -7.826  5.756   -2.335  1.00   19.32  ? 198 TYR A CE2 1 
ATOM   754  C CZ  . TYR A 1 93  ? -7.290  6.052   -3.539  1.00   20.11  ? 198 TYR A CZ  1 
ATOM   755  O OH  . TYR A 1 93  ? -6.564  5.162   -4.211  1.00   21.20  ? 198 TYR A OH  1 
ATOM   756  N N   . GLY A 1 94  ? -9.081  11.522  1.063   1.00   40.34  ? 199 GLY A N   1 
ATOM   757  C CA  . GLY A 1 94  ? -9.613  12.679  1.702   1.00   33.26  ? 199 GLY A CA  1 
ATOM   758  C C   . GLY A 1 94  ? -10.946 12.476  2.320   1.00   35.23  ? 199 GLY A C   1 
ATOM   759  O O   . GLY A 1 94  ? -11.479 11.413  2.369   1.00   39.41  ? 199 GLY A O   1 
ATOM   760  N N   . LYS A 1 95  ? -11.515 13.573  2.738   1.00   31.80  ? 200 LYS A N   1 
ATOM   761  C CA  . LYS A 1 95  ? -12.812 13.585  3.326   1.00   43.77  ? 200 LYS A CA  1 
ATOM   762  C C   . LYS A 1 95  ? -13.890 13.088  2.384   1.00   40.90  ? 200 LYS A C   1 
ATOM   763  O O   . LYS A 1 95  ? -14.780 12.420  2.800   1.00   41.92  ? 200 LYS A O   1 
ATOM   764  C CB  . LYS A 1 95  ? -13.131 14.998  3.787   1.00   53.61  ? 200 LYS A CB  1 
ATOM   765  C CG  . LYS A 1 95  ? -12.926 15.243  5.247   1.00   68.78  ? 200 LYS A CG  1 
ATOM   766  C CD  . LYS A 1 95  ? -11.498 15.161  5.711   1.00   67.54  ? 200 LYS A CD  1 
ATOM   767  C CE  . LYS A 1 95  ? -11.398 15.677  7.148   1.00   70.86  ? 200 LYS A CE  1 
ATOM   768  N NZ  . LYS A 1 95  ? -10.015 16.123  7.532   1.00   70.62  ? 200 LYS A NZ  1 
ATOM   769  N N   . LYS A 1 96  ? -13.811 13.441  1.123   1.00   29.93  ? 201 LYS A N   1 
ATOM   770  C CA  . LYS A 1 96  ? -14.770 13.018  0.136   1.00   33.68  ? 201 LYS A CA  1 
ATOM   771  C C   . LYS A 1 96  ? -14.701 11.541  -0.288  1.00   33.62  ? 201 LYS A C   1 
ATOM   772  O O   . LYS A 1 96  ? -15.605 11.044  -0.889  1.00   27.63  ? 201 LYS A O   1 
ATOM   773  C CB  . LYS A 1 96  ? -14.672 13.902  -1.083  1.00   38.76  ? 201 LYS A CB  1 
ATOM   774  C CG  . LYS A 1 96  ? -15.307 15.274  -0.948  1.00   54.83  ? 201 LYS A CG  1 
ATOM   775  C CD  . LYS A 1 96  ? -15.520 15.863  -2.339  1.00   64.97  ? 201 LYS A CD  1 
ATOM   776  C CE  . LYS A 1 96  ? -15.545 17.353  -2.357  1.00   81.60  ? 201 LYS A CE  1 
ATOM   777  N NZ  . LYS A 1 96  ? -15.027 17.911  -3.622  1.00   75.03  ? 201 LYS A NZ  1 
ATOM   778  N N   . GLY A 1 97  ? -13.598 10.880  0.001   1.00   26.64  ? 202 GLY A N   1 
ATOM   779  C CA  . GLY A 1 97  ? -13.380 9.522   -0.446  1.00   24.23  ? 202 GLY A CA  1 
ATOM   780  C C   . GLY A 1 97  ? -13.247 9.502   -1.954  1.00   26.11  ? 202 GLY A C   1 
ATOM   781  O O   . GLY A 1 97  ? -12.939 10.483  -2.542  1.00   26.36  ? 202 GLY A O   1 
ATOM   782  N N   . GLN A 1 98  ? -13.473 8.356   -2.547  1.00   21.34  ? 203 GLN A N   1 
ATOM   783  C CA  . GLN A 1 98  ? -13.468 8.188   -3.997  1.00   27.19  ? 203 GLN A CA  1 
ATOM   784  C C   . GLN A 1 98  ? -14.585 7.207   -4.387  1.00   18.75  ? 203 GLN A C   1 
ATOM   785  O O   . GLN A 1 98  ? -14.368 6.076   -4.634  1.00   21.16  ? 203 GLN A O   1 
ATOM   786  C CB  . GLN A 1 98  ? -12.100 7.773   -4.537  1.00   28.66  ? 203 GLN A CB  1 
ATOM   787  C CG  . GLN A 1 98  ? -11.926 7.923   -6.028  1.00   23.15  ? 203 GLN A CG  1 
ATOM   788  C CD  . GLN A 1 98  ? -11.932 9.329   -6.461  1.00   26.13  ? 203 GLN A CD  1 
ATOM   789  O OE1 . GLN A 1 98  ? -11.379 10.157  -5.829  1.00   34.54  ? 203 GLN A OE1 1 
ATOM   790  N NE2 . GLN A 1 98  ? -12.581 9.605   -7.523  1.00   28.85  ? 203 GLN A NE2 1 
ATOM   791  N N   . PRO A 1 99  ? -15.787 7.714   -4.421  1.00   27.51  ? 204 PRO A N   1 
ATOM   792  C CA  . PRO A 1 99  ? -16.970 6.894   -4.596  1.00   36.41  ? 204 PRO A CA  1 
ATOM   793  C C   . PRO A 1 99  ? -16.958 6.130   -5.878  1.00   28.65  ? 204 PRO A C   1 
ATOM   794  O O   . PRO A 1 99  ? -17.387 5.039   -5.852  1.00   28.81  ? 204 PRO A O   1 
ATOM   795  C CB  . PRO A 1 99  ? -18.083 7.909   -4.607  1.00   38.85  ? 204 PRO A CB  1 
ATOM   796  C CG  . PRO A 1 99  ? -17.544 9.045   -3.981  1.00   41.37  ? 204 PRO A CG  1 
ATOM   797  C CD  . PRO A 1 99  ? -16.145 9.121   -4.334  1.00   28.33  ? 204 PRO A CD  1 
ATOM   798  N N   . ASP A 1 100 ? -16.452 6.679   -6.951  1.00   26.25  ? 205 ASP A N   1 
ATOM   799  C CA  . ASP A 1 100 ? -16.440 5.935   -8.197  1.00   28.47  ? 205 ASP A CA  1 
ATOM   800  C C   . ASP A 1 100 ? -15.454 4.774   -8.207  1.00   29.40  ? 205 ASP A C   1 
ATOM   801  O O   . ASP A 1 100 ? -15.435 3.994   -9.102  1.00   26.42  ? 205 ASP A O   1 
ATOM   802  C CB  . ASP A 1 100 ? -16.296 6.812   -9.411  1.00   27.32  ? 205 ASP A CB  1 
ATOM   803  C CG  . ASP A 1 100 ? -15.000 7.565   -9.470  1.00   30.24  ? 205 ASP A CG  1 
ATOM   804  O OD1 . ASP A 1 100 ? -14.069 7.301   -8.751  1.00   29.35  ? 205 ASP A OD1 1 
ATOM   805  O OD2 . ASP A 1 100 ? -14.934 8.463   -10.288 1.00   36.44  ? 205 ASP A OD2 1 
ATOM   806  N N   . ALA A 1 101 ? -14.607 4.745   -7.203  1.00   26.10  ? 206 ALA A N   1 
ATOM   807  C CA  . ALA A 1 101 ? -13.645 3.698   -6.963  1.00   24.79  ? 206 ALA A CA  1 
ATOM   808  C C   . ALA A 1 101 ? -13.983 2.848   -5.735  1.00   31.67  ? 206 ALA A C   1 
ATOM   809  O O   . ALA A 1 101 ? -13.165 2.088   -5.267  1.00   26.02  ? 206 ALA A O   1 
ATOM   810  C CB  . ALA A 1 101 ? -12.306 4.281   -6.818  1.00   23.38  ? 206 ALA A CB  1 
ATOM   811  N N   . LYS A 1 102 ? -15.178 3.031   -5.206  1.00   25.44  ? 207 LYS A N   1 
ATOM   812  C CA  . LYS A 1 102 ? -15.663 2.305   -4.060  1.00   27.61  ? 207 LYS A CA  1 
ATOM   813  C C   . LYS A 1 102 ? -15.092 2.693   -2.702  1.00   27.60  ? 207 LYS A C   1 
ATOM   814  O O   . LYS A 1 102 ? -15.163 1.946   -1.785  1.00   25.33  ? 207 LYS A O   1 
ATOM   815  C CB  . LYS A 1 102 ? -15.538 0.809   -4.296  1.00   33.35  ? 207 LYS A CB  1 
ATOM   816  C CG  . LYS A 1 102 ? -16.262 0.404   -5.553  1.00   40.93  ? 207 LYS A CG  1 
ATOM   817  C CD  . LYS A 1 102 ? -16.720 -1.003  -5.537  1.00   56.66  ? 207 LYS A CD  1 
ATOM   818  C CE  . LYS A 1 102 ? -15.675 -1.943  -6.048  1.00   71.09  ? 207 LYS A CE  1 
ATOM   819  N NZ  . LYS A 1 102 ? -14.673 -2.315  -5.038  1.00   61.22  ? 207 LYS A NZ  1 
ATOM   820  N N   . ILE A 1 103 ? -14.528 3.871   -2.608  1.00   23.08  ? 208 ILE A N   1 
ATOM   821  C CA  . ILE A 1 103 ? -13.998 4.310   -1.357  1.00   24.00  ? 208 ILE A CA  1 
ATOM   822  C C   . ILE A 1 103 ? -14.934 5.323   -0.728  1.00   21.12  ? 208 ILE A C   1 
ATOM   823  O O   . ILE A 1 103 ? -15.068 6.397   -1.196  1.00   23.71  ? 208 ILE A O   1 
ATOM   824  C CB  . ILE A 1 103 ? -12.621 4.925   -1.542  1.00   25.42  ? 208 ILE A CB  1 
ATOM   825  C CG1 . ILE A 1 103 ? -11.706 3.993   -2.334  1.00   22.81  ? 208 ILE A CG1 1 
ATOM   826  C CG2 . ILE A 1 103 ? -12.052 5.282   -0.229  1.00   25.57  ? 208 ILE A CG2 1 
ATOM   827  C CD1 . ILE A 1 103 ? -11.437 2.760   -1.684  1.00   21.28  ? 208 ILE A CD1 1 
ATOM   828  N N   . PRO A 1 104 ? -15.548 4.951   0.369   1.00   22.38  ? 209 PRO A N   1 
ATOM   829  C CA  . PRO A 1 104 ? -16.489 5.818   1.044   1.00   21.01  ? 209 PRO A CA  1 
ATOM   830  C C   . PRO A 1 104 ? -15.852 7.044   1.671   1.00   25.04  ? 209 PRO A C   1 
ATOM   831  O O   . PRO A 1 104 ? -14.701 7.059   1.998   1.00   24.71  ? 209 PRO A O   1 
ATOM   832  C CB  . PRO A 1 104 ? -17.062 4.934   2.133   1.00   22.47  ? 209 PRO A CB  1 
ATOM   833  C CG  . PRO A 1 104 ? -16.542 3.680   1.960   1.00   32.04  ? 209 PRO A CG  1 
ATOM   834  C CD  . PRO A 1 104 ? -15.425 3.675   1.051   1.00   24.23  ? 209 PRO A CD  1 
ATOM   835  N N   . PRO A 1 105 ? -16.651 8.074   1.844   1.00   26.06  ? 210 PRO A N   1 
ATOM   836  C CA  . PRO A 1 105 ? -16.165 9.302   2.429   1.00   29.70  ? 210 PRO A CA  1 
ATOM   837  C C   . PRO A 1 105 ? -15.679 9.073   3.833   1.00   28.74  ? 210 PRO A C   1 
ATOM   838  O O   . PRO A 1 105 ? -16.207 8.265   4.522   1.00   24.78  ? 210 PRO A O   1 
ATOM   839  C CB  . PRO A 1 105 ? -17.406 10.161  2.462   1.00   30.62  ? 210 PRO A CB  1 
ATOM   840  C CG  . PRO A 1 105 ? -18.179 9.684   1.433   1.00   34.46  ? 210 PRO A CG  1 
ATOM   841  C CD  . PRO A 1 105 ? -18.038 8.230   1.451   1.00   30.69  ? 210 PRO A CD  1 
ATOM   842  N N   . ASN A 1 106 ? -14.609 9.753   4.178   1.00   31.65  ? 211 ASN A N   1 
ATOM   843  C CA  . ASN A 1 106 ? -14.127 9.835   5.520   1.00   32.61  ? 211 ASN A CA  1 
ATOM   844  C C   . ASN A 1 106 ? -13.920 8.525   6.271   1.00   31.16  ? 211 ASN A C   1 
ATOM   845  O O   . ASN A 1 106 ? -14.329 8.410   7.364   1.00   29.67  ? 211 ASN A O   1 
ATOM   846  C CB  . ASN A 1 106 ? -15.014 10.807  6.306   1.00   39.81  ? 211 ASN A CB  1 
ATOM   847  C CG  . ASN A 1 106 ? -14.251 11.613  7.287   1.00   45.83  ? 211 ASN A CG  1 
ATOM   848  O OD1 . ASN A 1 106 ? -13.055 11.738  7.216   1.00   41.59  ? 211 ASN A OD1 1 
ATOM   849  N ND2 . ASN A 1 106 ? -14.943 12.150  8.220   1.00   49.11  ? 211 ASN A ND2 1 
ATOM   850  N N   . THR A 1 107 ? -13.295 7.534   5.655   1.00   27.50  ? 212 THR A N   1 
ATOM   851  C CA  A THR A 1 107 ? -13.073 6.285   6.101   0.58   23.63  ? 212 THR A CA  1 
ATOM   852  C CA  B THR A 1 107 ? -13.060 6.303   6.129   0.42   23.70  ? 212 THR A CA  1 
ATOM   853  C C   . THR A 1 107 ? -11.531 5.954   6.099   1.00   26.76  ? 212 THR A C   1 
ATOM   854  O O   . THR A 1 107 ? -10.959 6.176   5.069   1.00   21.72  ? 212 THR A O   1 
ATOM   855  C CB  A THR A 1 107 ? -13.919 5.226   5.349   0.58   27.88  ? 212 THR A CB  1 
ATOM   856  C CB  B THR A 1 107 ? -13.917 5.221   5.449   0.42   27.91  ? 212 THR A CB  1 
ATOM   857  O OG1 A THR A 1 107 ? -13.629 3.912   5.842   0.58   20.91  ? 212 THR A OG1 1 
ATOM   858  O OG1 B THR A 1 107 ? -13.403 4.957   4.139   0.42   38.33  ? 212 THR A OG1 1 
ATOM   859  C CG2 A THR A 1 107 ? -13.618 5.268   3.868   0.58   37.54  ? 212 THR A CG2 1 
ATOM   860  C CG2 B THR A 1 107 ? -15.357 5.682   5.343   0.42   23.65  ? 212 THR A CG2 1 
ATOM   861  N N   . LYS A 1 108 ? -11.022 5.279   7.103   1.00   20.29  ? 213 LYS A N   1 
ATOM   862  C CA  . LYS A 1 108 ? -9.676  4.796   7.092   1.00   20.89  ? 213 LYS A CA  1 
ATOM   863  C C   . LYS A 1 108 ? -9.639  3.630   6.166   1.00   21.82  ? 213 LYS A C   1 
ATOM   864  O O   . LYS A 1 108 ? -10.597 2.943   6.023   1.00   21.12  ? 213 LYS A O   1 
ATOM   865  C CB  . LYS A 1 108 ? -9.221  4.272   8.442   1.00   19.41  ? 213 LYS A CB  1 
ATOM   866  C CG  . LYS A 1 108 ? -9.045  5.248   9.481   1.00   30.81  ? 213 LYS A CG  1 
ATOM   867  C CD  . LYS A 1 108 ? -8.386  4.663   10.733  1.00   27.85  ? 213 LYS A CD  1 
ATOM   868  C CE  . LYS A 1 108 ? -8.267  5.743   11.785  1.00   38.11  ? 213 LYS A CE  1 
ATOM   869  N NZ  . LYS A 1 108 ? -7.612  5.358   13.050  1.00   34.19  ? 213 LYS A NZ  1 
ATOM   870  N N   . LEU A 1 109 ? -8.502  3.416   5.571   1.00   17.27  ? 214 LEU A N   1 
ATOM   871  C CA  . LEU A 1 109 ? -8.298  2.307   4.696   1.00   15.47  ? 214 LEU A CA  1 
ATOM   872  C C   . LEU A 1 109 ? -7.230  1.412   5.276   1.00   16.92  ? 214 LEU A C   1 
ATOM   873  O O   . LEU A 1 109 ? -6.258  1.885   5.763   1.00   19.19  ? 214 LEU A O   1 
ATOM   874  C CB  . LEU A 1 109 ? -7.898  2.780   3.327   1.00   16.53  ? 214 LEU A CB  1 
ATOM   875  C CG  . LEU A 1 109 ? -8.919  3.600   2.557   1.00   19.06  ? 214 LEU A CG  1 
ATOM   876  C CD1 . LEU A 1 109 ? -8.397  4.020   1.235   1.00   15.64  ? 214 LEU A CD1 1 
ATOM   877  C CD2 . LEU A 1 109 ? -10.221 2.921   2.458   1.00   18.79  ? 214 LEU A CD2 1 
ATOM   878  N N   . ILE A 1 110 ? -7.454  0.116   5.205   1.00   14.93  ? 215 ILE A N   1 
ATOM   879  C CA  . ILE A 1 110 ? -6.505  -0.836  5.681   1.00   15.18  ? 215 ILE A CA  1 
ATOM   880  C C   . ILE A 1 110 ? -5.924  -1.612  4.521   1.00   17.92  ? 215 ILE A C   1 
ATOM   881  O O   . ILE A 1 110 ? -6.627  -2.227  3.823   1.00   20.80  ? 215 ILE A O   1 
ATOM   882  C CB  . ILE A 1 110 ? -7.129  -1.828  6.685   1.00   15.57  ? 215 ILE A CB  1 
ATOM   883  C CG1 . ILE A 1 110 ? -7.593  -1.140  7.963   1.00   24.35  ? 215 ILE A CG1 1 
ATOM   884  C CG2 . ILE A 1 110 ? -6.158  -2.851  7.069   1.00   19.73  ? 215 ILE A CG2 1 
ATOM   885  C CD1 . ILE A 1 110 ? -8.764  -0.407  7.842   1.00   24.06  ? 215 ILE A CD1 1 
ATOM   886  N N   . PHE A 1 111 ? -4.626  -1.553  4.351   1.00   16.46  ? 216 PHE A N   1 
ATOM   887  C CA  . PHE A 1 111 ? -3.926  -2.313  3.329   1.00   16.40  ? 216 PHE A CA  1 
ATOM   888  C C   . PHE A 1 111 ? -2.890  -3.270  3.932   1.00   22.00  ? 216 PHE A C   1 
ATOM   889  O O   . PHE A 1 111 ? -2.230  -2.946  4.863   1.00   21.16  ? 216 PHE A O   1 
ATOM   890  C CB  . PHE A 1 111 ? -3.188  -1.447  2.312   1.00   15.73  ? 216 PHE A CB  1 
ATOM   891  C CG  . PHE A 1 111 ? -4.037  -0.537  1.492   1.00   17.03  ? 216 PHE A CG  1 
ATOM   892  C CD1 . PHE A 1 111 ? -4.397  -0.853  0.212   1.00   21.19  ? 216 PHE A CD1 1 
ATOM   893  C CD2 . PHE A 1 111 ? -4.386  0.673   1.949   1.00   16.73  ? 216 PHE A CD2 1 
ATOM   894  C CE1 . PHE A 1 111 ? -5.111  -0.001  -0.518  1.00   17.59  ? 216 PHE A CE1 1 
ATOM   895  C CE2 . PHE A 1 111 ? -5.107  1.519   1.196   1.00   17.05  ? 216 PHE A CE2 1 
ATOM   896  C CZ  . PHE A 1 111 ? -5.463  1.169   -0.034  1.00   18.91  ? 216 PHE A CZ  1 
ATOM   897  N N   . GLU A 1 112 ? -2.785  -4.447  3.369   1.00   18.94  ? 217 GLU A N   1 
ATOM   898  C CA  . GLU A 1 112 ? -1.673  -5.322  3.593   1.00   15.29  ? 217 GLU A CA  1 
ATOM   899  C C   . GLU A 1 112 ? -0.834  -5.184  2.331   1.00   20.62  ? 217 GLU A C   1 
ATOM   900  O O   . GLU A 1 112 ? -1.335  -5.313  1.241   1.00   22.05  ? 217 GLU A O   1 
ATOM   901  C CB  . GLU A 1 112 ? -2.093  -6.753  3.799   1.00   22.90  ? 217 GLU A CB  1 
ATOM   902  C CG  . GLU A 1 112 ? -2.706  -7.003  5.098   1.00   34.78  ? 217 GLU A CG  1 
ATOM   903  C CD  . GLU A 1 112 ? -2.955  -8.462  5.374   1.00   58.90  ? 217 GLU A CD  1 
ATOM   904  O OE1 . GLU A 1 112 ? -2.785  -9.322  4.488   1.00   55.44  ? 217 GLU A OE1 1 
ATOM   905  O OE2 . GLU A 1 112 ? -3.338  -8.747  6.492   1.00   55.43  ? 217 GLU A OE2 1 
ATOM   906  N N   . VAL A 1 113 ? 0.423   -4.873  2.516   1.00   16.77  ? 218 VAL A N   1 
ATOM   907  C CA  . VAL A 1 113 ? 1.326   -4.599  1.434   1.00   17.98  ? 218 VAL A CA  1 
ATOM   908  C C   . VAL A 1 113 ? 2.602   -5.420  1.490   1.00   19.84  ? 218 VAL A C   1 
ATOM   909  O O   . VAL A 1 113 ? 3.228   -5.462  2.488   1.00   23.17  ? 218 VAL A O   1 
ATOM   910  C CB  . VAL A 1 113 ? 1.674   -3.086  1.384   1.00   17.06  ? 218 VAL A CB  1 
ATOM   911  C CG1 . VAL A 1 113 ? 2.611   -2.783  0.304   1.00   20.46  ? 218 VAL A CG1 1 
ATOM   912  C CG2 . VAL A 1 113 ? 0.485   -2.292  1.258   1.00   17.43  ? 218 VAL A CG2 1 
ATOM   913  N N   . GLU A 1 114 ? 2.963   -6.059  0.397   1.00   22.91  ? 219 GLU A N   1 
ATOM   914  C CA  . GLU A 1 114 ? 4.208   -6.775  0.310   1.00   20.60  ? 219 GLU A CA  1 
ATOM   915  C C   . GLU A 1 114 ? 5.108   -6.147  -0.732  1.00   24.22  ? 219 GLU A C   1 
ATOM   916  O O   . GLU A 1 114 ? 4.745   -6.045  -1.854  1.00   23.38  ? 219 GLU A O   1 
ATOM   917  C CB  . GLU A 1 114 ? 3.983   -8.253  -0.001  1.00   29.91  ? 219 GLU A CB  1 
ATOM   918  C CG  . GLU A 1 114 ? 5.253   -9.077  -0.062  1.00   28.74  ? 219 GLU A CG  1 
ATOM   919  C CD  . GLU A 1 114 ? 5.045   -10.530 -0.433  1.00   43.54  ? 219 GLU A CD  1 
ATOM   920  O OE1 . GLU A 1 114 ? 3.926   -10.950 -0.662  1.00   34.85  ? 219 GLU A OE1 1 
ATOM   921  O OE2 . GLU A 1 114 ? 6.015   -11.252 -0.475  1.00   40.95  ? 219 GLU A OE2 1 
ATOM   922  N N   . LEU A 1 115 ? 6.283   -5.740  -0.311  1.00   21.29  ? 220 LEU A N   1 
ATOM   923  C CA  . LEU A 1 115 ? 7.252   -5.142  -1.182  1.00   24.86  ? 220 LEU A CA  1 
ATOM   924  C C   . LEU A 1 115 ? 8.093   -6.250  -1.780  1.00   25.18  ? 220 LEU A C   1 
ATOM   925  O O   . LEU A 1 115 ? 8.896   -6.809  -1.128  1.00   25.27  ? 220 LEU A O   1 
ATOM   926  C CB  . LEU A 1 115 ? 8.145   -4.191  -0.411  1.00   26.56  ? 220 LEU A CB  1 
ATOM   927  C CG  . LEU A 1 115 ? 9.306   -3.506  -1.123  1.00   21.81  ? 220 LEU A CG  1 
ATOM   928  C CD1 . LEU A 1 115 ? 8.919   -2.901  -2.413  1.00   21.94  ? 220 LEU A CD1 1 
ATOM   929  C CD2 . LEU A 1 115 ? 10.023  -2.532  -0.275  1.00   20.18  ? 220 LEU A CD2 1 
ATOM   930  N N   . VAL A 1 116 ? 7.777   -6.617  -3.003  1.00   29.42  ? 221 VAL A N   1 
ATOM   931  C CA  . VAL A 1 116 ? 8.477   -7.659  -3.723  1.00   27.17  ? 221 VAL A CA  1 
ATOM   932  C C   . VAL A 1 116 ? 9.876   -7.334  -4.196  1.00   27.22  ? 221 VAL A C   1 
ATOM   933  O O   . VAL A 1 116 ? 10.762  -8.096  -4.034  1.00   35.26  ? 221 VAL A O   1 
ATOM   934  C CB  . VAL A 1 116 ? 7.650   -8.144  -4.927  1.00   28.70  ? 221 VAL A CB  1 
ATOM   935  C CG1 . VAL A 1 116 ? 8.304   -9.292  -5.591  1.00   39.20  ? 221 VAL A CG1 1 
ATOM   936  C CG2 . VAL A 1 116 ? 6.344   -8.565  -4.502  1.00   37.08  ? 221 VAL A CG2 1 
ATOM   937  N N   . ASP A 1 117 ? 10.022  -6.198  -4.823  1.00   26.45  ? 222 ASP A N   1 
ATOM   938  C CA  . ASP A 1 117 ? 11.266  -5.815  -5.435  1.00   36.33  ? 222 ASP A CA  1 
ATOM   939  C C   . ASP A 1 117 ? 11.408  -4.295  -5.578  1.00   27.85  ? 222 ASP A C   1 
ATOM   940  O O   . ASP A 1 117 ? 10.453  -3.583  -5.554  1.00   26.09  ? 222 ASP A O   1 
ATOM   941  C CB  . ASP A 1 117 ? 11.343  -6.499  -6.802  1.00   29.75  ? 222 ASP A CB  1 
ATOM   942  C CG  . ASP A 1 117 ? 12.745  -6.664  -7.318  1.00   47.45  ? 222 ASP A CG  1 
ATOM   943  O OD1 . ASP A 1 117 ? 12.849  -7.016  -8.488  1.00   53.30  ? 222 ASP A OD1 1 
ATOM   944  O OD2 . ASP A 1 117 ? 13.723  -6.445  -6.610  1.00   41.52  ? 222 ASP A OD2 1 
ATOM   945  N N   . ILE A 1 118 ? 12.638  -3.850  -5.742  1.00   28.20  ? 223 ILE A N   1 
ATOM   946  C CA  . ILE A 1 118 ? 13.004  -2.475  -5.962  1.00   24.11  ? 223 ILE A CA  1 
ATOM   947  C C   . ILE A 1 118 ? 13.973  -2.395  -7.157  1.00   32.21  ? 223 ILE A C   1 
ATOM   948  O O   . ILE A 1 118 ? 14.897  -3.112  -7.221  1.00   28.34  ? 223 ILE A O   1 
ATOM   949  C CB  . ILE A 1 118 ? 13.723  -1.913  -4.734  1.00   28.85  ? 223 ILE A CB  1 
ATOM   950  C CG1 . ILE A 1 118 ? 12.961  -2.246  -3.464  1.00   23.73  ? 223 ILE A CG1 1 
ATOM   951  C CG2 . ILE A 1 118 ? 13.934  -0.457  -4.878  1.00   32.30  ? 223 ILE A CG2 1 
ATOM   952  C CD1 . ILE A 1 118 ? 13.619  -1.988  -2.268  1.00   26.32  ? 223 ILE A CD1 1 
ATOM   953  N N   . ASP A 1 119 ? 13.731  -1.512  -8.093  1.00   34.60  ? 224 ASP A N   1 
ATOM   954  C CA  . ASP A 1 119 ? 14.616  -1.393  -9.238  1.00   46.00  ? 224 ASP A CA  1 
ATOM   955  C C   . ASP A 1 119 ? 15.625  -0.289  -8.978  1.00   57.87  ? 224 ASP A C   1 
ATOM   956  O O   . ASP A 1 119 ? 15.232  0.836   -8.702  1.00   52.17  ? 224 ASP A O   1 
ATOM   957  C CB  . ASP A 1 119 ? 13.854  -1.079  -10.514 1.00   47.06  ? 224 ASP A CB  1 
ATOM   958  C CG  . ASP A 1 119 ? 12.836  -2.133  -10.880 1.00   50.28  ? 224 ASP A CG  1 
ATOM   959  O OD1 . ASP A 1 119 ? 11.932  -1.795  -11.630 1.00   49.39  ? 224 ASP A OD1 1 
ATOM   960  O OD2 . ASP A 1 119 ? 12.956  -3.295  -10.480 1.00   54.25  ? 224 ASP A OD2 1 
ATOM   961  O OXT . ASP A 1 119 ? 16.832  -0.514  -9.045  1.00   60.20  ? 224 ASP A OXT 1 
HETATM 962  C C1  . RAP B 2 .   ? -3.474  4.169   -4.911  1.00   22.57  ? 225 RAP A C1  1 
HETATM 963  O O1  . RAP B 2 .   ? -4.049  3.993   -6.206  1.00   23.98  ? 225 RAP A O1  1 
HETATM 964  O O2  . RAP B 2 .   ? -2.833  5.140   -4.678  1.00   18.26  ? 225 RAP A O2  1 
HETATM 965  C C2  . RAP B 2 .   ? -3.751  3.117   -3.877  1.00   20.70  ? 225 RAP A C2  1 
HETATM 966  C C3  . RAP B 2 .   ? -2.446  2.563   -3.331  1.00   19.69  ? 225 RAP A C3  1 
HETATM 967  C C4  . RAP B 2 .   ? -1.700  1.689   -4.292  1.00   20.29  ? 225 RAP A C4  1 
HETATM 968  C C5  . RAP B 2 .   ? -2.588  0.578   -4.752  1.00   21.76  ? 225 RAP A C5  1 
HETATM 969  C C6  . RAP B 2 .   ? -3.961  1.033   -5.178  1.00   18.41  ? 225 RAP A C6  1 
HETATM 970  N N7  . RAP B 2 .   ? -4.584  2.003   -4.330  1.00   21.14  ? 225 RAP A N7  1 
HETATM 971  C C8  . RAP B 2 .   ? -5.848  1.947   -4.001  1.00   20.13  ? 225 RAP A C8  1 
HETATM 972  O O3  . RAP B 2 .   ? -6.366  2.778   -3.351  1.00   26.58  ? 225 RAP A O3  1 
HETATM 973  C C9  . RAP B 2 .   ? -6.642  0.826   -4.454  1.00   28.35  ? 225 RAP A C9  1 
HETATM 974  O O4  . RAP B 2 .   ? -6.651  -0.168  -3.848  1.00   30.39  ? 225 RAP A O4  1 
HETATM 975  C C10 . RAP B 2 .   ? -7.427  0.829   -5.738  1.00   27.07  ? 225 RAP A C10 1 
HETATM 976  O O5  . RAP B 2 .   ? -6.491  0.605   -6.758  1.00   27.84  ? 225 RAP A O5  1 
HETATM 977  O O6  . RAP B 2 .   ? -8.384  -0.200  -5.673  1.00   27.77  ? 225 RAP A O6  1 
HETATM 978  C C11 . RAP B 2 .   ? -8.082  2.184   -5.983  1.00   28.48  ? 225 RAP A C11 1 
HETATM 979  C C12 . RAP B 2 .   ? -8.619  2.279   -7.397  1.00   23.02  ? 225 RAP A C12 1 
HETATM 980  C C13 . RAP B 2 .   ? -7.529  1.962   -8.396  1.00   23.06  ? 225 RAP A C13 1 
HETATM 981  C C14 . RAP B 2 .   ? -6.924  0.610   -8.099  1.00   22.95  ? 225 RAP A C14 1 
HETATM 982  C C15 . RAP B 2 .   ? -5.707  0.330   -8.971  1.00   23.02  ? 225 RAP A C15 1 
HETATM 983  C C16 . RAP B 2 .   ? -5.976  -0.044  -10.415 1.00   26.03  ? 225 RAP A C16 1 
HETATM 984  O O7  . RAP B 2 .   ? -6.510  -1.342  -10.419 1.00   32.74  ? 225 RAP A O7  1 
HETATM 985  C C17 . RAP B 2 .   ? -4.691  0.034   -11.170 1.00   23.26  ? 225 RAP A C17 1 
HETATM 986  C C18 . RAP B 2 .   ? -4.486  0.979   -12.064 1.00   22.92  ? 225 RAP A C18 1 
HETATM 987  C C19 . RAP B 2 .   ? -3.286  1.183   -12.843 1.00   21.09  ? 225 RAP A C19 1 
HETATM 988  C C20 . RAP B 2 .   ? -3.156  2.259   -13.594 1.00   22.69  ? 225 RAP A C20 1 
HETATM 989  C C21 . RAP B 2 .   ? -1.995  2.601   -14.386 1.00   20.59  ? 225 RAP A C21 1 
HETATM 990  C C22 . RAP B 2 .   ? -1.856  3.796   -14.911 1.00   23.66  ? 225 RAP A C22 1 
HETATM 991  C C23 . RAP B 2 .   ? -0.653  4.265   -15.674 1.00   28.47  ? 225 RAP A C23 1 
HETATM 992  C C24 . RAP B 2 .   ? -0.269  5.619   -15.144 1.00   25.71  ? 225 RAP A C24 1 
HETATM 993  C C25 . RAP B 2 .   ? 0.053   5.612   -13.673 1.00   26.78  ? 225 RAP A C25 1 
HETATM 994  C C26 . RAP B 2 .   ? 0.176   7.003   -13.179 1.00   23.72  ? 225 RAP A C26 1 
HETATM 995  O O8  . RAP B 2 .   ? 1.222   7.542   -13.178 1.00   29.80  ? 225 RAP A O8  1 
HETATM 996  C C27 . RAP B 2 .   ? -1.045  7.675   -12.668 1.00   23.85  ? 225 RAP A C27 1 
HETATM 997  O O9  . RAP B 2 .   ? -0.979  9.038   -12.926 1.00   29.02  ? 225 RAP A O9  1 
HETATM 998  C C28 . RAP B 2 .   ? -1.215  7.351   -11.194 1.00   25.99  ? 225 RAP A C28 1 
HETATM 999  O O10 . RAP B 2 .   ? 0.008   7.371   -10.532 1.00   25.03  ? 225 RAP A O10 1 
HETATM 1000 C C29 . RAP B 2 .   ? -1.834  6.003   -11.089 1.00   25.06  ? 225 RAP A C29 1 
HETATM 1001 C C30 . RAP B 2 .   ? -1.337  5.072   -10.290 1.00   23.90  ? 225 RAP A C30 1 
HETATM 1002 C C31 . RAP B 2 .   ? -1.940  3.714   -10.148 1.00   26.15  ? 225 RAP A C31 1 
HETATM 1003 C C32 . RAP B 2 .   ? -2.494  3.576   -8.764  1.00   25.11  ? 225 RAP A C32 1 
HETATM 1004 O O11 . RAP B 2 .   ? -1.926  2.954   -7.934  1.00   23.75  ? 225 RAP A O11 1 
HETATM 1005 C C33 . RAP B 2 .   ? -3.814  4.234   -8.466  1.00   23.27  ? 225 RAP A C33 1 
HETATM 1006 C C34 . RAP B 2 .   ? -3.813  5.003   -7.162  1.00   23.27  ? 225 RAP A C34 1 
HETATM 1007 C C35 . RAP B 2 .   ? -4.903  6.064   -7.095  1.00   20.12  ? 225 RAP A C35 1 
HETATM 1008 C C36 . RAP B 2 .   ? -4.639  7.271   -7.962  1.00   24.69  ? 225 RAP A C36 1 
HETATM 1009 C C37 . RAP B 2 .   ? -3.525  8.194   -7.514  1.00   20.68  ? 225 RAP A C37 1 
HETATM 1010 C C38 . RAP B 2 .   ? -3.429  9.381   -8.448  1.00   27.23  ? 225 RAP A C38 1 
HETATM 1011 C C39 . RAP B 2 .   ? -2.310  10.303  -8.044  1.00   23.79  ? 225 RAP A C39 1 
HETATM 1012 O O12 . RAP B 2 .   ? -2.289  11.390  -8.908  1.00   28.71  ? 225 RAP A O12 1 
HETATM 1013 C C40 . RAP B 2 .   ? -2.585  10.796  -6.643  1.00   33.87  ? 225 RAP A C40 1 
HETATM 1014 O O13 . RAP B 2 .   ? -1.613  11.712  -6.218  1.00   33.35  ? 225 RAP A O13 1 
HETATM 1015 C C41 . RAP B 2 .   ? -2.583  9.618   -5.724  1.00   30.04  ? 225 RAP A C41 1 
HETATM 1016 C C42 . RAP B 2 .   ? -3.706  8.683   -6.102  1.00   28.22  ? 225 RAP A C42 1 
HETATM 1017 C C43 . RAP B 2 .   ? -9.134  2.520   -4.953  1.00   29.12  ? 225 RAP A C43 1 
HETATM 1018 C C44 . RAP B 2 .   ? -3.650  -0.968  -10.895 1.00   27.33  ? 225 RAP A C44 1 
HETATM 1019 C C45 . RAP B 2 .   ? -0.901  4.428   -17.163 1.00   31.58  ? 225 RAP A C45 1 
HETATM 1020 C C46 . RAP B 2 .   ? 1.323   4.841   -13.420 1.00   27.54  ? 225 RAP A C46 1 
HETATM 1021 C C47 . RAP B 2 .   ? -3.094  5.770   -11.834 1.00   21.77  ? 225 RAP A C47 1 
HETATM 1022 C C48 . RAP B 2 .   ? -0.861  2.669   -10.306 1.00   24.61  ? 225 RAP A C48 1 
HETATM 1023 C C49 . RAP B 2 .   ? -6.246  5.467   -7.432  1.00   19.77  ? 225 RAP A C49 1 
HETATM 1024 C C50 . RAP B 2 .   ? -7.268  -1.722  -11.536 1.00   32.81  ? 225 RAP A C50 1 
HETATM 1025 C C51 . RAP B 2 .   ? 0.198   9.532   -12.454 1.00   40.25  ? 225 RAP A C51 1 
HETATM 1026 C C52 . RAP B 2 .   ? -1.323  11.245  -9.908  1.00   24.60  ? 225 RAP A C52 1 
HETATM 1027 O O   . HOH C 3 .   ? -12.107 -2.026  11.897  1.00   16.92  ? 1   HOH A O   1 
HETATM 1028 O O   . HOH C 3 .   ? 13.780  4.998   2.406   1.00   20.55  ? 2   HOH A O   1 
HETATM 1029 O O   . HOH C 3 .   ? -3.202  10.931  -0.474  1.00   22.39  ? 3   HOH A O   1 
HETATM 1030 O O   . HOH C 3 .   ? 4.941   8.011   -5.850  1.00   24.28  ? 4   HOH A O   1 
HETATM 1031 O O   . HOH C 3 .   ? -10.242 -3.829  8.097   1.00   24.78  ? 5   HOH A O   1 
HETATM 1032 O O   . HOH C 3 .   ? 4.700   12.159  0.455   1.00   31.13  ? 6   HOH A O   1 
HETATM 1033 O O   . HOH C 3 .   ? 0.512   11.062  -2.509  1.00   36.12  ? 7   HOH A O   1 
HETATM 1034 O O   . HOH C 3 .   ? -12.187 7.994   2.829   1.00   33.89  ? 8   HOH A O   1 
HETATM 1035 O O   . HOH C 3 .   ? -12.931 10.042  -10.791 1.00   28.38  ? 9   HOH A O   1 
HETATM 1036 O O   . HOH C 3 .   ? 14.221  9.032   -0.316  1.00   26.24  ? 10  HOH A O   1 
HETATM 1037 O O   . HOH C 3 .   ? -2.384  -9.131  1.179   1.00   36.28  ? 11  HOH A O   1 
HETATM 1038 O O   . HOH C 3 .   ? -9.834  7.398   2.095   1.00   30.54  ? 12  HOH A O   1 
HETATM 1039 O O   . HOH C 3 .   ? 1.367   -10.699 -0.253  1.00   35.77  ? 13  HOH A O   1 
HETATM 1040 O O   . HOH C 3 .   ? -14.700 -9.185  1.577   1.00   35.27  ? 14  HOH A O   1 
HETATM 1041 O O   . HOH C 3 .   ? -3.445  -7.463  8.730   1.00   27.69  ? 15  HOH A O   1 
HETATM 1042 O O   . HOH C 3 .   ? -17.418 -5.765  10.699  1.00   32.53  ? 16  HOH A O   1 
HETATM 1043 O O   . HOH C 3 .   ? -18.003 12.179  -1.689  1.00   43.04  ? 17  HOH A O   1 
HETATM 1044 O O   . HOH C 3 .   ? -12.825 12.207  -9.209  1.00   39.31  ? 18  HOH A O   1 
HETATM 1045 O O   . HOH C 3 .   ? -10.199 11.400  -3.691  1.00   40.09  ? 19  HOH A O   1 
HETATM 1046 O O   . HOH C 3 .   ? -9.435  -6.364  8.207   1.00   30.91  ? 20  HOH A O   1 
HETATM 1047 O O   . HOH C 3 .   ? 0.125   -8.397  0.728   1.00   36.66  ? 21  HOH A O   1 
HETATM 1048 O O   . HOH C 3 .   ? -3.884  5.135   11.203  1.00   30.62  ? 22  HOH A O   1 
HETATM 1049 O O   . HOH C 3 .   ? 16.037  9.757   -3.681  1.00   40.51  ? 23  HOH A O   1 
HETATM 1050 O O   . HOH C 3 .   ? 3.101   11.560  -1.736  1.00   37.94  ? 24  HOH A O   1 
HETATM 1051 O O   . HOH C 3 .   ? -16.162 9.817   -7.471  1.00   43.31  ? 25  HOH A O   1 
HETATM 1052 O O   . HOH C 3 .   ? 11.108  -5.576  7.899   1.00   26.85  ? 26  HOH A O   1 
HETATM 1053 O O   . HOH C 3 .   ? -2.948  13.323  0.919   1.00   36.33  ? 27  HOH A O   1 
HETATM 1054 O O   . HOH C 3 .   ? -18.186 -6.516  6.854   1.00   42.53  ? 28  HOH A O   1 
HETATM 1055 O O   . HOH C 3 .   ? -8.818  -8.345  4.614   1.00   39.91  ? 29  HOH A O   1 
HETATM 1056 O O   . HOH C 3 .   ? -17.049 0.132   -0.955  1.00   45.36  ? 30  HOH A O   1 
HETATM 1057 O O   . HOH C 3 .   ? 1.717   10.627  -12.113 1.00   45.82  ? 31  HOH A O   1 
HETATM 1058 O O   . HOH C 3 .   ? -6.169  -10.855 -0.930  1.00   39.50  ? 32  HOH A O   1 
HETATM 1059 O O   . HOH C 3 .   ? -14.030 12.504  -4.652  1.00   52.90  ? 33  HOH A O   1 
HETATM 1060 O O   . HOH C 3 .   ? 13.280  15.568  -3.635  1.00   41.42  ? 34  HOH A O   1 
HETATM 1061 O O   . HOH C 3 .   ? -14.878 12.102  -7.600  1.00   51.57  ? 35  HOH A O   1 
HETATM 1062 O O   . HOH C 3 .   ? -6.539  -12.500 -3.176  1.00   46.00  ? 36  HOH A O   1 
HETATM 1063 O O   . HOH C 3 .   ? 11.197  -10.022 -2.507  1.00   43.47  ? 37  HOH A O   1 
HETATM 1064 O O   . HOH C 3 .   ? 8.239   -11.593 1.419   1.00   37.76  ? 38  HOH A O   1 
HETATM 1065 O O   . HOH C 3 .   ? 16.358  4.859   -9.467  1.00   52.99  ? 39  HOH A O   1 
HETATM 1066 O O   . HOH C 3 .   ? 16.684  -9.466  -0.152  1.00   47.38  ? 40  HOH A O   1 
HETATM 1067 O O   . HOH C 3 .   ? -2.689  7.093   12.236  1.00   39.77  ? 41  HOH A O   1 
HETATM 1068 O O   . HOH C 3 .   ? -8.143  -10.640 3.417   1.00   39.82  ? 42  HOH A O   1 
HETATM 1069 O O   . HOH C 3 .   ? 3.500   19.179  12.560  1.00   58.24  ? 43  HOH A O   1 
HETATM 1070 O O   . HOH C 3 .   ? 13.510  -10.718 -0.771  1.00   52.65  ? 44  HOH A O   1 
HETATM 1071 O O   . HOH C 3 .   ? 11.667  -11.435 3.770   1.00   54.81  ? 45  HOH A O   1 
HETATM 1072 O O   . HOH C 3 .   ? -20.525 -1.408  7.277   1.00   51.68  ? 46  HOH A O   1 
HETATM 1073 O O   . HOH C 3 .   ? -8.449  -11.217 0.531   1.00   47.08  ? 47  HOH A O   1 
HETATM 1074 O O   . HOH C 3 .   ? -19.216 -2.427  3.374   1.00   47.54  ? 48  HOH A O   1 
HETATM 1075 O O   . HOH C 3 .   ? 15.482  -10.250 7.974   1.00   50.57  ? 49  HOH A O   1 
HETATM 1076 O O   . HOH C 3 .   ? -11.363 13.078  -6.886  1.00   52.19  ? 50  HOH A O   1 
HETATM 1077 O O   . HOH C 3 .   ? -11.225 -9.432  4.993   1.00   45.35  ? 51  HOH A O   1 
HETATM 1078 O O   . HOH C 3 .   ? 19.738  -1.025  -1.525  1.00   48.11  ? 52  HOH A O   1 
HETATM 1079 O O   . HOH C 3 .   ? 13.586  -10.508 1.955   1.00   50.73  ? 53  HOH A O   1 
HETATM 1080 O O   . HOH C 3 .   ? 7.249   9.361   -14.467 1.00   57.48  ? 54  HOH A O   1 
HETATM 1081 O O   . HOH C 3 .   ? -6.276  -5.316  3.869   1.00   25.05  ? 55  HOH A O   1 
HETATM 1082 O O   . HOH C 3 .   ? 4.381   -6.113  14.131  0.86   32.25  ? 56  HOH A O   1 
HETATM 1083 O O   . HOH C 3 .   ? 2.183   -1.214  15.036  0.78   34.82  ? 57  HOH A O   1 
HETATM 1084 O O   . HOH C 3 .   ? -17.160 12.918  -4.257  1.00   51.49  ? 58  HOH A O   1 
HETATM 1085 O O   . HOH C 3 .   ? 6.702   7.633   7.490   1.00   19.79  ? 59  HOH A O   1 
HETATM 1086 O O   . HOH C 3 .   ? 3.782   3.322   12.019  1.00   22.51  ? 60  HOH A O   1 
HETATM 1087 O O   . HOH C 3 .   ? 11.001  -1.960  7.962   1.00   20.87  ? 61  HOH A O   1 
HETATM 1088 O O   . HOH C 3 .   ? 9.743   0.250   9.977   1.00   22.78  ? 62  HOH A O   1 
HETATM 1089 O O   . HOH C 3 .   ? -1.131  -1.061  11.188  1.00   20.19  ? 63  HOH A O   1 
HETATM 1090 O O   . HOH C 3 .   ? -7.092  12.314  -3.983  1.00   51.33  ? 64  HOH A O   1 
HETATM 1091 O O   . HOH C 3 .   ? 5.298   9.940   7.237   1.00   26.02  ? 65  HOH A O   1 
HETATM 1092 O O   . HOH C 3 .   ? 5.933   1.118   12.526  1.00   38.80  ? 66  HOH A O   1 
HETATM 1093 O O   . HOH C 3 .   ? -7.374  -7.313  6.734   1.00   43.86  ? 67  HOH A O   1 
HETATM 1094 O O   . HOH C 3 .   ? -1.045  -5.197  -9.953  1.00   32.94  ? 68  HOH A O   1 
HETATM 1095 O O   . HOH C 3 .   ? -9.620  -2.262  10.700  1.00   24.68  ? 69  HOH A O   1 
HETATM 1096 O O   . HOH C 3 .   ? -8.872  0.635   10.883  1.00   37.99  ? 70  HOH A O   1 
HETATM 1097 O O   . HOH C 3 .   ? -13.065 5.152   9.237   1.00   30.91  ? 71  HOH A O   1 
HETATM 1098 O O   . HOH C 3 .   ? 12.921  -3.379  7.504   1.00   27.45  ? 72  HOH A O   1 
HETATM 1099 O O   . HOH C 3 .   ? 5.765   11.865  8.906   1.00   34.88  ? 73  HOH A O   1 
HETATM 1100 O O   . HOH C 3 .   ? -10.785 2.232   11.840  1.00   28.99  ? 74  HOH A O   1 
HETATM 1101 O O   . HOH C 3 .   ? -10.001 3.551   14.268  1.00   41.32  ? 75  HOH A O   1 
HETATM 1102 O O   . HOH C 3 .   ? -12.599 7.852   9.649   1.00   42.70  ? 76  HOH A O   1 
HETATM 1103 O O   . HOH C 3 .   ? 6.157   3.070   8.444   1.00   34.75  ? 77  HOH A O   1 
HETATM 1104 O O   . HOH C 3 .   ? 18.256  4.029   -5.610  1.00   51.68  ? 78  HOH A O   1 
HETATM 1105 O O   . HOH C 3 .   ? 3.697   3.430   14.907  1.00   52.85  ? 79  HOH A O   1 
HETATM 1106 O O   . HOH C 3 .   ? -7.054  1.235   15.158  1.00   37.10  ? 80  HOH A O   1 
HETATM 1107 O O   . HOH C 3 .   ? -8.886  2.585   16.611  1.00   37.47  ? 81  HOH A O   1 
HETATM 1108 O O   . HOH C 3 .   ? -10.309 -10.832 -1.662  1.00   51.40  ? 82  HOH A O   1 
HETATM 1109 O O   . HOH C 3 .   ? 5.817   -3.301  13.448  1.00   33.32  ? 83  HOH A O   1 
HETATM 1110 O O   . HOH C 3 .   ? 12.830  -2.012  9.536   1.00   41.14  ? 84  HOH A O   1 
HETATM 1111 O O   . HOH C 3 .   ? -12.286 3.840   11.071  1.00   40.41  ? 85  HOH A O   1 
HETATM 1112 O O   . HOH C 3 .   ? 5.765   13.530  5.879   1.00   32.29  ? 86  HOH A O   1 
HETATM 1113 O O   . HOH C 3 .   ? 7.784   -0.626  12.368  1.00   46.67  ? 87  HOH A O   1 
HETATM 1114 O O   . HOH C 3 .   ? -9.343  -12.595 -3.472  1.00   55.73  ? 88  HOH A O   1 
HETATM 1115 O O   . HOH C 3 .   ? 4.890   -1.819  15.199  1.00   55.44  ? 89  HOH A O   1 
HETATM 1116 O O   . HOH C 3 .   ? 18.046  0.614   -6.739  1.00   55.02  ? 90  HOH A O   1 
HETATM 1117 O O   . HOH C 3 .   ? -21.177 -3.407  8.821   1.00   53.46  ? 91  HOH A O   1 
HETATM 1118 O O   . HOH C 3 .   ? 5.947   5.287   15.891  1.00   54.10  ? 92  HOH A O   1 
HETATM 1119 O O   . HOH C 3 .   ? 10.973  -1.383  11.308  1.00   42.65  ? 93  HOH A O   1 
HETATM 1120 O O   . HOH C 3 .   ? 4.666   7.317   14.135  1.00   54.40  ? 94  HOH A O   1 
HETATM 1121 O O   . HOH C 3 .   ? -5.661  -4.422  -8.675  1.00   49.55  ? 95  HOH A O   1 
HETATM 1122 O O   . HOH C 3 .   ? -7.979  -3.430  -9.108  1.00   51.78  ? 96  HOH A O   1 
HETATM 1123 O O   . HOH C 3 .   ? -5.580  -1.288  12.652  1.00   36.44  ? 97  HOH A O   1 
HETATM 1124 O O   . HOH C 3 .   ? 6.509   -1.328  17.382  1.00   61.05  ? 98  HOH A O   1 
HETATM 1125 O O   . HOH C 3 .   ? 5.808   2.528   -13.572 1.00   52.99  ? 99  HOH A O   1 
HETATM 1126 O O   . HOH C 3 .   ? -15.730 1.376   -9.564  1.00   43.95  ? 100 HOH A O   1 
HETATM 1127 O O   . HOH C 3 .   ? -10.369 14.776  -8.737  1.00   57.63  ? 101 HOH A O   1 
HETATM 1128 O O   . HOH C 3 .   ? -6.392  14.802  1.589   1.00   44.54  ? 102 HOH A O   1 
HETATM 1129 O O   . HOH C 3 .   ? -1.733  15.200  2.651   1.00   41.44  ? 103 HOH A O   1 
HETATM 1130 O O   . HOH C 3 .   ? -2.951  0.297   12.604  1.00   32.49  ? 104 HOH A O   1 
HETATM 1131 O O   . HOH C 3 .   ? 8.107   4.119   -13.744 1.00   65.12  ? 105 HOH A O   1 
HETATM 1132 O O   . HOH C 3 .   ? -14.236 -1.085  -9.274  1.00   54.11  ? 226 HOH A O   1 
HETATM 1133 O O   . HOH C 3 .   ? 11.446  -10.339 -6.833  1.00   57.27  ? 227 HOH A O   1 
HETATM 1134 O O   . HOH C 3 .   ? 17.450  -4.079  -3.825  1.00   54.69  ? 228 HOH A O   1 
HETATM 1135 O O   . HOH C 3 .   ? 17.299  -0.403  -2.563  1.00   48.10  ? 229 HOH A O   1 
HETATM 1136 O O   . HOH C 3 .   ? 17.571  3.563   -11.738 1.00   71.58  ? 230 HOH A O   1 
HETATM 1137 O O   . HOH C 3 .   ? -8.417  11.213  10.732  1.00   56.39  ? 231 HOH A O   1 
HETATM 1138 O O   . HOH C 3 .   ? -1.449  -16.257 -4.309  1.00   63.48  ? 232 HOH A O   1 
HETATM 1139 O O   . HOH C 3 .   ? 17.720  -2.004  -5.620  1.00   51.90  ? 233 HOH A O   1 
HETATM 1140 O O   . HOH C 3 .   ? 7.794   10.768  -12.208 1.00   65.96  ? 234 HOH A O   1 
HETATM 1141 O O   . HOH C 3 .   ? 11.732  -5.137  10.916  1.00   46.69  ? 235 HOH A O   1 
HETATM 1142 O O   . HOH C 3 .   ? -0.970  15.983  6.894   1.00   49.39  ? 236 HOH A O   1 
HETATM 1143 O O   . HOH C 3 .   ? -11.790 -7.794  -4.339  1.00   46.99  ? 237 HOH A O   1 
HETATM 1144 O O   . HOH C 3 .   ? -3.193  16.249  5.492   1.00   44.48  ? 238 HOH A O   1 
HETATM 1145 O O   . HOH C 3 .   ? -4.290  13.773  -8.645  1.00   44.80  ? 239 HOH A O   1 
HETATM 1146 O O   . HOH C 3 .   ? 7.153   -2.088  -14.348 1.00   56.32  ? 240 HOH A O   1 
HETATM 1147 O O   . HOH C 3 .   ? 0.290   -12.978 0.821   1.00   56.83  ? 241 HOH A O   1 
HETATM 1148 O O   . HOH C 3 .   ? -10.481 -6.983  -6.470  1.00   49.90  ? 242 HOH A O   1 
HETATM 1149 O O   . HOH C 3 .   ? 11.102  -11.779 -4.859  1.00   51.59  ? 243 HOH A O   1 
HETATM 1150 O O   . HOH C 3 .   ? -11.353 -0.020  -6.032  1.00   46.85  ? 244 HOH A O   1 
HETATM 1151 O O   . HOH C 3 .   ? 9.862   -1.764  -13.940 1.00   49.45  ? 245 HOH A O   1 
HETATM 1152 O O   . HOH C 3 .   ? -19.315 0.920   0.885   1.00   66.96  ? 246 HOH A O   1 
HETATM 1153 O O   . HOH C 3 .   ? -11.575 -4.782  -7.556  1.00   51.84  ? 247 HOH A O   1 
HETATM 1154 O O   . HOH C 3 .   ? 21.968  0.034   0.034   1.00   65.10  ? 248 HOH A O   1 
HETATM 1155 O O   . HOH C 3 .   ? -6.237  13.444  -1.745  1.00   56.14  ? 249 HOH A O   1 
HETATM 1156 O O   . HOH C 3 .   ? -13.149 15.299  -5.405  1.00   67.86  ? 250 HOH A O   1 
HETATM 1157 O O   . HOH C 3 .   ? -0.620  -13.423 -6.944  1.00   57.82  ? 251 HOH A O   1 
HETATM 1158 O O   . HOH C 3 .   ? 19.629  -5.262  -4.653  1.00   57.08  ? 252 HOH A O   1 
HETATM 1159 O O   . HOH C 3 .   ? 16.007  -4.757  -5.665  1.00   47.07  ? 253 HOH A O   1 
HETATM 1160 O O   . HOH C 3 .   ? 0.673   -12.809 -2.207  1.00   49.90  ? 254 HOH A O   1 
HETATM 1161 O O   . HOH C 3 .   ? -19.173 2.981   -7.316  1.00   42.38  ? 255 HOH A O   1 
HETATM 1162 O O   . HOH C 3 .   ? 8.483   15.717  -5.608  1.00   57.40  ? 256 HOH A O   1 
HETATM 1163 O O   . HOH C 3 .   ? 24.031  1.671   1.142   1.00   65.16  ? 257 HOH A O   1 
HETATM 1164 O O   . HOH C 3 .   ? 17.425  1.879   -3.706  1.00   52.75  ? 258 HOH A O   1 
HETATM 1165 O O   . HOH C 3 .   ? -14.802 -3.884  -8.748  1.00   69.52  ? 259 HOH A O   1 
HETATM 1166 O O   . HOH C 3 .   ? 22.555  -2.161  1.584   1.00   51.90  ? 260 HOH A O   1 
HETATM 1167 O O   . HOH C 3 .   ? -13.988 16.325  -8.120  1.00   62.78  ? 261 HOH A O   1 
HETATM 1168 O O   . HOH C 3 .   ? -16.623 -4.991  -7.312  1.00   68.13  ? 262 HOH A O   1 
HETATM 1169 O O   . HOH C 3 .   ? 1.260   15.503  9.167   1.00   49.19  ? 263 HOH A O   1 
HETATM 1170 O O   . HOH C 3 .   ? -11.676 15.686  0.286   1.00   40.99  ? 264 HOH A O   1 
HETATM 1171 O O   . HOH C 3 .   ? -8.514  15.484  3.595   1.00   45.20  ? 265 HOH A O   1 
HETATM 1172 O O   . HOH C 3 .   ? -10.364 16.303  2.126   1.00   42.65  ? 266 HOH A O   1 
HETATM 1173 O O   . HOH C 3 .   ? 16.940  2.446   -9.120  1.00   60.41  ? 267 HOH A O   1 
HETATM 1174 O O   . HOH C 3 .   ? 1.184   -14.000 -4.585  1.00   65.03  ? 268 HOH A O   1 
HETATM 1175 O O   . HOH C 3 .   ? 17.832  -8.403  -3.020  1.00   48.71  ? 269 HOH A O   1 
HETATM 1176 O O   . HOH C 3 .   ? -15.741 15.893  -6.046  1.00   65.70  ? 270 HOH A O   1 
HETATM 1177 O O   . HOH C 3 .   ? -5.204  -11.004 3.527   1.00   60.41  ? 271 HOH A O   1 
HETATM 1178 O O   . HOH C 3 .   ? 7.881   6.925   -13.754 1.00   63.31  ? 272 HOH A O   1 
HETATM 1179 O O   . HOH C 3 .   ? -3.556  1.425   14.413  1.00   34.88  ? 273 HOH A O   1 
HETATM 1180 O O   . HOH C 3 .   ? 18.822  0.551   1.496   1.00   28.48  ? 274 HOH A O   1 
HETATM 1181 O O   . HOH C 3 .   ? 5.466   4.955   -12.060 1.00   43.48  ? 275 HOH A O   1 
HETATM 1182 O O   . HOH C 3 .   ? 13.867  4.453   -11.058 1.00   48.99  ? 276 HOH A O   1 
HETATM 1183 O O   . HOH C 3 .   ? -5.618  -11.156 -15.499 1.00   79.61  ? 277 HOH A O   1 
HETATM 1184 O O   . HOH C 3 .   ? -11.476 11.975  9.629   1.00   60.70  ? 278 HOH A O   1 
HETATM 1185 O O   . HOH C 3 .   ? 5.218   19.318  10.020  1.00   57.09  ? 279 HOH A O   1 
HETATM 1186 O O   . HOH C 3 .   ? 8.843   -12.431 10.012  1.00   43.73  ? 280 HOH A O   1 
HETATM 1187 O O   . HOH C 3 .   ? 8.781   -7.037  13.623  1.00   59.18  ? 281 HOH A O   1 
HETATM 1188 O O   . HOH C 3 .   ? 7.276   -8.817  12.782  1.00   53.58  ? 282 HOH A O   1 
HETATM 1189 O O   . HOH C 3 .   ? 6.661   -11.315 12.395  1.00   55.12  ? 283 HOH A O   1 
HETATM 1190 O O   . HOH C 3 .   ? 5.169   -14.082 12.813  1.00   61.15  ? 284 HOH A O   1 
HETATM 1191 O O   . HOH C 3 .   ? 21.316  -7.390  -1.144  1.00   54.80  ? 285 HOH A O   1 
HETATM 1192 O O   . HOH C 3 .   ? 4.470   -13.050 17.061  1.00   56.03  ? 286 HOH A O   1 
HETATM 1193 O O   . HOH C 3 .   ? -12.802 -11.999 0.785   1.00   60.12  ? 287 HOH A O   1 
HETATM 1194 O O   . HOH C 3 .   ? -13.644 -10.996 3.039   1.00   59.71  ? 288 HOH A O   1 
HETATM 1195 O O   . HOH C 3 .   ? -16.165 -3.994  -2.681  1.00   53.48  ? 289 HOH A O   1 
HETATM 1196 O O   . HOH C 3 .   ? 6.353   -12.390 -6.221  1.00   50.11  ? 290 HOH A O   1 
HETATM 1197 O O   . HOH C 3 .   ? -5.319  -6.877  5.736   1.00   57.83  ? 291 HOH A O   1 
# 
loop_
_pdbx_poly_seq_scheme.asym_id 
_pdbx_poly_seq_scheme.entity_id 
_pdbx_poly_seq_scheme.seq_id 
_pdbx_poly_seq_scheme.mon_id 
_pdbx_poly_seq_scheme.ndb_seq_num 
_pdbx_poly_seq_scheme.pdb_seq_num 
_pdbx_poly_seq_scheme.auth_seq_num 
_pdbx_poly_seq_scheme.pdb_mon_id 
_pdbx_poly_seq_scheme.auth_mon_id 
_pdbx_poly_seq_scheme.pdb_strand_id 
_pdbx_poly_seq_scheme.pdb_ins_code 
_pdbx_poly_seq_scheme.hetero 
A 1 1   GLU 1   106 106 GLU GLU A . n 
A 1 2   GLY 2   107 107 GLY GLY A . n 
A 1 3   PRO 3   108 108 PRO PRO A . n 
A 1 4   PRO 4   109 109 PRO PRO A . n 
A 1 5   LYS 5   110 110 LYS LYS A . n 
A 1 6   TYR 6   111 111 TYR TYR A . n 
A 1 7   THR 7   112 112 THR THR A . n 
A 1 8   LYS 8   113 113 LYS LYS A . n 
A 1 9   SER 9   114 114 SER SER A . n 
A 1 10  ILE 10  115 115 ILE ILE A . n 
A 1 11  LEU 11  116 116 LEU LEU A . n 
A 1 12  LYS 12  117 117 LYS LYS A . n 
A 1 13  LYS 13  118 118 LYS LYS A . n 
A 1 14  GLY 14  119 119 GLY GLY A . n 
A 1 15  ASP 15  120 120 ASP ASP A . n 
A 1 16  LYS 16  121 121 LYS LYS A . n 
A 1 17  THR 17  122 122 THR THR A . n 
A 1 18  ASN 18  123 123 ASN ASN A . n 
A 1 19  PHE 19  124 124 PHE PHE A . n 
A 1 20  PRO 20  125 125 PRO PRO A . n 
A 1 21  LYS 21  126 126 LYS LYS A . n 
A 1 22  LYS 22  127 127 LYS LYS A . n 
A 1 23  GLY 23  128 128 GLY GLY A . n 
A 1 24  ASP 24  129 129 ASP ASP A . n 
A 1 25  VAL 25  130 130 VAL VAL A . n 
A 1 26  VAL 26  131 131 VAL VAL A . n 
A 1 27  HIS 27  132 132 HIS HIS A . n 
A 1 28  CYS 28  133 133 CYS CYS A . n 
A 1 29  TRP 29  134 134 TRP TRP A . n 
A 1 30  TYR 30  135 135 TYR TYR A . n 
A 1 31  THR 31  136 136 THR THR A . n 
A 1 32  GLY 32  137 137 GLY GLY A . n 
A 1 33  THR 33  138 138 THR THR A . n 
A 1 34  LEU 34  139 139 LEU LEU A . n 
A 1 35  PRO 35  140 140 PRO PRO A . n 
A 1 36  ASP 36  141 141 ASP ASP A . n 
A 1 37  GLY 37  142 142 GLY GLY A . n 
A 1 38  THR 38  143 143 THR THR A . n 
A 1 39  VAL 39  144 144 VAL VAL A . n 
A 1 40  PHE 40  145 145 PHE PHE A . n 
A 1 41  ASP 41  146 146 ASP ASP A . n 
A 1 42  THR 42  147 147 THR THR A . n 
A 1 43  ASN 43  148 148 ASN ASN A . n 
A 1 44  ILE 44  149 149 ILE ILE A . n 
A 1 45  GLN 45  150 150 GLN GLN A . n 
A 1 46  THR 46  151 151 THR THR A . n 
A 1 47  SER 47  152 152 SER SER A . n 
A 1 48  SER 48  153 153 SER SER A . n 
A 1 49  LYS 49  154 154 LYS LYS A . n 
A 1 50  LYS 50  155 155 LYS LYS A . n 
A 1 51  LYS 51  156 156 LYS LYS A . n 
A 1 52  LYS 52  157 157 LYS LYS A . n 
A 1 53  ASN 53  158 158 ASN ASN A . n 
A 1 54  ALA 54  159 159 ALA ALA A . n 
A 1 55  LYS 55  160 160 LYS LYS A . n 
A 1 56  PRO 56  161 161 PRO PRO A . n 
A 1 57  LEU 57  162 162 LEU LEU A . n 
A 1 58  SER 58  163 163 SER SER A . n 
A 1 59  PHE 59  164 164 PHE PHE A . n 
A 1 60  LYS 60  165 165 LYS LYS A . n 
A 1 61  VAL 61  166 166 VAL VAL A . n 
A 1 62  GLY 62  167 167 GLY GLY A . n 
A 1 63  VAL 63  168 168 VAL VAL A . n 
A 1 64  GLY 64  169 169 GLY GLY A . n 
A 1 65  LYS 65  170 170 LYS LYS A . n 
A 1 66  VAL 66  171 171 VAL VAL A . n 
A 1 67  ILE 67  172 172 ILE ILE A . n 
A 1 68  ARG 68  173 173 ARG ARG A . n 
A 1 69  GLY 69  174 174 GLY GLY A . n 
A 1 70  TRP 70  175 175 TRP TRP A . n 
A 1 71  ASP 71  176 176 ASP ASP A . n 
A 1 72  GLU 72  177 177 GLU GLU A . n 
A 1 73  ALA 73  178 178 ALA ALA A . n 
A 1 74  LEU 74  179 179 LEU LEU A . n 
A 1 75  LEU 75  180 180 LEU LEU A . n 
A 1 76  THR 76  181 181 THR THR A . n 
A 1 77  MET 77  182 182 MET MET A . n 
A 1 78  SER 78  183 183 SER SER A . n 
A 1 79  LYS 79  184 184 LYS LYS A . n 
A 1 80  GLY 80  185 185 GLY GLY A . n 
A 1 81  GLU 81  186 186 GLU GLU A . n 
A 1 82  LYS 82  187 187 LYS LYS A . n 
A 1 83  ALA 83  188 188 ALA ALA A . n 
A 1 84  ARG 84  189 189 ARG ARG A . n 
A 1 85  LEU 85  190 190 LEU LEU A . n 
A 1 86  GLU 86  191 191 GLU GLU A . n 
A 1 87  ILE 87  192 192 ILE ILE A . n 
A 1 88  GLU 88  193 193 GLU GLU A . n 
A 1 89  PRO 89  194 194 PRO PRO A . n 
A 1 90  GLU 90  195 195 GLU GLU A . n 
A 1 91  TRP 91  196 196 TRP TRP A . n 
A 1 92  ALA 92  197 197 ALA ALA A . n 
A 1 93  TYR 93  198 198 TYR TYR A . n 
A 1 94  GLY 94  199 199 GLY GLY A . n 
A 1 95  LYS 95  200 200 LYS LYS A . n 
A 1 96  LYS 96  201 201 LYS LYS A . n 
A 1 97  GLY 97  202 202 GLY GLY A . n 
A 1 98  GLN 98  203 203 GLN GLN A . n 
A 1 99  PRO 99  204 204 PRO PRO A . n 
A 1 100 ASP 100 205 205 ASP ASP A . n 
A 1 101 ALA 101 206 206 ALA ALA A . n 
A 1 102 LYS 102 207 207 LYS LYS A . n 
A 1 103 ILE 103 208 208 ILE ILE A . n 
A 1 104 PRO 104 209 209 PRO PRO A . n 
A 1 105 PRO 105 210 210 PRO PRO A . n 
A 1 106 ASN 106 211 211 ASN ASN A . n 
A 1 107 THR 107 212 212 THR THR A . n 
A 1 108 LYS 108 213 213 LYS LYS A . n 
A 1 109 LEU 109 214 214 LEU LEU A . n 
A 1 110 ILE 110 215 215 ILE ILE A . n 
A 1 111 PHE 111 216 216 PHE PHE A . n 
A 1 112 GLU 112 217 217 GLU GLU A . n 
A 1 113 VAL 113 218 218 VAL VAL A . n 
A 1 114 GLU 114 219 219 GLU GLU A . n 
A 1 115 LEU 115 220 220 LEU LEU A . n 
A 1 116 VAL 116 221 221 VAL VAL A . n 
A 1 117 ASP 117 222 222 ASP ASP A . n 
A 1 118 ILE 118 223 223 ILE ILE A . n 
A 1 119 ASP 119 224 224 ASP ASP A . n 
# 
loop_
_pdbx_nonpoly_scheme.asym_id 
_pdbx_nonpoly_scheme.entity_id 
_pdbx_nonpoly_scheme.mon_id 
_pdbx_nonpoly_scheme.ndb_seq_num 
_pdbx_nonpoly_scheme.pdb_seq_num 
_pdbx_nonpoly_scheme.auth_seq_num 
_pdbx_nonpoly_scheme.pdb_mon_id 
_pdbx_nonpoly_scheme.auth_mon_id 
_pdbx_nonpoly_scheme.pdb_strand_id 
_pdbx_nonpoly_scheme.pdb_ins_code 
B 2 RAP 1   225 225 RAP RAP A . 
C 3 HOH 1   1   1   HOH HOH A . 
C 3 HOH 2   2   2   HOH HOH A . 
C 3 HOH 3   3   3   HOH HOH A . 
C 3 HOH 4   4   4   HOH HOH A . 
C 3 HOH 5   5   5   HOH HOH A . 
C 3 HOH 6   6   6   HOH HOH A . 
C 3 HOH 7   7   7   HOH HOH A . 
C 3 HOH 8   8   8   HOH HOH A . 
C 3 HOH 9   9   9   HOH HOH A . 
C 3 HOH 10  10  10  HOH HOH A . 
C 3 HOH 11  11  11  HOH HOH A . 
C 3 HOH 12  12  12  HOH HOH A . 
C 3 HOH 13  13  13  HOH HOH A . 
C 3 HOH 14  14  14  HOH HOH A . 
C 3 HOH 15  15  15  HOH HOH A . 
C 3 HOH 16  16  16  HOH HOH A . 
C 3 HOH 17  17  17  HOH HOH A . 
C 3 HOH 18  18  18  HOH HOH A . 
C 3 HOH 19  19  19  HOH HOH A . 
C 3 HOH 20  20  20  HOH HOH A . 
C 3 HOH 21  21  21  HOH HOH A . 
C 3 HOH 22  22  22  HOH HOH A . 
C 3 HOH 23  23  23  HOH HOH A . 
C 3 HOH 24  24  24  HOH HOH A . 
C 3 HOH 25  25  25  HOH HOH A . 
C 3 HOH 26  26  26  HOH HOH A . 
C 3 HOH 27  27  27  HOH HOH A . 
C 3 HOH 28  28  28  HOH HOH A . 
C 3 HOH 29  29  29  HOH HOH A . 
C 3 HOH 30  30  30  HOH HOH A . 
C 3 HOH 31  31  31  HOH HOH A . 
C 3 HOH 32  32  32  HOH HOH A . 
C 3 HOH 33  33  33  HOH HOH A . 
C 3 HOH 34  34  34  HOH HOH A . 
C 3 HOH 35  35  35  HOH HOH A . 
C 3 HOH 36  36  36  HOH HOH A . 
C 3 HOH 37  37  37  HOH HOH A . 
C 3 HOH 38  38  38  HOH HOH A . 
C 3 HOH 39  39  39  HOH HOH A . 
C 3 HOH 40  40  40  HOH HOH A . 
C 3 HOH 41  41  41  HOH HOH A . 
C 3 HOH 42  42  42  HOH HOH A . 
C 3 HOH 43  43  43  HOH HOH A . 
C 3 HOH 44  44  44  HOH HOH A . 
C 3 HOH 45  45  45  HOH HOH A . 
C 3 HOH 46  46  46  HOH HOH A . 
C 3 HOH 47  47  47  HOH HOH A . 
C 3 HOH 48  48  48  HOH HOH A . 
C 3 HOH 49  49  49  HOH HOH A . 
C 3 HOH 50  50  50  HOH HOH A . 
C 3 HOH 51  51  51  HOH HOH A . 
C 3 HOH 52  52  52  HOH HOH A . 
C 3 HOH 53  53  53  HOH HOH A . 
C 3 HOH 54  54  54  HOH HOH A . 
C 3 HOH 55  55  55  HOH HOH A . 
C 3 HOH 56  56  56  HOH HOH A . 
C 3 HOH 57  57  57  HOH HOH A . 
C 3 HOH 58  58  58  HOH HOH A . 
C 3 HOH 59  59  59  HOH HOH A . 
C 3 HOH 60  60  60  HOH HOH A . 
C 3 HOH 61  61  61  HOH HOH A . 
C 3 HOH 62  62  62  HOH HOH A . 
C 3 HOH 63  63  63  HOH HOH A . 
C 3 HOH 64  64  64  HOH HOH A . 
C 3 HOH 65  65  65  HOH HOH A . 
C 3 HOH 66  66  66  HOH HOH A . 
C 3 HOH 67  67  67  HOH HOH A . 
C 3 HOH 68  68  68  HOH HOH A . 
C 3 HOH 69  69  69  HOH HOH A . 
C 3 HOH 70  70  70  HOH HOH A . 
C 3 HOH 71  71  71  HOH HOH A . 
C 3 HOH 72  72  72  HOH HOH A . 
C 3 HOH 73  73  73  HOH HOH A . 
C 3 HOH 74  74  74  HOH HOH A . 
C 3 HOH 75  75  75  HOH HOH A . 
C 3 HOH 76  76  76  HOH HOH A . 
C 3 HOH 77  77  77  HOH HOH A . 
C 3 HOH 78  78  78  HOH HOH A . 
C 3 HOH 79  79  79  HOH HOH A . 
C 3 HOH 80  80  80  HOH HOH A . 
C 3 HOH 81  81  81  HOH HOH A . 
C 3 HOH 82  82  82  HOH HOH A . 
C 3 HOH 83  83  83  HOH HOH A . 
C 3 HOH 84  84  84  HOH HOH A . 
C 3 HOH 85  85  85  HOH HOH A . 
C 3 HOH 86  86  86  HOH HOH A . 
C 3 HOH 87  87  87  HOH HOH A . 
C 3 HOH 88  88  88  HOH HOH A . 
C 3 HOH 89  89  89  HOH HOH A . 
C 3 HOH 90  90  90  HOH HOH A . 
C 3 HOH 91  91  91  HOH HOH A . 
C 3 HOH 92  92  92  HOH HOH A . 
C 3 HOH 93  93  93  HOH HOH A . 
C 3 HOH 94  94  94  HOH HOH A . 
C 3 HOH 95  95  95  HOH HOH A . 
C 3 HOH 96  96  96  HOH HOH A . 
C 3 HOH 97  97  97  HOH HOH A . 
C 3 HOH 98  98  98  HOH HOH A . 
C 3 HOH 99  99  99  HOH HOH A . 
C 3 HOH 100 100 100 HOH HOH A . 
C 3 HOH 101 101 101 HOH HOH A . 
C 3 HOH 102 102 102 HOH HOH A . 
C 3 HOH 103 103 103 HOH HOH A . 
C 3 HOH 104 104 104 HOH HOH A . 
C 3 HOH 105 105 105 HOH HOH A . 
C 3 HOH 106 226 106 HOH HOH A . 
C 3 HOH 107 227 107 HOH HOH A . 
C 3 HOH 108 228 108 HOH HOH A . 
C 3 HOH 109 229 109 HOH HOH A . 
C 3 HOH 110 230 110 HOH HOH A . 
C 3 HOH 111 231 111 HOH HOH A . 
C 3 HOH 112 232 112 HOH HOH A . 
C 3 HOH 113 233 113 HOH HOH A . 
C 3 HOH 114 234 114 HOH HOH A . 
C 3 HOH 115 235 115 HOH HOH A . 
C 3 HOH 116 236 116 HOH HOH A . 
C 3 HOH 117 237 117 HOH HOH A . 
C 3 HOH 118 238 118 HOH HOH A . 
C 3 HOH 119 239 119 HOH HOH A . 
C 3 HOH 120 240 120 HOH HOH A . 
C 3 HOH 121 241 121 HOH HOH A . 
C 3 HOH 122 242 122 HOH HOH A . 
C 3 HOH 123 243 123 HOH HOH A . 
C 3 HOH 124 244 124 HOH HOH A . 
C 3 HOH 125 245 125 HOH HOH A . 
C 3 HOH 126 246 126 HOH HOH A . 
C 3 HOH 127 247 127 HOH HOH A . 
C 3 HOH 128 248 128 HOH HOH A . 
C 3 HOH 129 249 129 HOH HOH A . 
C 3 HOH 130 250 130 HOH HOH A . 
C 3 HOH 131 251 131 HOH HOH A . 
C 3 HOH 132 252 132 HOH HOH A . 
C 3 HOH 133 253 133 HOH HOH A . 
C 3 HOH 134 254 134 HOH HOH A . 
C 3 HOH 135 255 135 HOH HOH A . 
C 3 HOH 136 256 136 HOH HOH A . 
C 3 HOH 137 257 137 HOH HOH A . 
C 3 HOH 138 258 138 HOH HOH A . 
C 3 HOH 139 259 139 HOH HOH A . 
C 3 HOH 140 260 140 HOH HOH A . 
C 3 HOH 141 261 141 HOH HOH A . 
C 3 HOH 142 262 142 HOH HOH A . 
C 3 HOH 143 263 143 HOH HOH A . 
C 3 HOH 144 264 144 HOH HOH A . 
C 3 HOH 145 265 145 HOH HOH A . 
C 3 HOH 146 266 146 HOH HOH A . 
C 3 HOH 147 267 147 HOH HOH A . 
C 3 HOH 148 268 148 HOH HOH A . 
C 3 HOH 149 269 149 HOH HOH A . 
C 3 HOH 150 270 151 HOH HOH A . 
C 3 HOH 151 271 152 HOH HOH A . 
C 3 HOH 152 272 153 HOH HOH A . 
C 3 HOH 153 273 154 HOH HOH A . 
C 3 HOH 154 274 155 HOH HOH A . 
C 3 HOH 155 275 156 HOH HOH A . 
C 3 HOH 156 276 157 HOH HOH A . 
C 3 HOH 157 277 158 HOH HOH A . 
C 3 HOH 158 278 159 HOH HOH A . 
C 3 HOH 159 279 160 HOH HOH A . 
C 3 HOH 160 280 161 HOH HOH A . 
C 3 HOH 161 281 162 HOH HOH A . 
C 3 HOH 162 282 163 HOH HOH A . 
C 3 HOH 163 283 164 HOH HOH A . 
C 3 HOH 164 284 165 HOH HOH A . 
C 3 HOH 165 285 166 HOH HOH A . 
C 3 HOH 166 286 167 HOH HOH A . 
C 3 HOH 167 287 168 HOH HOH A . 
C 3 HOH 168 288 169 HOH HOH A . 
C 3 HOH 169 289 170 HOH HOH A . 
C 3 HOH 170 290 171 HOH HOH A . 
C 3 HOH 171 291 172 HOH HOH A . 
# 
_pdbx_struct_assembly.id                   1 
_pdbx_struct_assembly.details              author_and_software_defined_assembly 
_pdbx_struct_assembly.method_details       PISA 
_pdbx_struct_assembly.oligomeric_details   monomeric 
_pdbx_struct_assembly.oligomeric_count     1 
# 
_pdbx_struct_assembly_gen.assembly_id       1 
_pdbx_struct_assembly_gen.oper_expression   1 
_pdbx_struct_assembly_gen.asym_id_list      A,B,C 
# 
_pdbx_struct_oper_list.id                   1 
_pdbx_struct_oper_list.type                 'identity operation' 
_pdbx_struct_oper_list.name                 1_555 
_pdbx_struct_oper_list.symmetry_operation   x,y,z 
_pdbx_struct_oper_list.matrix[1][1]         1.0000000000 
_pdbx_struct_oper_list.matrix[1][2]         0.0000000000 
_pdbx_struct_oper_list.matrix[1][3]         0.0000000000 
_pdbx_struct_oper_list.vector[1]            0.0000000000 
_pdbx_struct_oper_list.matrix[2][1]         0.0000000000 
_pdbx_struct_oper_list.matrix[2][2]         1.0000000000 
_pdbx_struct_oper_list.matrix[2][3]         0.0000000000 
_pdbx_struct_oper_list.vector[2]            0.0000000000 
_pdbx_struct_oper_list.matrix[3][1]         0.0000000000 
_pdbx_struct_oper_list.matrix[3][2]         0.0000000000 
_pdbx_struct_oper_list.matrix[3][3]         1.0000000000 
_pdbx_struct_oper_list.vector[3]            0.0000000000 
# 
loop_
_pdbx_audit_revision_history.ordinal 
_pdbx_audit_revision_history.data_content_type 
_pdbx_audit_revision_history.major_revision 
_pdbx_audit_revision_history.minor_revision 
_pdbx_audit_revision_history.revision_date 
1 'Structure model' 1 0 2010-12-15 
2 'Structure model' 1 1 2011-07-13 
3 'Structure model' 1 2 2014-06-18 
4 'Structure model' 1 3 2014-08-20 
5 'Structure model' 1 4 2023-11-01 
# 
_pdbx_audit_revision_details.ordinal             1 
_pdbx_audit_revision_details.revision_ordinal    1 
_pdbx_audit_revision_details.data_content_type   'Structure model' 
_pdbx_audit_revision_details.provider            repository 
_pdbx_audit_revision_details.type                'Initial release' 
_pdbx_audit_revision_details.description         ? 
_pdbx_audit_revision_details.details             ? 
# 
loop_
_pdbx_audit_revision_group.ordinal 
_pdbx_audit_revision_group.revision_ordinal 
_pdbx_audit_revision_group.data_content_type 
_pdbx_audit_revision_group.group 
1 2 'Structure model' 'Version format compliance' 
2 3 'Structure model' 'Database references'       
3 4 'Structure model' 'Database references'       
4 5 'Structure model' 'Data collection'           
5 5 'Structure model' 'Database references'       
6 5 'Structure model' 'Derived calculations'      
7 5 'Structure model' 'Refinement description'    
# 
loop_
_pdbx_audit_revision_category.ordinal 
_pdbx_audit_revision_category.revision_ordinal 
_pdbx_audit_revision_category.data_content_type 
_pdbx_audit_revision_category.category 
1 5 'Structure model' chem_comp_atom                
2 5 'Structure model' chem_comp_bond                
3 5 'Structure model' database_2                    
4 5 'Structure model' pdbx_initial_refinement_model 
5 5 'Structure model' struct_site                   
# 
loop_
_pdbx_audit_revision_item.ordinal 
_pdbx_audit_revision_item.revision_ordinal 
_pdbx_audit_revision_item.data_content_type 
_pdbx_audit_revision_item.item 
1 5 'Structure model' '_database_2.pdbx_DOI'                
2 5 'Structure model' '_database_2.pdbx_database_accession' 
3 5 'Structure model' '_struct_site.pdbx_auth_asym_id'      
4 5 'Structure model' '_struct_site.pdbx_auth_comp_id'      
5 5 'Structure model' '_struct_site.pdbx_auth_seq_id'       
# 
loop_
_software.name 
_software.classification 
_software.version 
_software.citation_id 
_software.pdbx_ordinal 
DNA    'data collection' .                 ? 1 
MOLREP phasing           .                 ? 2 
PHENIX refinement        '(phenix.refine)' ? 3 
MOSFLM 'data reduction'  .                 ? 4 
SCALA  'data scaling'    .                 ? 5 
# 
loop_
_pdbx_validate_close_contact.id 
_pdbx_validate_close_contact.PDB_model_num 
_pdbx_validate_close_contact.auth_atom_id_1 
_pdbx_validate_close_contact.auth_asym_id_1 
_pdbx_validate_close_contact.auth_comp_id_1 
_pdbx_validate_close_contact.auth_seq_id_1 
_pdbx_validate_close_contact.PDB_ins_code_1 
_pdbx_validate_close_contact.label_alt_id_1 
_pdbx_validate_close_contact.auth_atom_id_2 
_pdbx_validate_close_contact.auth_asym_id_2 
_pdbx_validate_close_contact.auth_comp_id_2 
_pdbx_validate_close_contact.auth_seq_id_2 
_pdbx_validate_close_contact.PDB_ins_code_2 
_pdbx_validate_close_contact.label_alt_id_2 
_pdbx_validate_close_contact.dist 
1 1 C51 A RAP 225 ? ? O   A HOH 31  ? ? 1.90 
2 1 CG  A LYS 154 ? ? ND2 A ASN 158 ? ? 2.17 
3 1 OE1 A GLU 177 ? ? O   A HOH 65  ? ? 2.19 
# 
loop_
_pdbx_validate_torsion.id 
_pdbx_validate_torsion.PDB_model_num 
_pdbx_validate_torsion.auth_comp_id 
_pdbx_validate_torsion.auth_asym_id 
_pdbx_validate_torsion.auth_seq_id 
_pdbx_validate_torsion.PDB_ins_code 
_pdbx_validate_torsion.label_alt_id 
_pdbx_validate_torsion.phi 
_pdbx_validate_torsion.psi 
1 1 SER A 153 ? ? 77.03   -8.18   
2 1 ALA A 197 ? ? -124.33 -111.60 
# 
_pdbx_unobs_or_zero_occ_atoms.id               1 
_pdbx_unobs_or_zero_occ_atoms.PDB_model_num    1 
_pdbx_unobs_or_zero_occ_atoms.polymer_flag     Y 
_pdbx_unobs_or_zero_occ_atoms.occupancy_flag   0 
_pdbx_unobs_or_zero_occ_atoms.auth_asym_id     A 
_pdbx_unobs_or_zero_occ_atoms.auth_comp_id     GLU 
_pdbx_unobs_or_zero_occ_atoms.auth_seq_id      106 
_pdbx_unobs_or_zero_occ_atoms.PDB_ins_code     ? 
_pdbx_unobs_or_zero_occ_atoms.auth_atom_id     CD 
_pdbx_unobs_or_zero_occ_atoms.label_alt_id     ? 
_pdbx_unobs_or_zero_occ_atoms.label_asym_id    A 
_pdbx_unobs_or_zero_occ_atoms.label_comp_id    GLU 
_pdbx_unobs_or_zero_occ_atoms.label_seq_id     1 
_pdbx_unobs_or_zero_occ_atoms.label_atom_id    CD 
# 
loop_
_chem_comp_atom.comp_id 
_chem_comp_atom.atom_id 
_chem_comp_atom.type_symbol 
_chem_comp_atom.pdbx_aromatic_flag 
_chem_comp_atom.pdbx_stereo_config 
_chem_comp_atom.pdbx_ordinal 
ALA N    N N N 1   
ALA CA   C N S 2   
ALA C    C N N 3   
ALA O    O N N 4   
ALA CB   C N N 5   
ALA OXT  O N N 6   
ALA H    H N N 7   
ALA H2   H N N 8   
ALA HA   H N N 9   
ALA HB1  H N N 10  
ALA HB2  H N N 11  
ALA HB3  H N N 12  
ALA HXT  H N N 13  
ARG N    N N N 14  
ARG CA   C N S 15  
ARG C    C N N 16  
ARG O    O N N 17  
ARG CB   C N N 18  
ARG CG   C N N 19  
ARG CD   C N N 20  
ARG NE   N N N 21  
ARG CZ   C N N 22  
ARG NH1  N N N 23  
ARG NH2  N N N 24  
ARG OXT  O N N 25  
ARG H    H N N 26  
ARG H2   H N N 27  
ARG HA   H N N 28  
ARG HB2  H N N 29  
ARG HB3  H N N 30  
ARG HG2  H N N 31  
ARG HG3  H N N 32  
ARG HD2  H N N 33  
ARG HD3  H N N 34  
ARG HE   H N N 35  
ARG HH11 H N N 36  
ARG HH12 H N N 37  
ARG HH21 H N N 38  
ARG HH22 H N N 39  
ARG HXT  H N N 40  
ASN N    N N N 41  
ASN CA   C N S 42  
ASN C    C N N 43  
ASN O    O N N 44  
ASN CB   C N N 45  
ASN CG   C N N 46  
ASN OD1  O N N 47  
ASN ND2  N N N 48  
ASN OXT  O N N 49  
ASN H    H N N 50  
ASN H2   H N N 51  
ASN HA   H N N 52  
ASN HB2  H N N 53  
ASN HB3  H N N 54  
ASN HD21 H N N 55  
ASN HD22 H N N 56  
ASN HXT  H N N 57  
ASP N    N N N 58  
ASP CA   C N S 59  
ASP C    C N N 60  
ASP O    O N N 61  
ASP CB   C N N 62  
ASP CG   C N N 63  
ASP OD1  O N N 64  
ASP OD2  O N N 65  
ASP OXT  O N N 66  
ASP H    H N N 67  
ASP H2   H N N 68  
ASP HA   H N N 69  
ASP HB2  H N N 70  
ASP HB3  H N N 71  
ASP HD2  H N N 72  
ASP HXT  H N N 73  
CYS N    N N N 74  
CYS CA   C N R 75  
CYS C    C N N 76  
CYS O    O N N 77  
CYS CB   C N N 78  
CYS SG   S N N 79  
CYS OXT  O N N 80  
CYS H    H N N 81  
CYS H2   H N N 82  
CYS HA   H N N 83  
CYS HB2  H N N 84  
CYS HB3  H N N 85  
CYS HG   H N N 86  
CYS HXT  H N N 87  
GLN N    N N N 88  
GLN CA   C N S 89  
GLN C    C N N 90  
GLN O    O N N 91  
GLN CB   C N N 92  
GLN CG   C N N 93  
GLN CD   C N N 94  
GLN OE1  O N N 95  
GLN NE2  N N N 96  
GLN OXT  O N N 97  
GLN H    H N N 98  
GLN H2   H N N 99  
GLN HA   H N N 100 
GLN HB2  H N N 101 
GLN HB3  H N N 102 
GLN HG2  H N N 103 
GLN HG3  H N N 104 
GLN HE21 H N N 105 
GLN HE22 H N N 106 
GLN HXT  H N N 107 
GLU N    N N N 108 
GLU CA   C N S 109 
GLU C    C N N 110 
GLU O    O N N 111 
GLU CB   C N N 112 
GLU CG   C N N 113 
GLU CD   C N N 114 
GLU OE1  O N N 115 
GLU OE2  O N N 116 
GLU OXT  O N N 117 
GLU H    H N N 118 
GLU H2   H N N 119 
GLU HA   H N N 120 
GLU HB2  H N N 121 
GLU HB3  H N N 122 
GLU HG2  H N N 123 
GLU HG3  H N N 124 
GLU HE2  H N N 125 
GLU HXT  H N N 126 
GLY N    N N N 127 
GLY CA   C N N 128 
GLY C    C N N 129 
GLY O    O N N 130 
GLY OXT  O N N 131 
GLY H    H N N 132 
GLY H2   H N N 133 
GLY HA2  H N N 134 
GLY HA3  H N N 135 
GLY HXT  H N N 136 
HIS N    N N N 137 
HIS CA   C N S 138 
HIS C    C N N 139 
HIS O    O N N 140 
HIS CB   C N N 141 
HIS CG   C Y N 142 
HIS ND1  N Y N 143 
HIS CD2  C Y N 144 
HIS CE1  C Y N 145 
HIS NE2  N Y N 146 
HIS OXT  O N N 147 
HIS H    H N N 148 
HIS H2   H N N 149 
HIS HA   H N N 150 
HIS HB2  H N N 151 
HIS HB3  H N N 152 
HIS HD1  H N N 153 
HIS HD2  H N N 154 
HIS HE1  H N N 155 
HIS HE2  H N N 156 
HIS HXT  H N N 157 
HOH O    O N N 158 
HOH H1   H N N 159 
HOH H2   H N N 160 
ILE N    N N N 161 
ILE CA   C N S 162 
ILE C    C N N 163 
ILE O    O N N 164 
ILE CB   C N S 165 
ILE CG1  C N N 166 
ILE CG2  C N N 167 
ILE CD1  C N N 168 
ILE OXT  O N N 169 
ILE H    H N N 170 
ILE H2   H N N 171 
ILE HA   H N N 172 
ILE HB   H N N 173 
ILE HG12 H N N 174 
ILE HG13 H N N 175 
ILE HG21 H N N 176 
ILE HG22 H N N 177 
ILE HG23 H N N 178 
ILE HD11 H N N 179 
ILE HD12 H N N 180 
ILE HD13 H N N 181 
ILE HXT  H N N 182 
LEU N    N N N 183 
LEU CA   C N S 184 
LEU C    C N N 185 
LEU O    O N N 186 
LEU CB   C N N 187 
LEU CG   C N N 188 
LEU CD1  C N N 189 
LEU CD2  C N N 190 
LEU OXT  O N N 191 
LEU H    H N N 192 
LEU H2   H N N 193 
LEU HA   H N N 194 
LEU HB2  H N N 195 
LEU HB3  H N N 196 
LEU HG   H N N 197 
LEU HD11 H N N 198 
LEU HD12 H N N 199 
LEU HD13 H N N 200 
LEU HD21 H N N 201 
LEU HD22 H N N 202 
LEU HD23 H N N 203 
LEU HXT  H N N 204 
LYS N    N N N 205 
LYS CA   C N S 206 
LYS C    C N N 207 
LYS O    O N N 208 
LYS CB   C N N 209 
LYS CG   C N N 210 
LYS CD   C N N 211 
LYS CE   C N N 212 
LYS NZ   N N N 213 
LYS OXT  O N N 214 
LYS H    H N N 215 
LYS H2   H N N 216 
LYS HA   H N N 217 
LYS HB2  H N N 218 
LYS HB3  H N N 219 
LYS HG2  H N N 220 
LYS HG3  H N N 221 
LYS HD2  H N N 222 
LYS HD3  H N N 223 
LYS HE2  H N N 224 
LYS HE3  H N N 225 
LYS HZ1  H N N 226 
LYS HZ2  H N N 227 
LYS HZ3  H N N 228 
LYS HXT  H N N 229 
MET N    N N N 230 
MET CA   C N S 231 
MET C    C N N 232 
MET O    O N N 233 
MET CB   C N N 234 
MET CG   C N N 235 
MET SD   S N N 236 
MET CE   C N N 237 
MET OXT  O N N 238 
MET H    H N N 239 
MET H2   H N N 240 
MET HA   H N N 241 
MET HB2  H N N 242 
MET HB3  H N N 243 
MET HG2  H N N 244 
MET HG3  H N N 245 
MET HE1  H N N 246 
MET HE2  H N N 247 
MET HE3  H N N 248 
MET HXT  H N N 249 
PHE N    N N N 250 
PHE CA   C N S 251 
PHE C    C N N 252 
PHE O    O N N 253 
PHE CB   C N N 254 
PHE CG   C Y N 255 
PHE CD1  C Y N 256 
PHE CD2  C Y N 257 
PHE CE1  C Y N 258 
PHE CE2  C Y N 259 
PHE CZ   C Y N 260 
PHE OXT  O N N 261 
PHE H    H N N 262 
PHE H2   H N N 263 
PHE HA   H N N 264 
PHE HB2  H N N 265 
PHE HB3  H N N 266 
PHE HD1  H N N 267 
PHE HD2  H N N 268 
PHE HE1  H N N 269 
PHE HE2  H N N 270 
PHE HZ   H N N 271 
PHE HXT  H N N 272 
PRO N    N N N 273 
PRO CA   C N S 274 
PRO C    C N N 275 
PRO O    O N N 276 
PRO CB   C N N 277 
PRO CG   C N N 278 
PRO CD   C N N 279 
PRO OXT  O N N 280 
PRO H    H N N 281 
PRO HA   H N N 282 
PRO HB2  H N N 283 
PRO HB3  H N N 284 
PRO HG2  H N N 285 
PRO HG3  H N N 286 
PRO HD2  H N N 287 
PRO HD3  H N N 288 
PRO HXT  H N N 289 
RAP C1   C N N 290 
RAP O1   O N N 291 
RAP O2   O N N 292 
RAP C2   C N S 293 
RAP C3   C N N 294 
RAP C4   C N N 295 
RAP C5   C N N 296 
RAP C6   C N N 297 
RAP N7   N N N 298 
RAP C8   C N N 299 
RAP O3   O N N 300 
RAP C9   C N N 301 
RAP O4   O N N 302 
RAP C10  C N R 303 
RAP O5   O N N 304 
RAP O6   O N N 305 
RAP C11  C N R 306 
RAP C12  C N N 307 
RAP C13  C N N 308 
RAP C14  C N S 309 
RAP C15  C N N 310 
RAP C16  C N S 311 
RAP O7   O N N 312 
RAP C17  C N N 313 
RAP C18  C N N 314 
RAP C19  C N N 315 
RAP C20  C N N 316 
RAP C21  C N N 317 
RAP C22  C N N 318 
RAP C23  C N S 319 
RAP C24  C N N 320 
RAP C25  C N R 321 
RAP C26  C N N 322 
RAP O8   O N N 323 
RAP C27  C N R 324 
RAP O9   O N N 325 
RAP C28  C N R 326 
RAP O10  O N N 327 
RAP C29  C N N 328 
RAP C30  C N N 329 
RAP C31  C N R 330 
RAP C32  C N N 331 
RAP O11  O N N 332 
RAP C33  C N N 333 
RAP C34  C N S 334 
RAP C35  C N R 335 
RAP C36  C N N 336 
RAP C37  C N S 337 
RAP C38  C N N 338 
RAP C39  C N R 339 
RAP O12  O N N 340 
RAP C40  C N R 341 
RAP O13  O N N 342 
RAP C41  C N N 343 
RAP C42  C N N 344 
RAP C43  C N N 345 
RAP C44  C N N 346 
RAP C45  C N N 347 
RAP C46  C N N 348 
RAP C47  C N N 349 
RAP C48  C N N 350 
RAP C49  C N N 351 
RAP C50  C N N 352 
RAP C51  C N N 353 
RAP C52  C N N 354 
RAP H2   H N N 355 
RAP H31A H N N 356 
RAP H32  H N N 357 
RAP H41  H N N 358 
RAP H42  H N N 359 
RAP H51  H N N 360 
RAP H52  H N N 361 
RAP H61  H N N 362 
RAP H62  H N N 363 
RAP HO6  H N N 364 
RAP H11  H N N 365 
RAP H121 H N N 366 
RAP H122 H N N 367 
RAP H131 H N N 368 
RAP H132 H N N 369 
RAP H14  H N N 370 
RAP H151 H N N 371 
RAP H152 H N N 372 
RAP H16  H N N 373 
RAP H18  H N N 374 
RAP H19  H N N 375 
RAP H20  H N N 376 
RAP H21  H N N 377 
RAP H22  H N N 378 
RAP H23  H N N 379 
RAP H241 H N N 380 
RAP H242 H N N 381 
RAP H25  H N N 382 
RAP H27  H N N 383 
RAP H28  H N N 384 
RAP HO1  H N N 385 
RAP H30  H N N 386 
RAP H31  H N N 387 
RAP H331 H N N 388 
RAP H332 H N N 389 
RAP H34  H N N 390 
RAP H35  H N N 391 
RAP H361 H N N 392 
RAP H362 H N N 393 
RAP H37  H N N 394 
RAP H381 H N N 395 
RAP H382 H N N 396 
RAP H39  H N N 397 
RAP H40  H N N 398 
RAP HO3  H N N 399 
RAP H411 H N N 400 
RAP H412 H N N 401 
RAP H421 H N N 402 
RAP H422 H N N 403 
RAP H431 H N N 404 
RAP H432 H N N 405 
RAP H433 H N N 406 
RAP H441 H N N 407 
RAP H442 H N N 408 
RAP H443 H N N 409 
RAP H451 H N N 410 
RAP H452 H N N 411 
RAP H453 H N N 412 
RAP H461 H N N 413 
RAP H462 H N N 414 
RAP H463 H N N 415 
RAP H471 H N N 416 
RAP H472 H N N 417 
RAP H473 H N N 418 
RAP H481 H N N 419 
RAP H482 H N N 420 
RAP H483 H N N 421 
RAP H491 H N N 422 
RAP H492 H N N 423 
RAP H493 H N N 424 
RAP H501 H N N 425 
RAP H502 H N N 426 
RAP H503 H N N 427 
RAP H511 H N N 428 
RAP H512 H N N 429 
RAP H513 H N N 430 
RAP H521 H N N 431 
RAP H522 H N N 432 
RAP H523 H N N 433 
SER N    N N N 434 
SER CA   C N S 435 
SER C    C N N 436 
SER O    O N N 437 
SER CB   C N N 438 
SER OG   O N N 439 
SER OXT  O N N 440 
SER H    H N N 441 
SER H2   H N N 442 
SER HA   H N N 443 
SER HB2  H N N 444 
SER HB3  H N N 445 
SER HG   H N N 446 
SER HXT  H N N 447 
THR N    N N N 448 
THR CA   C N S 449 
THR C    C N N 450 
THR O    O N N 451 
THR CB   C N R 452 
THR OG1  O N N 453 
THR CG2  C N N 454 
THR OXT  O N N 455 
THR H    H N N 456 
THR H2   H N N 457 
THR HA   H N N 458 
THR HB   H N N 459 
THR HG1  H N N 460 
THR HG21 H N N 461 
THR HG22 H N N 462 
THR HG23 H N N 463 
THR HXT  H N N 464 
TRP N    N N N 465 
TRP CA   C N S 466 
TRP C    C N N 467 
TRP O    O N N 468 
TRP CB   C N N 469 
TRP CG   C Y N 470 
TRP CD1  C Y N 471 
TRP CD2  C Y N 472 
TRP NE1  N Y N 473 
TRP CE2  C Y N 474 
TRP CE3  C Y N 475 
TRP CZ2  C Y N 476 
TRP CZ3  C Y N 477 
TRP CH2  C Y N 478 
TRP OXT  O N N 479 
TRP H    H N N 480 
TRP H2   H N N 481 
TRP HA   H N N 482 
TRP HB2  H N N 483 
TRP HB3  H N N 484 
TRP HD1  H N N 485 
TRP HE1  H N N 486 
TRP HE3  H N N 487 
TRP HZ2  H N N 488 
TRP HZ3  H N N 489 
TRP HH2  H N N 490 
TRP HXT  H N N 491 
TYR N    N N N 492 
TYR CA   C N S 493 
TYR C    C N N 494 
TYR O    O N N 495 
TYR CB   C N N 496 
TYR CG   C Y N 497 
TYR CD1  C Y N 498 
TYR CD2  C Y N 499 
TYR CE1  C Y N 500 
TYR CE2  C Y N 501 
TYR CZ   C Y N 502 
TYR OH   O N N 503 
TYR OXT  O N N 504 
TYR H    H N N 505 
TYR H2   H N N 506 
TYR HA   H N N 507 
TYR HB2  H N N 508 
TYR HB3  H N N 509 
TYR HD1  H N N 510 
TYR HD2  H N N 511 
TYR HE1  H N N 512 
TYR HE2  H N N 513 
TYR HH   H N N 514 
TYR HXT  H N N 515 
VAL N    N N N 516 
VAL CA   C N S 517 
VAL C    C N N 518 
VAL O    O N N 519 
VAL CB   C N N 520 
VAL CG1  C N N 521 
VAL CG2  C N N 522 
VAL OXT  O N N 523 
VAL H    H N N 524 
VAL H2   H N N 525 
VAL HA   H N N 526 
VAL HB   H N N 527 
VAL HG11 H N N 528 
VAL HG12 H N N 529 
VAL HG13 H N N 530 
VAL HG21 H N N 531 
VAL HG22 H N N 532 
VAL HG23 H N N 533 
VAL HXT  H N N 534 
# 
loop_
_chem_comp_bond.comp_id 
_chem_comp_bond.atom_id_1 
_chem_comp_bond.atom_id_2 
_chem_comp_bond.value_order 
_chem_comp_bond.pdbx_aromatic_flag 
_chem_comp_bond.pdbx_stereo_config 
_chem_comp_bond.pdbx_ordinal 
ALA N   CA   sing N N 1   
ALA N   H    sing N N 2   
ALA N   H2   sing N N 3   
ALA CA  C    sing N N 4   
ALA CA  CB   sing N N 5   
ALA CA  HA   sing N N 6   
ALA C   O    doub N N 7   
ALA C   OXT  sing N N 8   
ALA CB  HB1  sing N N 9   
ALA CB  HB2  sing N N 10  
ALA CB  HB3  sing N N 11  
ALA OXT HXT  sing N N 12  
ARG N   CA   sing N N 13  
ARG N   H    sing N N 14  
ARG N   H2   sing N N 15  
ARG CA  C    sing N N 16  
ARG CA  CB   sing N N 17  
ARG CA  HA   sing N N 18  
ARG C   O    doub N N 19  
ARG C   OXT  sing N N 20  
ARG CB  CG   sing N N 21  
ARG CB  HB2  sing N N 22  
ARG CB  HB3  sing N N 23  
ARG CG  CD   sing N N 24  
ARG CG  HG2  sing N N 25  
ARG CG  HG3  sing N N 26  
ARG CD  NE   sing N N 27  
ARG CD  HD2  sing N N 28  
ARG CD  HD3  sing N N 29  
ARG NE  CZ   sing N N 30  
ARG NE  HE   sing N N 31  
ARG CZ  NH1  sing N N 32  
ARG CZ  NH2  doub N N 33  
ARG NH1 HH11 sing N N 34  
ARG NH1 HH12 sing N N 35  
ARG NH2 HH21 sing N N 36  
ARG NH2 HH22 sing N N 37  
ARG OXT HXT  sing N N 38  
ASN N   CA   sing N N 39  
ASN N   H    sing N N 40  
ASN N   H2   sing N N 41  
ASN CA  C    sing N N 42  
ASN CA  CB   sing N N 43  
ASN CA  HA   sing N N 44  
ASN C   O    doub N N 45  
ASN C   OXT  sing N N 46  
ASN CB  CG   sing N N 47  
ASN CB  HB2  sing N N 48  
ASN CB  HB3  sing N N 49  
ASN CG  OD1  doub N N 50  
ASN CG  ND2  sing N N 51  
ASN ND2 HD21 sing N N 52  
ASN ND2 HD22 sing N N 53  
ASN OXT HXT  sing N N 54  
ASP N   CA   sing N N 55  
ASP N   H    sing N N 56  
ASP N   H2   sing N N 57  
ASP CA  C    sing N N 58  
ASP CA  CB   sing N N 59  
ASP CA  HA   sing N N 60  
ASP C   O    doub N N 61  
ASP C   OXT  sing N N 62  
ASP CB  CG   sing N N 63  
ASP CB  HB2  sing N N 64  
ASP CB  HB3  sing N N 65  
ASP CG  OD1  doub N N 66  
ASP CG  OD2  sing N N 67  
ASP OD2 HD2  sing N N 68  
ASP OXT HXT  sing N N 69  
CYS N   CA   sing N N 70  
CYS N   H    sing N N 71  
CYS N   H2   sing N N 72  
CYS CA  C    sing N N 73  
CYS CA  CB   sing N N 74  
CYS CA  HA   sing N N 75  
CYS C   O    doub N N 76  
CYS C   OXT  sing N N 77  
CYS CB  SG   sing N N 78  
CYS CB  HB2  sing N N 79  
CYS CB  HB3  sing N N 80  
CYS SG  HG   sing N N 81  
CYS OXT HXT  sing N N 82  
GLN N   CA   sing N N 83  
GLN N   H    sing N N 84  
GLN N   H2   sing N N 85  
GLN CA  C    sing N N 86  
GLN CA  CB   sing N N 87  
GLN CA  HA   sing N N 88  
GLN C   O    doub N N 89  
GLN C   OXT  sing N N 90  
GLN CB  CG   sing N N 91  
GLN CB  HB2  sing N N 92  
GLN CB  HB3  sing N N 93  
GLN CG  CD   sing N N 94  
GLN CG  HG2  sing N N 95  
GLN CG  HG3  sing N N 96  
GLN CD  OE1  doub N N 97  
GLN CD  NE2  sing N N 98  
GLN NE2 HE21 sing N N 99  
GLN NE2 HE22 sing N N 100 
GLN OXT HXT  sing N N 101 
GLU N   CA   sing N N 102 
GLU N   H    sing N N 103 
GLU N   H2   sing N N 104 
GLU CA  C    sing N N 105 
GLU CA  CB   sing N N 106 
GLU CA  HA   sing N N 107 
GLU C   O    doub N N 108 
GLU C   OXT  sing N N 109 
GLU CB  CG   sing N N 110 
GLU CB  HB2  sing N N 111 
GLU CB  HB3  sing N N 112 
GLU CG  CD   sing N N 113 
GLU CG  HG2  sing N N 114 
GLU CG  HG3  sing N N 115 
GLU CD  OE1  doub N N 116 
GLU CD  OE2  sing N N 117 
GLU OE2 HE2  sing N N 118 
GLU OXT HXT  sing N N 119 
GLY N   CA   sing N N 120 
GLY N   H    sing N N 121 
GLY N   H2   sing N N 122 
GLY CA  C    sing N N 123 
GLY CA  HA2  sing N N 124 
GLY CA  HA3  sing N N 125 
GLY C   O    doub N N 126 
GLY C   OXT  sing N N 127 
GLY OXT HXT  sing N N 128 
HIS N   CA   sing N N 129 
HIS N   H    sing N N 130 
HIS N   H2   sing N N 131 
HIS CA  C    sing N N 132 
HIS CA  CB   sing N N 133 
HIS CA  HA   sing N N 134 
HIS C   O    doub N N 135 
HIS C   OXT  sing N N 136 
HIS CB  CG   sing N N 137 
HIS CB  HB2  sing N N 138 
HIS CB  HB3  sing N N 139 
HIS CG  ND1  sing Y N 140 
HIS CG  CD2  doub Y N 141 
HIS ND1 CE1  doub Y N 142 
HIS ND1 HD1  sing N N 143 
HIS CD2 NE2  sing Y N 144 
HIS CD2 HD2  sing N N 145 
HIS CE1 NE2  sing Y N 146 
HIS CE1 HE1  sing N N 147 
HIS NE2 HE2  sing N N 148 
HIS OXT HXT  sing N N 149 
HOH O   H1   sing N N 150 
HOH O   H2   sing N N 151 
ILE N   CA   sing N N 152 
ILE N   H    sing N N 153 
ILE N   H2   sing N N 154 
ILE CA  C    sing N N 155 
ILE CA  CB   sing N N 156 
ILE CA  HA   sing N N 157 
ILE C   O    doub N N 158 
ILE C   OXT  sing N N 159 
ILE CB  CG1  sing N N 160 
ILE CB  CG2  sing N N 161 
ILE CB  HB   sing N N 162 
ILE CG1 CD1  sing N N 163 
ILE CG1 HG12 sing N N 164 
ILE CG1 HG13 sing N N 165 
ILE CG2 HG21 sing N N 166 
ILE CG2 HG22 sing N N 167 
ILE CG2 HG23 sing N N 168 
ILE CD1 HD11 sing N N 169 
ILE CD1 HD12 sing N N 170 
ILE CD1 HD13 sing N N 171 
ILE OXT HXT  sing N N 172 
LEU N   CA   sing N N 173 
LEU N   H    sing N N 174 
LEU N   H2   sing N N 175 
LEU CA  C    sing N N 176 
LEU CA  CB   sing N N 177 
LEU CA  HA   sing N N 178 
LEU C   O    doub N N 179 
LEU C   OXT  sing N N 180 
LEU CB  CG   sing N N 181 
LEU CB  HB2  sing N N 182 
LEU CB  HB3  sing N N 183 
LEU CG  CD1  sing N N 184 
LEU CG  CD2  sing N N 185 
LEU CG  HG   sing N N 186 
LEU CD1 HD11 sing N N 187 
LEU CD1 HD12 sing N N 188 
LEU CD1 HD13 sing N N 189 
LEU CD2 HD21 sing N N 190 
LEU CD2 HD22 sing N N 191 
LEU CD2 HD23 sing N N 192 
LEU OXT HXT  sing N N 193 
LYS N   CA   sing N N 194 
LYS N   H    sing N N 195 
LYS N   H2   sing N N 196 
LYS CA  C    sing N N 197 
LYS CA  CB   sing N N 198 
LYS CA  HA   sing N N 199 
LYS C   O    doub N N 200 
LYS C   OXT  sing N N 201 
LYS CB  CG   sing N N 202 
LYS CB  HB2  sing N N 203 
LYS CB  HB3  sing N N 204 
LYS CG  CD   sing N N 205 
LYS CG  HG2  sing N N 206 
LYS CG  HG3  sing N N 207 
LYS CD  CE   sing N N 208 
LYS CD  HD2  sing N N 209 
LYS CD  HD3  sing N N 210 
LYS CE  NZ   sing N N 211 
LYS CE  HE2  sing N N 212 
LYS CE  HE3  sing N N 213 
LYS NZ  HZ1  sing N N 214 
LYS NZ  HZ2  sing N N 215 
LYS NZ  HZ3  sing N N 216 
LYS OXT HXT  sing N N 217 
MET N   CA   sing N N 218 
MET N   H    sing N N 219 
MET N   H2   sing N N 220 
MET CA  C    sing N N 221 
MET CA  CB   sing N N 222 
MET CA  HA   sing N N 223 
MET C   O    doub N N 224 
MET C   OXT  sing N N 225 
MET CB  CG   sing N N 226 
MET CB  HB2  sing N N 227 
MET CB  HB3  sing N N 228 
MET CG  SD   sing N N 229 
MET CG  HG2  sing N N 230 
MET CG  HG3  sing N N 231 
MET SD  CE   sing N N 232 
MET CE  HE1  sing N N 233 
MET CE  HE2  sing N N 234 
MET CE  HE3  sing N N 235 
MET OXT HXT  sing N N 236 
PHE N   CA   sing N N 237 
PHE N   H    sing N N 238 
PHE N   H2   sing N N 239 
PHE CA  C    sing N N 240 
PHE CA  CB   sing N N 241 
PHE CA  HA   sing N N 242 
PHE C   O    doub N N 243 
PHE C   OXT  sing N N 244 
PHE CB  CG   sing N N 245 
PHE CB  HB2  sing N N 246 
PHE CB  HB3  sing N N 247 
PHE CG  CD1  doub Y N 248 
PHE CG  CD2  sing Y N 249 
PHE CD1 CE1  sing Y N 250 
PHE CD1 HD1  sing N N 251 
PHE CD2 CE2  doub Y N 252 
PHE CD2 HD2  sing N N 253 
PHE CE1 CZ   doub Y N 254 
PHE CE1 HE1  sing N N 255 
PHE CE2 CZ   sing Y N 256 
PHE CE2 HE2  sing N N 257 
PHE CZ  HZ   sing N N 258 
PHE OXT HXT  sing N N 259 
PRO N   CA   sing N N 260 
PRO N   CD   sing N N 261 
PRO N   H    sing N N 262 
PRO CA  C    sing N N 263 
PRO CA  CB   sing N N 264 
PRO CA  HA   sing N N 265 
PRO C   O    doub N N 266 
PRO C   OXT  sing N N 267 
PRO CB  CG   sing N N 268 
PRO CB  HB2  sing N N 269 
PRO CB  HB3  sing N N 270 
PRO CG  CD   sing N N 271 
PRO CG  HG2  sing N N 272 
PRO CG  HG3  sing N N 273 
PRO CD  HD2  sing N N 274 
PRO CD  HD3  sing N N 275 
PRO OXT HXT  sing N N 276 
RAP C1  O1   sing N N 277 
RAP C1  O2   doub N N 278 
RAP C1  C2   sing N N 279 
RAP O1  C34  sing N N 280 
RAP C2  C3   sing N N 281 
RAP C2  N7   sing N N 282 
RAP C2  H2   sing N N 283 
RAP C3  C4   sing N N 284 
RAP C3  H31A sing N N 285 
RAP C3  H32  sing N N 286 
RAP C4  C5   sing N N 287 
RAP C4  H41  sing N N 288 
RAP C4  H42  sing N N 289 
RAP C5  C6   sing N N 290 
RAP C5  H51  sing N N 291 
RAP C5  H52  sing N N 292 
RAP C6  N7   sing N N 293 
RAP C6  H61  sing N N 294 
RAP C6  H62  sing N N 295 
RAP N7  C8   sing N N 296 
RAP C8  O3   doub N N 297 
RAP C8  C9   sing N N 298 
RAP C9  O4   doub N N 299 
RAP C9  C10  sing N N 300 
RAP C10 O5   sing N N 301 
RAP C10 O6   sing N N 302 
RAP C10 C11  sing N N 303 
RAP O5  C14  sing N N 304 
RAP O6  HO6  sing N N 305 
RAP C11 C12  sing N N 306 
RAP C11 C43  sing N N 307 
RAP C11 H11  sing N N 308 
RAP C12 C13  sing N N 309 
RAP C12 H121 sing N N 310 
RAP C12 H122 sing N N 311 
RAP C13 C14  sing N N 312 
RAP C13 H131 sing N N 313 
RAP C13 H132 sing N N 314 
RAP C14 C15  sing N N 315 
RAP C14 H14  sing N N 316 
RAP C15 C16  sing N N 317 
RAP C15 H151 sing N N 318 
RAP C15 H152 sing N N 319 
RAP C16 O7   sing N N 320 
RAP C16 C17  sing N N 321 
RAP C16 H16  sing N N 322 
RAP O7  C50  sing N N 323 
RAP C17 C18  doub N E 324 
RAP C17 C44  sing N N 325 
RAP C18 C19  sing N N 326 
RAP C18 H18  sing N N 327 
RAP C19 C20  doub N E 328 
RAP C19 H19  sing N N 329 
RAP C20 C21  sing N N 330 
RAP C20 H20  sing N N 331 
RAP C21 C22  doub N E 332 
RAP C21 H21  sing N N 333 
RAP C22 C23  sing N N 334 
RAP C22 H22  sing N N 335 
RAP C23 C24  sing N N 336 
RAP C23 C45  sing N N 337 
RAP C23 H23  sing N N 338 
RAP C24 C25  sing N N 339 
RAP C24 H241 sing N N 340 
RAP C24 H242 sing N N 341 
RAP C25 C26  sing N N 342 
RAP C25 C46  sing N N 343 
RAP C25 H25  sing N N 344 
RAP C26 O8   doub N N 345 
RAP C26 C27  sing N N 346 
RAP C27 O9   sing N N 347 
RAP C27 C28  sing N N 348 
RAP C27 H27  sing N N 349 
RAP O9  C51  sing N N 350 
RAP C28 O10  sing N N 351 
RAP C28 C29  sing N N 352 
RAP C28 H28  sing N N 353 
RAP O10 HO1  sing N N 354 
RAP C29 C30  doub N E 355 
RAP C29 C47  sing N N 356 
RAP C30 C31  sing N N 357 
RAP C30 H30  sing N N 358 
RAP C31 C32  sing N N 359 
RAP C31 C48  sing N N 360 
RAP C31 H31  sing N N 361 
RAP C32 O11  doub N N 362 
RAP C32 C33  sing N N 363 
RAP C33 C34  sing N N 364 
RAP C33 H331 sing N N 365 
RAP C33 H332 sing N N 366 
RAP C34 C35  sing N N 367 
RAP C34 H34  sing N N 368 
RAP C35 C36  sing N N 369 
RAP C35 C49  sing N N 370 
RAP C35 H35  sing N N 371 
RAP C36 C37  sing N N 372 
RAP C36 H361 sing N N 373 
RAP C36 H362 sing N N 374 
RAP C37 C38  sing N N 375 
RAP C37 C42  sing N N 376 
RAP C37 H37  sing N N 377 
RAP C38 C39  sing N N 378 
RAP C38 H381 sing N N 379 
RAP C38 H382 sing N N 380 
RAP C39 O12  sing N N 381 
RAP C39 C40  sing N N 382 
RAP C39 H39  sing N N 383 
RAP O12 C52  sing N N 384 
RAP C40 O13  sing N N 385 
RAP C40 C41  sing N N 386 
RAP C40 H40  sing N N 387 
RAP O13 HO3  sing N N 388 
RAP C41 C42  sing N N 389 
RAP C41 H411 sing N N 390 
RAP C41 H412 sing N N 391 
RAP C42 H421 sing N N 392 
RAP C42 H422 sing N N 393 
RAP C43 H431 sing N N 394 
RAP C43 H432 sing N N 395 
RAP C43 H433 sing N N 396 
RAP C44 H441 sing N N 397 
RAP C44 H442 sing N N 398 
RAP C44 H443 sing N N 399 
RAP C45 H451 sing N N 400 
RAP C45 H452 sing N N 401 
RAP C45 H453 sing N N 402 
RAP C46 H461 sing N N 403 
RAP C46 H462 sing N N 404 
RAP C46 H463 sing N N 405 
RAP C47 H471 sing N N 406 
RAP C47 H472 sing N N 407 
RAP C47 H473 sing N N 408 
RAP C48 H481 sing N N 409 
RAP C48 H482 sing N N 410 
RAP C48 H483 sing N N 411 
RAP C49 H491 sing N N 412 
RAP C49 H492 sing N N 413 
RAP C49 H493 sing N N 414 
RAP C50 H501 sing N N 415 
RAP C50 H502 sing N N 416 
RAP C50 H503 sing N N 417 
RAP C51 H511 sing N N 418 
RAP C51 H512 sing N N 419 
RAP C51 H513 sing N N 420 
RAP C52 H521 sing N N 421 
RAP C52 H522 sing N N 422 
RAP C52 H523 sing N N 423 
SER N   CA   sing N N 424 
SER N   H    sing N N 425 
SER N   H2   sing N N 426 
SER CA  C    sing N N 427 
SER CA  CB   sing N N 428 
SER CA  HA   sing N N 429 
SER C   O    doub N N 430 
SER C   OXT  sing N N 431 
SER CB  OG   sing N N 432 
SER CB  HB2  sing N N 433 
SER CB  HB3  sing N N 434 
SER OG  HG   sing N N 435 
SER OXT HXT  sing N N 436 
THR N   CA   sing N N 437 
THR N   H    sing N N 438 
THR N   H2   sing N N 439 
THR CA  C    sing N N 440 
THR CA  CB   sing N N 441 
THR CA  HA   sing N N 442 
THR C   O    doub N N 443 
THR C   OXT  sing N N 444 
THR CB  OG1  sing N N 445 
THR CB  CG2  sing N N 446 
THR CB  HB   sing N N 447 
THR OG1 HG1  sing N N 448 
THR CG2 HG21 sing N N 449 
THR CG2 HG22 sing N N 450 
THR CG2 HG23 sing N N 451 
THR OXT HXT  sing N N 452 
TRP N   CA   sing N N 453 
TRP N   H    sing N N 454 
TRP N   H2   sing N N 455 
TRP CA  C    sing N N 456 
TRP CA  CB   sing N N 457 
TRP CA  HA   sing N N 458 
TRP C   O    doub N N 459 
TRP C   OXT  sing N N 460 
TRP CB  CG   sing N N 461 
TRP CB  HB2  sing N N 462 
TRP CB  HB3  sing N N 463 
TRP CG  CD1  doub Y N 464 
TRP CG  CD2  sing Y N 465 
TRP CD1 NE1  sing Y N 466 
TRP CD1 HD1  sing N N 467 
TRP CD2 CE2  doub Y N 468 
TRP CD2 CE3  sing Y N 469 
TRP NE1 CE2  sing Y N 470 
TRP NE1 HE1  sing N N 471 
TRP CE2 CZ2  sing Y N 472 
TRP CE3 CZ3  doub Y N 473 
TRP CE3 HE3  sing N N 474 
TRP CZ2 CH2  doub Y N 475 
TRP CZ2 HZ2  sing N N 476 
TRP CZ3 CH2  sing Y N 477 
TRP CZ3 HZ3  sing N N 478 
TRP CH2 HH2  sing N N 479 
TRP OXT HXT  sing N N 480 
TYR N   CA   sing N N 481 
TYR N   H    sing N N 482 
TYR N   H2   sing N N 483 
TYR CA  C    sing N N 484 
TYR CA  CB   sing N N 485 
TYR CA  HA   sing N N 486 
TYR C   O    doub N N 487 
TYR C   OXT  sing N N 488 
TYR CB  CG   sing N N 489 
TYR CB  HB2  sing N N 490 
TYR CB  HB3  sing N N 491 
TYR CG  CD1  doub Y N 492 
TYR CG  CD2  sing Y N 493 
TYR CD1 CE1  sing Y N 494 
TYR CD1 HD1  sing N N 495 
TYR CD2 CE2  doub Y N 496 
TYR CD2 HD2  sing N N 497 
TYR CE1 CZ   doub Y N 498 
TYR CE1 HE1  sing N N 499 
TYR CE2 CZ   sing Y N 500 
TYR CE2 HE2  sing N N 501 
TYR CZ  OH   sing N N 502 
TYR OH  HH   sing N N 503 
TYR OXT HXT  sing N N 504 
VAL N   CA   sing N N 505 
VAL N   H    sing N N 506 
VAL N   H2   sing N N 507 
VAL CA  C    sing N N 508 
VAL CA  CB   sing N N 509 
VAL CA  HA   sing N N 510 
VAL C   O    doub N N 511 
VAL C   OXT  sing N N 512 
VAL CB  CG1  sing N N 513 
VAL CB  CG2  sing N N 514 
VAL CB  HB   sing N N 515 
VAL CG1 HG11 sing N N 516 
VAL CG1 HG12 sing N N 517 
VAL CG1 HG13 sing N N 518 
VAL CG2 HG21 sing N N 519 
VAL CG2 HG22 sing N N 520 
VAL CG2 HG23 sing N N 521 
VAL OXT HXT  sing N N 522 
# 
loop_
_pdbx_entity_nonpoly.entity_id 
_pdbx_entity_nonpoly.name 
_pdbx_entity_nonpoly.comp_id 
2 'RAPAMYCIN IMMUNOSUPPRESSANT DRUG' RAP 
3 water                              HOH 
# 
_pdbx_initial_refinement_model.id               1 
_pdbx_initial_refinement_model.entity_id_list   ? 
_pdbx_initial_refinement_model.type             'experimental model' 
_pdbx_initial_refinement_model.source_name      PDB 
_pdbx_initial_refinement_model.accession_code   1PBK 
_pdbx_initial_refinement_model.details          ? 
# 
